data_6OOI
#
_entry.id   6OOI
#
_cell.length_a   108.050
_cell.length_b   108.050
_cell.length_c   182.720
_cell.angle_alpha   90.000
_cell.angle_beta   90.000
_cell.angle_gamma   90.000
#
_symmetry.space_group_name_H-M   'P 43'
#
loop_
_entity.id
_entity.type
_entity.pdbx_description
1 polymer 'Triosephosphate isomerase'
2 non-polymer '2-PHOSPHOGLYCOLIC ACID'
3 non-polymer 'CHLORIDE ION'
4 non-polymer 'SODIUM ION'
5 non-polymer GLYCEROL
6 water water
#
_entity_poly.entity_id   1
_entity_poly.type   'polypeptide(L)'
_entity_poly.pdbx_seq_one_letter_code
;GPHMSGSRKFFVGGNWKMNGSRDDNDKLLKLLSEAHFDDNTEVLIAPPSVFLHEIRKSLKKEIHVAAQNCYKVSKGAFTG
EISPAMIRDIGCDWVILGHSERRNIFGESDELIAEKVQHALAEGLSVIACIGETLSERESNKTEEVCVRQLKAIANKIKS
ADEWKRVVVAYEPVWAIGTGKVATPQQAQEVHNFLRKWFKTNAPNGVDEKIRIIYGGSVTAANCKELAQQHDVDGFLVGG
ASLKPEFTEICKARQR
;
_entity_poly.pdbx_strand_id   A,B,C,D,E,F,G,H
#
# COMPACT_ATOMS: atom_id res chain seq x y z
N SER A 7 -44.41 38.20 -16.76
CA SER A 7 -43.07 37.85 -17.22
C SER A 7 -42.45 36.79 -16.30
N ARG A 8 -41.78 35.79 -16.88
CA ARG A 8 -41.21 34.71 -16.08
C ARG A 8 -40.11 35.22 -15.15
N LYS A 9 -40.19 34.84 -13.88
CA LYS A 9 -39.19 35.26 -12.92
C LYS A 9 -37.86 34.57 -13.20
N PHE A 10 -36.78 35.35 -13.21
CA PHE A 10 -35.45 34.84 -13.52
C PHE A 10 -34.98 33.92 -12.41
N PHE A 11 -34.26 32.86 -12.78
CA PHE A 11 -34.04 31.73 -11.88
C PHE A 11 -32.60 31.24 -11.98
N VAL A 12 -31.84 31.34 -10.89
CA VAL A 12 -30.45 30.92 -10.86
C VAL A 12 -30.28 29.90 -9.74
N GLY A 13 -29.97 28.65 -10.11
CA GLY A 13 -29.69 27.60 -9.16
C GLY A 13 -28.20 27.31 -9.12
N GLY A 14 -27.71 26.95 -7.93
CA GLY A 14 -26.33 26.53 -7.82
C GLY A 14 -26.20 25.07 -7.41
N ASN A 15 -25.74 24.23 -8.35
CA ASN A 15 -25.52 22.80 -8.10
C ASN A 15 -24.11 22.60 -7.53
N TRP A 16 -24.03 22.27 -6.23
CA TRP A 16 -22.71 22.10 -5.64
C TRP A 16 -22.07 20.78 -6.01
N LYS A 17 -22.84 19.84 -6.54
CA LYS A 17 -22.39 18.47 -6.84
C LYS A 17 -21.75 17.93 -5.57
N MET A 18 -20.73 17.06 -5.71
CA MET A 18 -20.10 16.42 -4.56
C MET A 18 -18.99 17.32 -4.01
N ASN A 19 -19.43 18.42 -3.42
CA ASN A 19 -18.51 19.40 -2.84
C ASN A 19 -19.19 19.97 -1.61
N GLY A 20 -18.48 20.01 -0.50
CA GLY A 20 -19.00 20.66 0.68
C GLY A 20 -18.39 20.11 1.95
N SER A 21 -18.30 20.98 2.96
CA SER A 21 -17.89 20.62 4.32
C SER A 21 -18.37 21.77 5.21
N ARG A 22 -18.35 21.56 6.52
CA ARG A 22 -18.86 22.59 7.42
C ARG A 22 -18.14 23.92 7.19
N ASP A 23 -16.80 23.87 7.11
CA ASP A 23 -16.03 25.10 6.99
C ASP A 23 -16.23 25.76 5.61
N ASP A 24 -16.23 24.96 4.54
CA ASP A 24 -16.47 25.50 3.20
C ASP A 24 -17.91 26.00 3.05
N ASN A 25 -18.88 25.23 3.55
CA ASN A 25 -20.26 25.66 3.44
C ASN A 25 -20.47 26.98 4.17
N ASP A 26 -19.91 27.10 5.37
CA ASP A 26 -20.15 28.29 6.20
C ASP A 26 -19.64 29.54 5.51
N LYS A 27 -18.45 29.46 4.89
CA LYS A 27 -17.91 30.60 4.16
C LYS A 27 -18.78 30.95 2.95
N LEU A 28 -19.20 29.94 2.18
CA LEU A 28 -20.02 30.17 1.00
C LEU A 28 -21.38 30.75 1.40
N LEU A 29 -22.03 30.18 2.40
CA LEU A 29 -23.32 30.68 2.83
C LEU A 29 -23.21 32.08 3.41
N LYS A 30 -22.09 32.41 4.05
CA LYS A 30 -21.92 33.78 4.51
C LYS A 30 -21.98 34.75 3.33
N LEU A 31 -21.22 34.46 2.26
CA LEU A 31 -21.30 35.30 1.06
C LEU A 31 -22.71 35.36 0.51
N LEU A 32 -23.43 34.23 0.51
CA LEU A 32 -24.78 34.23 -0.04
C LEU A 32 -25.71 35.10 0.79
N SER A 33 -25.63 34.98 2.11
CA SER A 33 -26.53 35.72 2.98
C SER A 33 -26.30 37.23 2.86
N GLU A 34 -25.09 37.65 2.51
CA GLU A 34 -24.78 39.06 2.47
C GLU A 34 -25.14 39.72 1.14
N ALA A 35 -25.21 38.94 0.07
CA ALA A 35 -25.65 39.46 -1.22
C ALA A 35 -27.08 40.00 -1.12
N HIS A 36 -27.43 40.89 -2.04
CA HIS A 36 -28.77 41.45 -2.11
C HIS A 36 -29.34 41.06 -3.46
N PHE A 37 -30.45 40.32 -3.44
CA PHE A 37 -31.09 39.85 -4.66
C PHE A 37 -32.43 40.54 -4.82
N ASP A 38 -32.68 41.09 -6.00
CA ASP A 38 -33.93 41.80 -6.20
C ASP A 38 -35.10 40.81 -6.18
N ASP A 39 -36.30 41.37 -6.04
CA ASP A 39 -37.49 40.54 -6.12
C ASP A 39 -37.61 39.86 -7.47
N ASN A 40 -36.95 40.39 -8.49
CA ASN A 40 -37.05 39.83 -9.84
C ASN A 40 -36.19 38.58 -10.05
N THR A 41 -35.46 38.10 -9.04
CA THR A 41 -34.56 36.97 -9.20
C THR A 41 -34.84 35.90 -8.15
N GLU A 42 -35.02 34.66 -8.60
CA GLU A 42 -35.27 33.50 -7.75
C GLU A 42 -33.98 32.68 -7.65
N VAL A 43 -33.58 32.32 -6.43
CA VAL A 43 -32.24 31.82 -6.17
C VAL A 43 -32.30 30.49 -5.42
N LEU A 44 -31.52 29.51 -5.86
CA LEU A 44 -31.54 28.17 -5.31
C LEU A 44 -30.12 27.67 -5.18
N ILE A 45 -29.81 27.00 -4.07
CA ILE A 45 -28.58 26.21 -3.96
C ILE A 45 -28.95 24.76 -3.70
N ALA A 46 -28.09 23.84 -4.17
CA ALA A 46 -28.26 22.39 -3.96
C ALA A 46 -27.00 21.77 -3.36
N PRO A 47 -26.94 21.65 -2.04
CA PRO A 47 -25.76 21.06 -1.40
C PRO A 47 -25.85 19.54 -1.37
N PRO A 48 -24.76 18.85 -1.03
CA PRO A 48 -24.84 17.39 -0.85
C PRO A 48 -25.86 17.04 0.23
N SER A 49 -26.34 15.78 0.18
CA SER A 49 -27.52 15.39 0.97
C SER A 49 -27.25 15.52 2.46
N VAL A 50 -26.02 15.22 2.90
CA VAL A 50 -25.68 15.23 4.33
C VAL A 50 -25.76 16.64 4.93
N PHE A 51 -25.71 17.69 4.11
CA PHE A 51 -25.73 19.07 4.60
C PHE A 51 -27.07 19.77 4.45
N LEU A 52 -28.06 19.13 3.80
CA LEU A 52 -29.32 19.81 3.47
C LEU A 52 -30.01 20.37 4.72
N HIS A 53 -30.23 19.53 5.74
CA HIS A 53 -31.04 19.93 6.89
C HIS A 53 -30.43 21.14 7.61
N GLU A 54 -29.13 21.09 7.91
CA GLU A 54 -28.52 22.18 8.64
C GLU A 54 -28.42 23.45 7.81
N ILE A 55 -28.18 23.33 6.51
CA ILE A 55 -28.12 24.51 5.67
C ILE A 55 -29.51 25.14 5.55
N ARG A 56 -30.56 24.32 5.48
CA ARG A 56 -31.90 24.90 5.36
C ARG A 56 -32.29 25.63 6.64
N LYS A 57 -31.87 25.11 7.80
CA LYS A 57 -32.19 25.77 9.07
C LYS A 57 -31.57 27.15 9.13
N SER A 58 -30.29 27.25 8.77
CA SER A 58 -29.60 28.51 9.00
C SER A 58 -29.83 29.52 7.88
N LEU A 59 -30.10 29.08 6.65
CA LEU A 59 -30.16 30.00 5.53
C LEU A 59 -31.54 30.65 5.42
N LYS A 60 -31.55 31.93 5.07
CA LYS A 60 -32.79 32.68 4.90
C LYS A 60 -33.71 31.99 3.89
N LYS A 61 -35.02 32.06 4.14
CA LYS A 61 -36.01 31.31 3.37
C LYS A 61 -36.21 31.85 1.96
N GLU A 62 -35.73 33.06 1.65
CA GLU A 62 -35.82 33.55 0.28
C GLU A 62 -34.94 32.76 -0.68
N ILE A 63 -34.00 31.98 -0.16
CA ILE A 63 -33.13 31.15 -0.98
C ILE A 63 -33.57 29.70 -0.83
N HIS A 64 -33.82 29.04 -1.96
CA HIS A 64 -34.21 27.64 -1.95
C HIS A 64 -33.03 26.73 -1.59
N VAL A 65 -33.33 25.60 -0.97
CA VAL A 65 -32.32 24.58 -0.68
C VAL A 65 -32.84 23.27 -1.24
N ALA A 66 -32.16 22.75 -2.27
CA ALA A 66 -32.59 21.59 -3.03
C ALA A 66 -31.69 20.40 -2.77
N ALA A 67 -32.29 19.22 -2.71
CA ALA A 67 -31.55 17.98 -2.85
C ALA A 67 -31.11 17.79 -4.30
N GLN A 68 -29.98 17.13 -4.47
CA GLN A 68 -29.39 16.93 -5.79
C GLN A 68 -29.97 15.74 -6.52
N ASN A 69 -30.76 14.93 -5.81
CA ASN A 69 -31.35 13.69 -6.30
C ASN A 69 -32.26 13.15 -5.21
N CYS A 70 -33.24 12.35 -5.61
CA CYS A 70 -34.07 11.60 -4.69
C CYS A 70 -34.63 10.42 -5.45
N TYR A 71 -35.31 9.53 -4.74
CA TYR A 71 -35.88 8.36 -5.34
C TYR A 71 -37.38 8.55 -5.51
N LYS A 72 -38.08 7.50 -5.93
CA LYS A 72 -39.40 7.61 -6.53
C LYS A 72 -40.53 7.03 -5.69
N VAL A 73 -40.29 6.74 -4.41
CA VAL A 73 -41.31 6.23 -3.49
C VAL A 73 -40.94 6.75 -2.09
N SER A 74 -41.92 6.79 -1.19
CA SER A 74 -41.71 7.53 0.07
C SER A 74 -40.76 6.83 1.04
N LYS A 75 -40.69 5.50 0.99
CA LYS A 75 -39.87 4.68 1.87
C LYS A 75 -39.74 3.32 1.21
N GLY A 76 -38.68 2.58 1.55
CA GLY A 76 -38.57 1.22 1.07
C GLY A 76 -37.16 0.66 1.16
N ALA A 77 -37.03 -0.53 0.56
CA ALA A 77 -35.77 -1.29 0.56
C ALA A 77 -34.85 -0.75 -0.54
N PHE A 78 -34.40 0.49 -0.35
CA PHE A 78 -33.48 1.15 -1.27
C PHE A 78 -32.34 1.78 -0.45
N THR A 79 -31.44 0.92 0.03
CA THR A 79 -30.26 1.39 0.76
C THR A 79 -29.54 2.44 -0.07
N GLY A 80 -29.27 3.60 0.55
CA GLY A 80 -28.53 4.66 -0.10
C GLY A 80 -29.38 5.79 -0.66
N GLU A 81 -30.70 5.62 -0.74
CA GLU A 81 -31.59 6.57 -1.39
C GLU A 81 -32.33 7.41 -0.34
N ILE A 82 -32.75 8.60 -0.75
CA ILE A 82 -33.63 9.44 0.06
C ILE A 82 -34.89 9.76 -0.73
N SER A 83 -35.95 10.16 -0.01
CA SER A 83 -37.28 10.30 -0.58
C SER A 83 -37.75 11.74 -0.50
N PRO A 84 -38.68 12.14 -1.36
CA PRO A 84 -39.29 13.47 -1.21
C PRO A 84 -39.90 13.71 0.16
N ALA A 85 -40.53 12.71 0.78
CA ALA A 85 -41.01 12.88 2.14
C ALA A 85 -39.85 13.21 3.09
N MET A 86 -38.71 12.57 2.90
CA MET A 86 -37.55 12.90 3.73
C MET A 86 -37.06 14.32 3.48
N ILE A 87 -37.09 14.75 2.22
CA ILE A 87 -36.70 16.12 1.88
C ILE A 87 -37.65 17.13 2.49
N ARG A 88 -38.96 16.85 2.46
CA ARG A 88 -39.91 17.73 3.15
C ARG A 88 -39.71 17.68 4.66
N ASP A 89 -39.37 16.52 5.21
CA ASP A 89 -39.25 16.39 6.66
C ASP A 89 -38.16 17.29 7.22
N ILE A 90 -37.11 17.56 6.43
CA ILE A 90 -36.01 18.39 6.89
C ILE A 90 -36.25 19.84 6.50
N GLY A 91 -37.44 20.14 5.98
CA GLY A 91 -37.83 21.50 5.68
C GLY A 91 -37.41 22.05 4.33
N CYS A 92 -36.99 21.21 3.39
CA CYS A 92 -36.61 21.64 2.05
C CYS A 92 -37.77 21.41 1.08
N ASP A 93 -37.76 22.19 -0.01
N ASP A 93 -37.75 22.18 -0.01
CA ASP A 93 -38.89 22.23 -0.91
CA ASP A 93 -38.89 22.23 -0.91
C ASP A 93 -38.54 21.92 -2.35
C ASP A 93 -38.52 22.01 -2.36
N TRP A 94 -37.28 21.65 -2.67
CA TRP A 94 -36.83 21.51 -4.04
C TRP A 94 -35.96 20.26 -4.23
N VAL A 95 -35.87 19.78 -5.47
CA VAL A 95 -34.96 18.70 -5.83
C VAL A 95 -34.56 18.85 -7.29
N ILE A 96 -33.29 18.56 -7.58
CA ILE A 96 -32.80 18.41 -8.96
C ILE A 96 -32.93 16.94 -9.34
N LEU A 97 -33.49 16.68 -10.53
CA LEU A 97 -33.74 15.34 -11.02
C LEU A 97 -33.33 15.25 -12.49
N GLY A 98 -32.79 14.10 -12.88
CA GLY A 98 -32.34 13.91 -14.24
C GLY A 98 -31.04 14.58 -14.60
N HIS A 99 -30.23 14.99 -13.63
CA HIS A 99 -28.96 15.61 -13.99
C HIS A 99 -28.10 14.65 -14.82
N SER A 100 -27.34 15.23 -15.74
CA SER A 100 -26.62 14.42 -16.71
C SER A 100 -25.65 13.45 -16.03
N GLU A 101 -25.04 13.87 -14.92
CA GLU A 101 -24.16 12.94 -14.21
C GLU A 101 -24.94 11.73 -13.69
N ARG A 102 -26.20 11.93 -13.26
CA ARG A 102 -27.04 10.80 -12.84
C ARG A 102 -27.50 9.96 -14.04
N ARG A 103 -27.91 10.62 -15.12
CA ARG A 103 -28.30 9.90 -16.33
C ARG A 103 -27.14 9.10 -16.90
N ASN A 104 -25.95 9.70 -16.96
CA ASN A 104 -24.85 9.13 -17.74
C ASN A 104 -23.93 8.24 -16.90
N ILE A 105 -23.36 8.80 -15.82
CA ILE A 105 -22.43 8.03 -14.99
C ILE A 105 -23.17 6.98 -14.15
N PHE A 106 -24.40 7.25 -13.75
CA PHE A 106 -25.12 6.32 -12.88
C PHE A 106 -26.28 5.63 -13.57
N GLY A 107 -26.42 5.84 -14.89
CA GLY A 107 -27.29 5.02 -15.70
C GLY A 107 -28.79 5.23 -15.51
N GLU A 108 -29.22 6.31 -14.88
CA GLU A 108 -30.65 6.50 -14.65
C GLU A 108 -31.36 6.72 -15.98
N SER A 109 -32.42 5.95 -16.22
CA SER A 109 -33.15 5.99 -17.50
C SER A 109 -34.13 7.18 -17.57
N ASP A 110 -34.60 7.45 -18.79
CA ASP A 110 -35.60 8.50 -18.99
C ASP A 110 -36.85 8.23 -18.16
N GLU A 111 -37.30 6.96 -18.14
CA GLU A 111 -38.49 6.61 -17.39
C GLU A 111 -38.27 6.76 -15.89
N LEU A 112 -37.08 6.39 -15.39
CA LEU A 112 -36.78 6.60 -13.98
C LEU A 112 -36.83 8.07 -13.62
N ILE A 113 -36.29 8.95 -14.48
CA ILE A 113 -36.36 10.37 -14.19
C ILE A 113 -37.81 10.83 -14.15
N ALA A 114 -38.60 10.39 -15.14
CA ALA A 114 -40.01 10.73 -15.19
C ALA A 114 -40.72 10.26 -13.93
N GLU A 115 -40.45 9.03 -13.49
CA GLU A 115 -41.05 8.53 -12.26
C GLU A 115 -40.67 9.37 -11.06
N LYS A 116 -39.39 9.75 -10.96
CA LYS A 116 -38.92 10.55 -9.84
C LYS A 116 -39.61 11.91 -9.82
N VAL A 117 -39.71 12.55 -10.99
CA VAL A 117 -40.31 13.87 -11.08
C VAL A 117 -41.79 13.81 -10.65
N GLN A 118 -42.52 12.81 -11.15
CA GLN A 118 -43.94 12.70 -10.79
C GLN A 118 -44.11 12.47 -9.30
N HIS A 119 -43.25 11.66 -8.70
CA HIS A 119 -43.32 11.40 -7.26
C HIS A 119 -42.95 12.65 -6.46
N ALA A 120 -41.88 13.35 -6.87
CA ALA A 120 -41.53 14.58 -6.17
C ALA A 120 -42.65 15.61 -6.22
N LEU A 121 -43.25 15.82 -7.40
CA LEU A 121 -44.36 16.76 -7.52
C LEU A 121 -45.55 16.34 -6.67
N ALA A 122 -45.81 15.02 -6.58
CA ALA A 122 -46.90 14.52 -5.75
C ALA A 122 -46.67 14.82 -4.28
N GLU A 123 -45.41 14.88 -3.84
CA GLU A 123 -45.12 15.21 -2.45
C GLU A 123 -45.20 16.71 -2.14
N GLY A 124 -45.40 17.56 -3.15
CA GLY A 124 -45.41 19.00 -2.95
C GLY A 124 -44.10 19.70 -3.26
N LEU A 125 -43.08 18.98 -3.72
CA LEU A 125 -41.81 19.62 -4.07
C LEU A 125 -41.90 20.38 -5.38
N SER A 126 -40.97 21.30 -5.57
CA SER A 126 -40.65 21.80 -6.89
C SER A 126 -39.42 21.08 -7.41
N VAL A 127 -39.30 21.04 -8.74
CA VAL A 127 -38.33 20.19 -9.40
C VAL A 127 -37.59 21.01 -10.44
N ILE A 128 -36.27 20.92 -10.43
CA ILE A 128 -35.46 21.26 -11.59
C ILE A 128 -35.25 19.98 -12.39
N ALA A 129 -35.90 19.87 -13.55
CA ALA A 129 -35.78 18.68 -14.38
C ALA A 129 -34.79 18.95 -15.51
N CYS A 130 -33.72 18.14 -15.55
CA CYS A 130 -32.56 18.36 -16.41
C CYS A 130 -32.63 17.52 -17.67
N ILE A 131 -32.32 18.14 -18.81
CA ILE A 131 -32.26 17.45 -20.10
C ILE A 131 -31.05 17.95 -20.89
N GLY A 132 -30.62 17.15 -21.85
CA GLY A 132 -29.57 17.62 -22.75
C GLY A 132 -28.92 16.49 -23.49
N GLU A 133 -28.18 16.88 -24.53
CA GLU A 133 -27.60 15.98 -25.51
C GLU A 133 -26.08 15.96 -25.38
N THR A 134 -25.48 14.85 -25.79
CA THR A 134 -24.02 14.74 -25.77
C THR A 134 -23.42 15.40 -27.03
N LEU A 135 -22.09 15.52 -27.02
CA LEU A 135 -21.38 16.09 -28.17
C LEU A 135 -21.62 15.29 -29.43
N SER A 136 -21.57 13.96 -29.34
CA SER A 136 -21.79 13.13 -30.52
C SER A 136 -23.23 13.19 -31.00
N GLU A 137 -24.19 13.29 -30.07
CA GLU A 137 -25.59 13.42 -30.47
C GLU A 137 -25.80 14.72 -31.23
N ARG A 138 -25.18 15.81 -30.78
CA ARG A 138 -25.30 17.08 -31.49
C ARG A 138 -24.69 17.00 -32.89
N GLU A 139 -23.48 16.43 -32.99
CA GLU A 139 -22.80 16.35 -34.28
C GLU A 139 -23.63 15.56 -35.29
N SER A 140 -24.37 14.56 -34.82
CA SER A 140 -25.31 13.79 -35.62
C SER A 140 -26.67 14.48 -35.76
N ASN A 141 -26.76 15.76 -35.39
CA ASN A 141 -27.97 16.57 -35.49
C ASN A 141 -29.17 15.86 -34.85
N LYS A 142 -28.96 15.40 -33.62
CA LYS A 142 -30.01 14.74 -32.84
C LYS A 142 -30.39 15.55 -31.60
N THR A 143 -29.94 16.80 -31.51
CA THR A 143 -30.13 17.60 -30.31
C THR A 143 -31.59 17.64 -29.89
N GLU A 144 -32.48 18.00 -30.83
CA GLU A 144 -33.90 18.11 -30.54
C GLU A 144 -34.53 16.75 -30.28
N GLU A 145 -34.19 15.75 -31.08
CA GLU A 145 -34.69 14.40 -30.84
C GLU A 145 -34.38 13.93 -29.41
N VAL A 146 -33.15 14.15 -28.96
CA VAL A 146 -32.74 13.68 -27.63
C VAL A 146 -33.44 14.51 -26.54
N CYS A 147 -33.33 15.83 -26.61
CA CYS A 147 -34.04 16.69 -25.65
C CYS A 147 -35.52 16.36 -25.58
N VAL A 148 -36.16 16.16 -26.73
CA VAL A 148 -37.61 15.96 -26.71
C VAL A 148 -37.97 14.59 -26.17
N ARG A 149 -37.11 13.58 -26.38
CA ARG A 149 -37.35 12.28 -25.78
C ARG A 149 -37.30 12.37 -24.25
N GLN A 150 -36.28 13.04 -23.72
CA GLN A 150 -36.16 13.14 -22.27
C GLN A 150 -37.31 13.93 -21.67
N LEU A 151 -37.68 15.05 -22.31
CA LEU A 151 -38.77 15.86 -21.79
C LEU A 151 -40.11 15.14 -21.91
N LYS A 152 -40.33 14.42 -23.02
CA LYS A 152 -41.62 13.76 -23.20
C LYS A 152 -41.84 12.68 -22.15
N ALA A 153 -40.81 11.89 -21.84
CA ALA A 153 -40.97 10.88 -20.80
C ALA A 153 -41.48 11.53 -19.51
N ILE A 154 -40.94 12.70 -19.16
CA ILE A 154 -41.35 13.39 -17.93
C ILE A 154 -42.77 13.93 -18.07
N ALA A 155 -43.04 14.64 -19.18
CA ALA A 155 -44.37 15.21 -19.43
C ALA A 155 -45.46 14.14 -19.40
N ASN A 156 -45.13 12.90 -19.77
CA ASN A 156 -46.14 11.84 -19.81
C ASN A 156 -46.67 11.52 -18.42
N LYS A 157 -45.91 11.80 -17.37
CA LYS A 157 -46.31 11.57 -15.99
C LYS A 157 -46.90 12.82 -15.32
N ILE A 158 -46.95 13.95 -16.01
CA ILE A 158 -47.49 15.18 -15.43
C ILE A 158 -48.88 15.38 -16.02
N LYS A 159 -49.90 15.21 -15.19
CA LYS A 159 -51.28 15.04 -15.66
C LYS A 159 -52.10 16.33 -15.64
N SER A 160 -51.58 17.42 -15.08
CA SER A 160 -52.34 18.66 -14.97
C SER A 160 -51.42 19.84 -15.19
N ALA A 161 -52.01 20.99 -15.53
CA ALA A 161 -51.22 22.19 -15.79
C ALA A 161 -50.68 22.80 -14.48
N ASP A 162 -51.46 22.69 -13.40
CA ASP A 162 -51.00 23.12 -12.08
C ASP A 162 -49.67 22.47 -11.70
N GLU A 163 -49.49 21.20 -12.05
CA GLU A 163 -48.24 20.52 -11.71
C GLU A 163 -47.05 21.22 -12.33
N TRP A 164 -47.18 21.67 -13.59
CA TRP A 164 -46.08 22.31 -14.30
C TRP A 164 -45.63 23.62 -13.66
N LYS A 165 -46.44 24.23 -12.79
CA LYS A 165 -46.02 25.43 -12.08
C LYS A 165 -44.82 25.18 -11.18
N ARG A 166 -44.66 23.96 -10.68
CA ARG A 166 -43.53 23.66 -9.80
C ARG A 166 -42.38 22.95 -10.54
N VAL A 167 -42.28 23.14 -11.86
CA VAL A 167 -41.19 22.58 -12.65
C VAL A 167 -40.39 23.71 -13.27
N VAL A 168 -39.07 23.61 -13.16
CA VAL A 168 -38.13 24.43 -13.93
C VAL A 168 -37.35 23.46 -14.77
N VAL A 169 -37.30 23.70 -16.08
CA VAL A 169 -36.55 22.85 -16.99
C VAL A 169 -35.15 23.42 -17.15
N ALA A 170 -34.13 22.57 -16.95
CA ALA A 170 -32.74 22.97 -17.18
C ALA A 170 -32.22 22.27 -18.43
N TYR A 171 -31.86 23.05 -19.45
CA TYR A 171 -31.19 22.50 -20.61
C TYR A 171 -29.68 22.65 -20.41
N GLU A 172 -28.98 21.53 -20.33
CA GLU A 172 -27.52 21.54 -20.17
C GLU A 172 -26.94 20.59 -21.20
N PRO A 173 -26.33 21.10 -22.29
CA PRO A 173 -25.63 20.20 -23.21
C PRO A 173 -24.57 19.42 -22.45
N VAL A 174 -24.58 18.09 -22.59
CA VAL A 174 -23.62 17.30 -21.83
C VAL A 174 -22.20 17.81 -22.08
N TRP A 175 -21.89 18.18 -23.32
CA TRP A 175 -20.52 18.59 -23.64
C TRP A 175 -20.14 19.95 -23.04
N ALA A 176 -21.08 20.66 -22.43
CA ALA A 176 -20.77 21.92 -21.76
C ALA A 176 -20.59 21.77 -20.26
N ILE A 177 -20.81 20.59 -19.71
CA ILE A 177 -20.87 20.45 -18.25
C ILE A 177 -19.44 20.25 -17.74
N GLY A 178 -18.95 21.22 -16.98
CA GLY A 178 -17.65 21.14 -16.36
C GLY A 178 -16.46 21.14 -17.29
N THR A 179 -16.70 21.29 -18.58
CA THR A 179 -15.64 21.27 -19.58
C THR A 179 -15.05 22.64 -19.85
N GLY A 180 -15.68 23.71 -19.36
CA GLY A 180 -15.29 25.05 -19.72
C GLY A 180 -15.83 25.51 -21.06
N LYS A 181 -16.53 24.64 -21.79
CA LYS A 181 -16.93 24.90 -23.17
C LYS A 181 -18.44 25.21 -23.23
N VAL A 182 -18.76 26.48 -22.98
CA VAL A 182 -20.15 26.92 -22.85
C VAL A 182 -20.83 26.97 -24.21
N ALA A 183 -22.15 26.83 -24.21
CA ALA A 183 -22.90 27.08 -25.43
C ALA A 183 -22.81 28.55 -25.81
N THR A 184 -22.60 28.83 -27.10
CA THR A 184 -22.65 30.22 -27.56
C THR A 184 -24.05 30.76 -27.29
N PRO A 185 -24.19 32.08 -27.16
CA PRO A 185 -25.54 32.64 -26.96
C PRO A 185 -26.52 32.21 -28.02
N GLN A 186 -26.04 32.02 -29.26
CA GLN A 186 -26.93 31.58 -30.34
C GLN A 186 -27.29 30.11 -30.17
N GLN A 187 -26.34 29.28 -29.74
CA GLN A 187 -26.64 27.88 -29.52
C GLN A 187 -27.70 27.71 -28.44
N ALA A 188 -27.58 28.47 -27.35
CA ALA A 188 -28.51 28.33 -26.24
C ALA A 188 -29.90 28.80 -26.64
N GLN A 189 -30.01 30.01 -27.18
CA GLN A 189 -31.31 30.54 -27.58
C GLN A 189 -32.02 29.59 -28.53
N GLU A 190 -31.26 28.99 -29.46
CA GLU A 190 -31.84 28.09 -30.45
C GLU A 190 -32.44 26.85 -29.79
N VAL A 191 -31.76 26.26 -28.81
CA VAL A 191 -32.34 25.12 -28.11
C VAL A 191 -33.56 25.56 -27.30
N HIS A 192 -33.43 26.63 -26.53
CA HIS A 192 -34.53 27.01 -25.65
C HIS A 192 -35.77 27.39 -26.46
N ASN A 193 -35.57 27.94 -27.65
CA ASN A 193 -36.70 28.30 -28.49
C ASN A 193 -37.48 27.07 -28.94
N PHE A 194 -36.79 26.03 -29.42
CA PHE A 194 -37.57 24.87 -29.84
C PHE A 194 -38.12 24.11 -28.64
N LEU A 195 -37.47 24.23 -27.48
CA LEU A 195 -38.03 23.66 -26.26
C LEU A 195 -39.35 24.36 -25.91
N ARG A 196 -39.36 25.69 -25.92
CA ARG A 196 -40.61 26.39 -25.61
C ARG A 196 -41.69 26.05 -26.63
N LYS A 197 -41.33 26.02 -27.92
CA LYS A 197 -42.30 25.61 -28.93
C LYS A 197 -42.84 24.20 -28.64
N TRP A 198 -41.97 23.27 -28.21
CA TRP A 198 -42.47 21.94 -27.87
C TRP A 198 -43.54 22.02 -26.77
N PHE A 199 -43.32 22.87 -25.77
CA PHE A 199 -44.34 23.04 -24.73
C PHE A 199 -45.63 23.58 -25.33
N LYS A 200 -45.52 24.57 -26.21
CA LYS A 200 -46.73 25.16 -26.81
C LYS A 200 -47.55 24.10 -27.51
N THR A 201 -46.88 23.23 -28.27
CA THR A 201 -47.54 22.12 -28.97
C THR A 201 -48.02 21.02 -28.02
N ASN A 202 -47.25 20.66 -26.99
CA ASN A 202 -47.43 19.36 -26.36
C ASN A 202 -47.90 19.37 -24.91
N ALA A 203 -47.78 20.48 -24.20
CA ALA A 203 -48.20 20.61 -22.82
C ALA A 203 -49.49 21.44 -22.75
N PRO A 204 -50.20 21.44 -21.61
CA PRO A 204 -51.47 22.19 -21.55
C PRO A 204 -51.29 23.67 -21.85
N ASN A 205 -52.34 24.26 -22.44
CA ASN A 205 -52.35 25.66 -22.85
C ASN A 205 -51.77 26.55 -21.76
N GLY A 206 -50.91 27.47 -22.18
CA GLY A 206 -50.34 28.46 -21.29
C GLY A 206 -49.04 28.05 -20.59
N VAL A 207 -48.77 26.75 -20.49
CA VAL A 207 -47.58 26.31 -19.75
C VAL A 207 -46.33 26.85 -20.42
N ASP A 208 -46.31 26.85 -21.76
CA ASP A 208 -45.14 27.33 -22.51
C ASP A 208 -44.72 28.73 -22.10
N GLU A 209 -45.70 29.59 -21.79
CA GLU A 209 -45.41 30.98 -21.48
C GLU A 209 -44.97 31.20 -20.04
N LYS A 210 -45.30 30.25 -19.14
CA LYS A 210 -44.92 30.37 -17.73
C LYS A 210 -43.66 29.59 -17.36
N ILE A 211 -43.29 28.56 -18.10
CA ILE A 211 -42.26 27.65 -17.62
C ILE A 211 -40.89 28.26 -17.82
N ARG A 212 -40.10 28.28 -16.74
CA ARG A 212 -38.71 28.70 -16.84
C ARG A 212 -37.88 27.60 -17.48
N ILE A 213 -37.16 27.94 -18.54
CA ILE A 213 -36.17 27.08 -19.16
C ILE A 213 -34.82 27.75 -18.95
N ILE A 214 -33.99 27.15 -18.08
CA ILE A 214 -32.70 27.70 -17.69
C ILE A 214 -31.59 26.94 -18.40
N TYR A 215 -30.46 27.60 -18.59
CA TYR A 215 -29.32 27.03 -19.29
C TYR A 215 -28.28 26.62 -18.25
N GLY A 216 -27.64 25.49 -18.49
CA GLY A 216 -26.52 25.08 -17.64
C GLY A 216 -25.41 24.47 -18.47
N GLY A 217 -24.19 24.58 -17.94
CA GLY A 217 -23.02 24.04 -18.61
C GLY A 217 -21.96 25.10 -18.84
N SER A 218 -21.03 25.20 -17.89
CA SER A 218 -19.91 26.15 -17.93
C SER A 218 -20.37 27.61 -17.88
N VAL A 219 -21.48 27.90 -17.20
CA VAL A 219 -21.88 29.27 -16.93
C VAL A 219 -20.92 29.90 -15.93
N THR A 220 -20.42 31.10 -16.26
CA THR A 220 -19.62 31.88 -15.32
C THR A 220 -20.07 33.33 -15.35
N ALA A 221 -19.51 34.13 -14.45
CA ALA A 221 -19.78 35.56 -14.47
C ALA A 221 -19.27 36.20 -15.76
N ALA A 222 -18.22 35.64 -16.36
CA ALA A 222 -17.67 36.23 -17.58
C ALA A 222 -18.59 36.04 -18.78
N ASN A 223 -19.44 35.00 -18.78
CA ASN A 223 -20.33 34.76 -19.91
C ASN A 223 -21.82 34.84 -19.59
N CYS A 224 -22.19 35.09 -18.35
CA CYS A 224 -23.60 34.92 -18.03
C CYS A 224 -24.47 36.03 -18.61
N LYS A 225 -23.92 37.23 -18.82
CA LYS A 225 -24.78 38.37 -19.20
C LYS A 225 -25.31 38.24 -20.62
N GLU A 226 -24.46 37.87 -21.60
CA GLU A 226 -24.98 37.72 -22.96
C GLU A 226 -26.00 36.59 -23.03
N LEU A 227 -25.73 35.48 -22.33
CA LEU A 227 -26.70 34.37 -22.31
C LEU A 227 -28.03 34.83 -21.72
N ALA A 228 -28.00 35.68 -20.70
CA ALA A 228 -29.23 36.08 -20.04
C ALA A 228 -30.05 37.04 -20.89
N GLN A 229 -29.42 37.70 -21.86
CA GLN A 229 -30.16 38.58 -22.77
C GLN A 229 -30.88 37.79 -23.86
N GLN A 230 -30.66 36.47 -23.95
CA GLN A 230 -31.32 35.65 -24.96
C GLN A 230 -32.81 35.53 -24.66
N HIS A 231 -33.62 35.57 -25.72
CA HIS A 231 -35.07 35.74 -25.54
C HIS A 231 -35.67 34.63 -24.70
N ASP A 232 -35.27 33.38 -24.93
CA ASP A 232 -35.92 32.25 -24.28
C ASP A 232 -35.09 31.63 -23.15
N VAL A 233 -34.04 32.31 -22.71
CA VAL A 233 -33.26 31.86 -21.57
C VAL A 233 -33.82 32.53 -20.31
N ASP A 234 -34.21 31.72 -19.31
CA ASP A 234 -34.86 32.22 -18.11
C ASP A 234 -33.97 32.15 -16.86
N GLY A 235 -32.70 31.82 -17.03
CA GLY A 235 -31.82 31.70 -15.88
C GLY A 235 -30.76 30.65 -16.15
N PHE A 236 -30.19 30.13 -15.05
CA PHE A 236 -29.04 29.25 -15.15
C PHE A 236 -29.07 28.17 -14.06
N LEU A 237 -28.50 27.02 -14.42
CA LEU A 237 -28.04 26.04 -13.45
C LEU A 237 -26.53 26.13 -13.45
N VAL A 238 -25.95 26.54 -12.33
CA VAL A 238 -24.51 26.82 -12.24
C VAL A 238 -23.84 25.73 -11.41
N GLY A 239 -22.86 25.07 -12.01
CA GLY A 239 -22.10 24.05 -11.31
C GLY A 239 -20.84 24.56 -10.65
N GLY A 240 -19.70 24.42 -11.35
CA GLY A 240 -18.42 24.73 -10.72
C GLY A 240 -18.35 26.15 -10.18
N ALA A 241 -18.99 27.10 -10.87
CA ALA A 241 -18.98 28.47 -10.39
C ALA A 241 -19.87 28.69 -9.18
N SER A 242 -20.80 27.77 -8.88
CA SER A 242 -21.63 27.96 -7.70
C SER A 242 -20.85 27.79 -6.40
N LEU A 243 -19.60 27.33 -6.46
CA LEU A 243 -18.80 27.24 -5.25
C LEU A 243 -17.95 28.48 -5.01
N LYS A 244 -17.97 29.44 -5.93
CA LYS A 244 -17.11 30.60 -5.91
C LYS A 244 -17.87 31.88 -5.58
N PRO A 245 -17.18 32.93 -5.11
CA PRO A 245 -17.86 34.21 -4.85
C PRO A 245 -18.62 34.74 -6.05
N GLU A 246 -18.18 34.45 -7.28
CA GLU A 246 -18.86 35.03 -8.44
C GLU A 246 -20.28 34.53 -8.62
N PHE A 247 -20.72 33.53 -7.85
CA PHE A 247 -22.09 33.04 -8.01
C PHE A 247 -23.10 34.15 -7.78
N THR A 248 -22.86 34.99 -6.76
CA THR A 248 -23.76 36.10 -6.48
C THR A 248 -23.81 37.09 -7.64
N GLU A 249 -22.73 37.17 -8.42
CA GLU A 249 -22.72 38.00 -9.63
C GLU A 249 -23.51 37.35 -10.76
N ILE A 250 -23.44 36.01 -10.87
CA ILE A 250 -24.25 35.32 -11.87
C ILE A 250 -25.75 35.48 -11.56
N CYS A 251 -26.13 35.53 -10.28
CA CYS A 251 -27.53 35.75 -9.92
C CYS A 251 -28.03 37.11 -10.38
N LYS A 252 -27.14 38.06 -10.59
CA LYS A 252 -27.45 39.37 -11.13
C LYS A 252 -27.30 39.43 -12.65
N ALA A 253 -27.36 38.27 -13.32
CA ALA A 253 -27.06 38.20 -14.75
C ALA A 253 -27.90 39.15 -15.60
N ARG A 254 -29.15 39.37 -15.21
CA ARG A 254 -30.06 40.21 -15.99
C ARG A 254 -29.77 41.70 -15.84
N GLN A 255 -29.01 42.11 -14.82
CA GLN A 255 -28.65 43.51 -14.61
C GLN A 255 -27.54 43.92 -15.59
N ARG A 256 -27.37 45.24 -15.75
CA ARG A 256 -26.34 45.77 -16.64
C ARG A 256 -24.92 45.60 -16.04
N SER B 7 -10.11 -12.80 20.68
CA SER B 7 -11.51 -13.09 20.38
C SER B 7 -12.17 -11.86 19.74
N ARG B 8 -13.11 -12.11 18.82
CA ARG B 8 -13.72 -11.05 18.02
C ARG B 8 -14.97 -10.51 18.71
N LYS B 9 -15.05 -9.19 18.83
CA LYS B 9 -16.21 -8.53 19.44
C LYS B 9 -17.45 -8.69 18.57
N PHE B 10 -18.56 -9.08 19.21
CA PHE B 10 -19.82 -9.27 18.53
C PHE B 10 -20.33 -7.94 17.97
N PHE B 11 -20.85 -7.98 16.75
CA PHE B 11 -21.11 -6.76 15.96
C PHE B 11 -22.51 -6.84 15.39
N VAL B 12 -23.37 -5.88 15.75
CA VAL B 12 -24.76 -5.83 15.26
C VAL B 12 -25.01 -4.46 14.63
N GLY B 13 -25.34 -4.45 13.35
CA GLY B 13 -25.66 -3.21 12.64
C GLY B 13 -27.11 -3.18 12.18
N GLY B 14 -27.72 -2.01 12.29
CA GLY B 14 -29.08 -1.78 11.79
C GLY B 14 -29.11 -0.93 10.53
N ASN B 15 -29.50 -1.53 9.41
CA ASN B 15 -29.60 -0.79 8.16
C ASN B 15 -31.04 -0.32 8.01
N TRP B 16 -31.27 0.97 8.26
CA TRP B 16 -32.61 1.52 8.10
C TRP B 16 -33.08 1.57 6.65
N LYS B 17 -32.17 1.39 5.69
CA LYS B 17 -32.53 1.63 4.28
C LYS B 17 -33.19 2.99 4.13
N MET B 18 -34.18 3.09 3.23
CA MET B 18 -34.84 4.38 2.97
C MET B 18 -36.07 4.49 3.88
N ASN B 19 -35.79 4.72 5.16
CA ASN B 19 -36.82 4.85 6.18
C ASN B 19 -36.30 5.86 7.18
N GLY B 20 -37.12 6.82 7.53
CA GLY B 20 -36.69 7.81 8.48
C GLY B 20 -37.42 9.12 8.35
N SER B 21 -37.62 9.75 9.51
CA SER B 21 -38.25 11.04 9.68
C SER B 21 -37.88 11.48 11.09
N ARG B 22 -37.84 12.79 11.32
CA ARG B 22 -37.57 13.30 12.66
C ARG B 22 -38.36 12.54 13.73
N ASP B 23 -39.68 12.41 13.55
CA ASP B 23 -40.49 11.75 14.59
C ASP B 23 -40.12 10.27 14.72
N ASP B 24 -40.04 9.54 13.61
CA ASP B 24 -39.74 8.12 13.70
C ASP B 24 -38.33 7.90 14.24
N ASN B 25 -37.38 8.73 13.83
CA ASN B 25 -36.00 8.59 14.30
C ASN B 25 -35.90 8.80 15.80
N ASP B 26 -36.60 9.82 16.32
CA ASP B 26 -36.51 10.14 17.74
C ASP B 26 -36.96 8.97 18.59
N LYS B 27 -38.15 8.41 18.28
CA LYS B 27 -38.67 7.28 19.03
C LYS B 27 -37.73 6.08 18.95
N LEU B 28 -37.11 5.87 17.79
CA LEU B 28 -36.17 4.76 17.64
C LEU B 28 -34.93 4.98 18.51
N LEU B 29 -34.28 6.15 18.38
CA LEU B 29 -33.03 6.39 19.08
C LEU B 29 -33.20 6.43 20.60
N LYS B 30 -34.37 6.89 21.09
CA LYS B 30 -34.64 6.85 22.52
C LYS B 30 -34.53 5.43 23.06
N LEU B 31 -35.30 4.49 22.48
CA LEU B 31 -35.22 3.11 22.91
C LEU B 31 -33.79 2.59 22.80
N LEU B 32 -33.07 3.03 21.77
CA LEU B 32 -31.71 2.53 21.57
C LEU B 32 -30.74 3.16 22.57
N SER B 33 -30.93 4.45 22.87
CA SER B 33 -30.07 5.14 23.83
C SER B 33 -30.37 4.72 25.27
N GLU B 34 -31.52 4.14 25.53
CA GLU B 34 -31.86 3.64 26.86
C GLU B 34 -31.42 2.21 27.09
N ALA B 35 -31.22 1.42 26.04
CA ALA B 35 -30.87 0.01 26.23
C ALA B 35 -29.46 -0.12 26.80
N HIS B 36 -29.18 -1.28 27.42
CA HIS B 36 -27.88 -1.58 27.98
C HIS B 36 -27.31 -2.80 27.28
N PHE B 37 -26.14 -2.63 26.68
CA PHE B 37 -25.43 -3.72 26.01
C PHE B 37 -24.13 -3.99 26.76
N ASP B 38 -23.73 -5.26 26.79
CA ASP B 38 -22.47 -5.64 27.41
C ASP B 38 -21.31 -5.09 26.59
N ASP B 39 -20.12 -5.14 27.19
CA ASP B 39 -18.97 -4.46 26.59
C ASP B 39 -18.41 -5.18 25.37
N ASN B 40 -18.70 -6.47 25.21
CA ASN B 40 -18.24 -7.24 24.06
C ASN B 40 -19.21 -7.22 22.88
N THR B 41 -20.09 -6.22 22.80
CA THR B 41 -21.03 -6.07 21.69
C THR B 41 -20.85 -4.68 21.07
N GLU B 42 -20.58 -4.64 19.77
CA GLU B 42 -20.43 -3.39 19.03
C GLU B 42 -21.70 -3.13 18.22
N VAL B 43 -22.31 -1.97 18.42
CA VAL B 43 -23.62 -1.64 17.84
C VAL B 43 -23.49 -0.45 16.90
N LEU B 44 -24.22 -0.50 15.77
CA LEU B 44 -24.18 0.51 14.72
C LEU B 44 -25.56 0.67 14.12
N ILE B 45 -25.94 1.91 13.79
CA ILE B 45 -27.14 2.18 13.01
C ILE B 45 -26.73 2.91 11.73
N ALA B 46 -27.60 2.84 10.72
CA ALA B 46 -27.31 3.45 9.42
C ALA B 46 -28.55 4.14 8.88
N PRO B 47 -28.73 5.42 9.20
CA PRO B 47 -29.90 6.14 8.74
C PRO B 47 -29.67 6.73 7.35
N PRO B 48 -30.74 7.20 6.69
CA PRO B 48 -30.55 7.90 5.41
C PRO B 48 -29.67 9.14 5.56
N SER B 49 -29.00 9.49 4.46
CA SER B 49 -27.93 10.48 4.51
C SER B 49 -28.40 11.81 5.07
N VAL B 50 -29.66 12.21 4.82
CA VAL B 50 -30.12 13.53 5.26
C VAL B 50 -30.20 13.61 6.78
N PHE B 51 -30.28 12.47 7.48
CA PHE B 51 -30.35 12.46 8.94
C PHE B 51 -29.03 12.14 9.62
N LEU B 52 -27.97 11.82 8.86
CA LEU B 52 -26.72 11.34 9.46
C LEU B 52 -26.15 12.33 10.48
N HIS B 53 -26.02 13.60 10.09
CA HIS B 53 -25.31 14.56 10.92
C HIS B 53 -26.01 14.79 12.27
N GLU B 54 -27.31 15.12 12.25
CA GLU B 54 -28.00 15.38 13.49
C GLU B 54 -28.10 14.12 14.36
N ILE B 55 -28.23 12.95 13.74
CA ILE B 55 -28.30 11.73 14.55
C ILE B 55 -26.95 11.46 15.20
N ARG B 56 -25.86 11.69 14.46
CA ARG B 56 -24.53 11.47 15.03
C ARG B 56 -24.26 12.45 16.18
N LYS B 57 -24.76 13.69 16.07
CA LYS B 57 -24.54 14.68 17.12
C LYS B 57 -25.22 14.27 18.44
N SER B 58 -26.42 13.70 18.37
CA SER B 58 -27.24 13.47 19.56
C SER B 58 -27.06 12.08 20.17
N LEU B 59 -26.38 11.17 19.50
CA LEU B 59 -26.29 9.80 19.96
C LEU B 59 -24.95 9.55 20.64
N LYS B 60 -25.02 8.85 21.78
CA LYS B 60 -23.83 8.44 22.53
C LYS B 60 -22.78 7.87 21.59
N LYS B 61 -21.53 8.30 21.78
CA LYS B 61 -20.49 8.02 20.80
C LYS B 61 -20.27 6.52 20.61
N GLU B 62 -20.49 5.71 21.65
CA GLU B 62 -20.19 4.28 21.52
C GLU B 62 -21.03 3.61 20.45
N ILE B 63 -22.23 4.10 20.16
CA ILE B 63 -23.01 3.53 19.05
C ILE B 63 -22.55 4.20 17.76
N HIS B 64 -22.12 3.39 16.79
CA HIS B 64 -21.71 3.92 15.50
C HIS B 64 -22.90 4.40 14.68
N VAL B 65 -22.63 5.37 13.79
CA VAL B 65 -23.59 5.82 12.79
C VAL B 65 -22.92 5.76 11.42
N ALA B 66 -23.47 4.94 10.51
CA ALA B 66 -22.91 4.72 9.19
C ALA B 66 -23.78 5.35 8.11
N ALA B 67 -23.14 6.01 7.16
CA ALA B 67 -23.80 6.29 5.89
C ALA B 67 -24.15 4.98 5.21
N GLN B 68 -25.25 4.96 4.45
CA GLN B 68 -25.64 3.74 3.76
C GLN B 68 -24.96 3.56 2.40
N ASN B 69 -24.17 4.54 1.95
CA ASN B 69 -23.47 4.47 0.68
C ASN B 69 -22.60 5.71 0.57
N CYS B 70 -21.58 5.62 -0.28
CA CYS B 70 -20.76 6.78 -0.63
C CYS B 70 -20.10 6.49 -1.98
N TYR B 71 -19.39 7.48 -2.50
CA TYR B 71 -18.70 7.35 -3.78
C TYR B 71 -17.19 7.21 -3.54
N LYS B 72 -16.41 7.22 -4.62
CA LYS B 72 -15.04 6.69 -4.62
C LYS B 72 -13.96 7.74 -4.75
N VAL B 73 -14.32 9.02 -4.80
CA VAL B 73 -13.35 10.10 -4.65
C VAL B 73 -13.91 11.10 -3.64
N SER B 74 -13.07 12.06 -3.22
CA SER B 74 -13.42 12.90 -2.09
C SER B 74 -14.25 14.11 -2.46
N LYS B 75 -14.20 14.53 -3.72
CA LYS B 75 -15.03 15.62 -4.21
C LYS B 75 -15.02 15.48 -5.73
N GLY B 76 -16.01 16.07 -6.38
CA GLY B 76 -16.03 16.15 -7.82
C GLY B 76 -17.45 16.28 -8.34
N ALA B 77 -17.54 16.16 -9.66
CA ALA B 77 -18.77 16.44 -10.41
C ALA B 77 -19.61 15.17 -10.49
N PHE B 78 -20.18 14.82 -9.35
CA PHE B 78 -20.98 13.61 -9.20
C PHE B 78 -22.26 13.98 -8.44
N THR B 79 -23.13 14.70 -9.14
CA THR B 79 -24.37 15.21 -8.58
C THR B 79 -25.13 14.09 -7.89
N GLY B 80 -25.48 14.32 -6.64
CA GLY B 80 -26.24 13.36 -5.85
C GLY B 80 -25.41 12.43 -4.99
N GLU B 81 -24.08 12.44 -5.13
CA GLU B 81 -23.21 11.55 -4.38
C GLU B 81 -22.61 12.25 -3.17
N ILE B 82 -22.09 11.45 -2.24
CA ILE B 82 -21.37 11.96 -1.07
C ILE B 82 -20.09 11.16 -0.91
N SER B 83 -19.13 11.77 -0.22
CA SER B 83 -17.79 11.23 -0.15
C SER B 83 -17.44 10.81 1.27
N PRO B 84 -16.49 9.89 1.42
CA PRO B 84 -15.99 9.58 2.77
C PRO B 84 -15.58 10.83 3.55
N ALA B 85 -14.97 11.79 2.86
CA ALA B 85 -14.57 13.05 3.51
C ALA B 85 -15.78 13.78 4.08
N MET B 86 -16.90 13.80 3.36
CA MET B 86 -18.09 14.43 3.93
C MET B 86 -18.61 13.62 5.12
N ILE B 87 -18.58 12.30 5.01
CA ILE B 87 -19.08 11.48 6.10
C ILE B 87 -18.26 11.74 7.37
N ARG B 88 -16.92 11.86 7.22
CA ARG B 88 -16.08 12.16 8.36
C ARG B 88 -16.31 13.57 8.87
N ASP B 89 -16.51 14.53 7.96
CA ASP B 89 -16.77 15.92 8.35
C ASP B 89 -17.95 16.02 9.31
N ILE B 90 -19.00 15.22 9.09
CA ILE B 90 -20.18 15.32 9.96
C ILE B 90 -20.01 14.40 11.16
N GLY B 91 -18.82 13.81 11.30
CA GLY B 91 -18.51 13.07 12.50
C GLY B 91 -18.85 11.59 12.50
N CYS B 92 -19.21 11.03 11.35
CA CYS B 92 -19.46 9.60 11.23
C CYS B 92 -18.21 8.89 10.74
N ASP B 93 -18.03 7.65 11.21
CA ASP B 93 -16.83 6.88 10.90
C ASP B 93 -17.11 5.55 10.22
N TRP B 94 -18.36 5.32 9.80
CA TRP B 94 -18.71 4.06 9.14
C TRP B 94 -19.48 4.34 7.86
N VAL B 95 -19.40 3.38 6.94
CA VAL B 95 -20.20 3.40 5.71
C VAL B 95 -20.47 1.96 5.31
N ILE B 96 -21.70 1.69 4.89
CA ILE B 96 -22.03 0.41 4.27
C ILE B 96 -21.78 0.50 2.77
N LEU B 97 -21.04 -0.46 2.24
CA LEU B 97 -20.71 -0.46 0.83
C LEU B 97 -21.01 -1.83 0.23
N GLY B 98 -21.44 -1.81 -1.02
CA GLY B 98 -21.72 -3.06 -1.70
C GLY B 98 -23.02 -3.73 -1.31
N HIS B 99 -23.96 -3.02 -0.70
CA HIS B 99 -25.21 -3.68 -0.33
C HIS B 99 -25.90 -4.27 -1.55
N SER B 100 -26.60 -5.39 -1.32
CA SER B 100 -27.40 -6.05 -2.34
C SER B 100 -28.26 -5.06 -3.12
N GLU B 101 -28.87 -4.11 -2.41
CA GLU B 101 -29.73 -3.16 -3.10
C GLU B 101 -28.94 -2.25 -4.03
N ARG B 102 -27.70 -1.90 -3.68
CA ARG B 102 -26.90 -1.11 -4.61
C ARG B 102 -26.43 -1.96 -5.78
N ARG B 103 -26.10 -3.22 -5.52
CA ARG B 103 -25.62 -4.09 -6.58
C ARG B 103 -26.77 -4.46 -7.54
N ASN B 104 -27.92 -4.81 -6.99
CA ASN B 104 -28.97 -5.46 -7.78
C ASN B 104 -30.07 -4.52 -8.24
N ILE B 105 -30.19 -3.33 -7.67
CA ILE B 105 -31.12 -2.31 -8.14
C ILE B 105 -30.40 -1.20 -8.89
N PHE B 106 -29.26 -0.74 -8.37
CA PHE B 106 -28.52 0.33 -8.99
C PHE B 106 -27.32 -0.15 -9.78
N GLY B 107 -27.18 -1.46 -9.97
CA GLY B 107 -26.18 -2.00 -10.88
C GLY B 107 -24.74 -1.67 -10.55
N GLU B 108 -24.41 -1.50 -9.27
CA GLU B 108 -23.03 -1.27 -8.86
C GLU B 108 -22.24 -2.56 -9.09
N SER B 109 -21.18 -2.47 -9.90
CA SER B 109 -20.35 -3.63 -10.20
C SER B 109 -19.44 -3.96 -9.03
N ASP B 110 -18.90 -5.18 -9.04
CA ASP B 110 -17.88 -5.57 -8.07
C ASP B 110 -16.76 -4.55 -8.01
N GLU B 111 -16.29 -4.08 -9.17
CA GLU B 111 -15.13 -3.17 -9.20
C GLU B 111 -15.47 -1.81 -8.62
N LEU B 112 -16.64 -1.25 -8.96
CA LEU B 112 -17.06 0.00 -8.35
C LEU B 112 -17.13 -0.11 -6.83
N ILE B 113 -17.69 -1.22 -6.33
CA ILE B 113 -17.73 -1.46 -4.88
C ILE B 113 -16.32 -1.46 -4.31
N ALA B 114 -15.40 -2.20 -4.96
CA ALA B 114 -14.03 -2.31 -4.48
C ALA B 114 -13.33 -0.95 -4.45
N GLU B 115 -13.56 -0.11 -5.48
CA GLU B 115 -13.00 1.24 -5.49
C GLU B 115 -13.54 2.08 -4.36
N LYS B 116 -14.83 1.91 -4.03
CA LYS B 116 -15.41 2.66 -2.92
C LYS B 116 -14.78 2.24 -1.59
N VAL B 117 -14.66 0.94 -1.36
CA VAL B 117 -14.12 0.46 -0.09
C VAL B 117 -12.70 0.97 0.10
N GLN B 118 -11.87 0.82 -0.93
CA GLN B 118 -10.51 1.31 -0.89
C GLN B 118 -10.48 2.79 -0.53
N HIS B 119 -11.36 3.59 -1.14
CA HIS B 119 -11.37 5.03 -0.87
C HIS B 119 -11.85 5.34 0.55
N ALA B 120 -12.99 4.78 0.95
CA ALA B 120 -13.41 4.97 2.34
C ALA B 120 -12.33 4.53 3.31
N LEU B 121 -11.69 3.39 3.06
CA LEU B 121 -10.64 2.93 3.97
C LEU B 121 -9.47 3.91 3.98
N ALA B 122 -9.04 4.39 2.81
CA ALA B 122 -7.95 5.37 2.78
C ALA B 122 -8.32 6.65 3.51
N GLU B 123 -9.60 7.01 3.50
CA GLU B 123 -10.00 8.21 4.24
C GLU B 123 -10.12 7.97 5.75
N GLY B 124 -9.87 6.75 6.23
CA GLY B 124 -9.95 6.47 7.66
C GLY B 124 -11.30 6.00 8.17
N LEU B 125 -12.26 5.73 7.28
CA LEU B 125 -13.52 5.16 7.71
C LEU B 125 -13.37 3.66 7.98
N SER B 126 -14.31 3.13 8.73
CA SER B 126 -14.52 1.71 8.81
C SER B 126 -15.69 1.34 7.91
N VAL B 127 -15.64 0.14 7.33
CA VAL B 127 -16.51 -0.21 6.19
C VAL B 127 -17.21 -1.53 6.48
N ILE B 128 -18.54 -1.55 6.31
CA ILE B 128 -19.27 -2.81 6.21
C ILE B 128 -19.36 -3.18 4.74
N ALA B 129 -18.63 -4.22 4.33
CA ALA B 129 -18.60 -4.65 2.95
C ALA B 129 -19.55 -5.84 2.82
N CYS B 130 -20.55 -5.68 1.97
CA CYS B 130 -21.59 -6.68 1.78
C CYS B 130 -21.34 -7.52 0.54
N ILE B 131 -21.58 -8.83 0.68
CA ILE B 131 -21.50 -9.82 -0.39
C ILE B 131 -22.69 -10.76 -0.22
N GLY B 132 -22.93 -11.60 -1.21
CA GLY B 132 -23.97 -12.60 -1.11
C GLY B 132 -24.51 -12.98 -2.47
N GLU B 133 -25.11 -14.17 -2.53
CA GLU B 133 -25.52 -14.82 -3.76
C GLU B 133 -27.04 -14.80 -3.91
N THR B 134 -27.51 -14.88 -5.16
CA THR B 134 -28.95 -14.95 -5.41
C THR B 134 -29.47 -16.37 -5.18
N LEU B 135 -30.81 -16.49 -5.20
CA LEU B 135 -31.44 -17.80 -5.18
C LEU B 135 -30.96 -18.66 -6.34
N SER B 136 -30.92 -18.09 -7.54
CA SER B 136 -30.43 -18.84 -8.69
C SER B 136 -28.99 -19.30 -8.48
N GLU B 137 -28.14 -18.39 -8.01
CA GLU B 137 -26.75 -18.73 -7.75
C GLU B 137 -26.65 -19.83 -6.69
N ARG B 138 -27.42 -19.73 -5.62
CA ARG B 138 -27.41 -20.79 -4.61
C ARG B 138 -27.87 -22.12 -5.21
N GLU B 139 -28.90 -22.09 -6.05
CA GLU B 139 -29.42 -23.32 -6.62
C GLU B 139 -28.49 -23.92 -7.66
N SER B 140 -27.56 -23.14 -8.20
CA SER B 140 -26.53 -23.67 -9.07
C SER B 140 -25.25 -24.06 -8.31
N ASN B 141 -25.31 -24.11 -6.98
CA ASN B 141 -24.13 -24.34 -6.14
C ASN B 141 -23.01 -23.39 -6.54
N LYS B 142 -23.37 -22.12 -6.71
CA LYS B 142 -22.42 -21.06 -7.02
C LYS B 142 -22.17 -20.13 -5.83
N THR B 143 -22.62 -20.49 -4.63
CA THR B 143 -22.56 -19.56 -3.50
C THR B 143 -21.12 -19.12 -3.23
N GLU B 144 -20.20 -20.08 -3.09
CA GLU B 144 -18.82 -19.75 -2.73
C GLU B 144 -18.12 -19.01 -3.87
N GLU B 145 -18.33 -19.45 -5.11
CA GLU B 145 -17.74 -18.75 -6.24
C GLU B 145 -18.23 -17.29 -6.30
N VAL B 146 -19.52 -17.06 -6.09
CA VAL B 146 -20.03 -15.70 -6.13
C VAL B 146 -19.43 -14.88 -4.99
N CYS B 147 -19.46 -15.41 -3.78
CA CYS B 147 -18.94 -14.65 -2.63
C CYS B 147 -17.48 -14.30 -2.81
N VAL B 148 -16.69 -15.23 -3.36
CA VAL B 148 -15.27 -15.00 -3.53
C VAL B 148 -15.00 -13.98 -4.64
N ARG B 149 -15.74 -14.07 -5.75
CA ARG B 149 -15.61 -13.07 -6.81
C ARG B 149 -15.81 -11.66 -6.25
N GLN B 150 -16.85 -11.49 -5.43
CA GLN B 150 -17.16 -10.19 -4.85
C GLN B 150 -16.11 -9.77 -3.84
N LEU B 151 -15.71 -10.70 -2.97
CA LEU B 151 -14.71 -10.41 -1.95
C LEU B 151 -13.37 -10.12 -2.60
N LYS B 152 -13.00 -10.90 -3.62
CA LYS B 152 -11.69 -10.79 -4.24
C LYS B 152 -11.49 -9.45 -4.95
N ALA B 153 -12.56 -8.89 -5.52
CA ALA B 153 -12.42 -7.57 -6.14
C ALA B 153 -12.00 -6.54 -5.09
N ILE B 154 -12.61 -6.60 -3.90
CA ILE B 154 -12.24 -5.70 -2.81
C ILE B 154 -10.82 -5.99 -2.32
N ALA B 155 -10.51 -7.26 -2.05
CA ALA B 155 -9.21 -7.61 -1.48
C ALA B 155 -8.08 -7.14 -2.39
N ASN B 156 -8.28 -7.15 -3.71
CA ASN B 156 -7.24 -6.73 -4.63
C ASN B 156 -6.81 -5.28 -4.39
N LYS B 157 -7.74 -4.42 -3.96
CA LYS B 157 -7.41 -3.02 -3.72
C LYS B 157 -6.92 -2.75 -2.30
N ILE B 158 -7.07 -3.70 -1.38
CA ILE B 158 -6.62 -3.56 0.00
C ILE B 158 -5.24 -4.18 0.13
N LYS B 159 -4.29 -3.42 0.68
CA LYS B 159 -2.88 -3.86 0.70
C LYS B 159 -2.28 -3.94 2.10
N SER B 160 -3.09 -4.04 3.15
CA SER B 160 -2.54 -4.10 4.49
C SER B 160 -3.56 -4.68 5.46
N ALA B 161 -3.06 -5.43 6.45
CA ALA B 161 -3.90 -5.83 7.57
C ALA B 161 -4.50 -4.63 8.30
N ASP B 162 -3.81 -3.49 8.27
CA ASP B 162 -4.33 -2.31 8.94
C ASP B 162 -5.64 -1.86 8.29
N GLU B 163 -5.72 -1.90 6.96
CA GLU B 163 -6.97 -1.61 6.27
C GLU B 163 -8.03 -2.66 6.58
N TRP B 164 -7.65 -3.95 6.53
CA TRP B 164 -8.59 -5.02 6.84
C TRP B 164 -9.10 -4.91 8.27
N LYS B 165 -8.32 -4.31 9.16
CA LYS B 165 -8.77 -4.14 10.55
C LYS B 165 -10.09 -3.38 10.62
N ARG B 166 -10.30 -2.42 9.73
CA ARG B 166 -11.48 -1.56 9.75
C ARG B 166 -12.57 -2.05 8.79
N VAL B 167 -12.52 -3.31 8.35
CA VAL B 167 -13.55 -3.90 7.51
C VAL B 167 -14.33 -4.90 8.34
N VAL B 168 -15.66 -4.85 8.20
CA VAL B 168 -16.57 -5.88 8.68
C VAL B 168 -17.27 -6.46 7.44
N VAL B 169 -17.14 -7.77 7.22
CA VAL B 169 -17.76 -8.41 6.07
C VAL B 169 -19.17 -8.84 6.46
N ALA B 170 -20.15 -8.43 5.67
CA ALA B 170 -21.53 -8.87 5.84
C ALA B 170 -21.88 -9.84 4.71
N TYR B 171 -22.09 -11.09 5.07
CA TYR B 171 -22.64 -12.09 4.19
C TYR B 171 -24.16 -12.03 4.28
N GLU B 172 -24.81 -11.72 3.17
CA GLU B 172 -26.27 -11.62 3.11
C GLU B 172 -26.76 -12.33 1.86
N PRO B 173 -27.27 -13.54 1.99
CA PRO B 173 -27.85 -14.20 0.83
C PRO B 173 -28.98 -13.33 0.31
N VAL B 174 -28.90 -13.02 -0.98
CA VAL B 174 -29.91 -12.13 -1.58
C VAL B 174 -31.30 -12.69 -1.36
N TRP B 175 -31.44 -14.02 -1.45
CA TRP B 175 -32.72 -14.69 -1.27
C TRP B 175 -33.23 -14.60 0.16
N ALA B 176 -32.42 -14.15 1.12
CA ALA B 176 -32.85 -13.99 2.50
C ALA B 176 -33.21 -12.56 2.87
N ILE B 177 -32.94 -11.60 2.00
CA ILE B 177 -33.08 -10.18 2.33
C ILE B 177 -34.52 -9.74 2.09
N GLY B 178 -35.26 -9.50 3.18
CA GLY B 178 -36.63 -9.00 3.12
C GLY B 178 -37.65 -10.01 2.67
N THR B 179 -37.27 -11.27 2.53
CA THR B 179 -38.16 -12.31 2.02
C THR B 179 -38.78 -13.14 3.12
N GLY B 180 -38.39 -12.91 4.37
CA GLY B 180 -38.75 -13.82 5.44
C GLY B 180 -38.06 -15.17 5.39
N LYS B 181 -37.12 -15.42 4.48
CA LYS B 181 -36.46 -16.72 4.40
C LYS B 181 -35.04 -16.59 4.96
N VAL B 182 -34.93 -16.66 6.30
CA VAL B 182 -33.61 -16.59 6.92
C VAL B 182 -32.78 -17.83 6.56
N ALA B 183 -31.47 -17.68 6.53
CA ALA B 183 -30.61 -18.85 6.43
C ALA B 183 -30.65 -19.60 7.75
N THR B 184 -30.65 -20.95 7.68
CA THR B 184 -30.54 -21.74 8.89
C THR B 184 -29.20 -21.48 9.55
N PRO B 185 -29.08 -21.76 10.84
CA PRO B 185 -27.76 -21.63 11.48
C PRO B 185 -26.69 -22.40 10.73
N GLN B 186 -27.07 -23.53 10.14
CA GLN B 186 -26.10 -24.39 9.47
C GLN B 186 -25.67 -23.81 8.13
N GLN B 187 -26.61 -23.28 7.35
CA GLN B 187 -26.26 -22.63 6.09
C GLN B 187 -25.37 -21.42 6.32
N ALA B 188 -25.71 -20.59 7.31
CA ALA B 188 -24.89 -19.42 7.61
C ALA B 188 -23.48 -19.83 8.01
N GLN B 189 -23.38 -20.76 8.97
CA GLN B 189 -22.07 -21.22 9.43
C GLN B 189 -21.24 -21.78 8.29
N GLU B 190 -21.88 -22.47 7.34
CA GLU B 190 -21.12 -23.07 6.26
C GLU B 190 -20.45 -22.01 5.39
N VAL B 191 -21.14 -20.91 5.09
CA VAL B 191 -20.52 -19.84 4.32
C VAL B 191 -19.51 -19.10 5.19
N HIS B 192 -19.84 -18.78 6.44
CA HIS B 192 -18.90 -18.01 7.25
C HIS B 192 -17.61 -18.77 7.47
N ASN B 193 -17.69 -20.09 7.68
CA ASN B 193 -16.48 -20.88 7.86
C ASN B 193 -15.66 -20.87 6.58
N PHE B 194 -16.32 -20.96 5.43
CA PHE B 194 -15.58 -20.94 4.18
C PHE B 194 -14.93 -19.58 3.94
N LEU B 195 -15.62 -18.49 4.28
CA LEU B 195 -15.03 -17.17 4.09
C LEU B 195 -13.80 -16.99 4.98
N ARG B 196 -13.89 -17.37 6.26
CA ARG B 196 -12.74 -17.25 7.13
C ARG B 196 -11.55 -18.06 6.61
N LYS B 197 -11.80 -19.28 6.10
CA LYS B 197 -10.74 -20.05 5.46
C LYS B 197 -10.14 -19.29 4.28
N TRP B 198 -10.97 -18.66 3.46
CA TRP B 198 -10.46 -17.93 2.29
C TRP B 198 -9.57 -16.78 2.73
N PHE B 199 -9.95 -16.10 3.81
CA PHE B 199 -9.14 -15.00 4.35
C PHE B 199 -7.76 -15.48 4.79
N LYS B 200 -7.66 -16.70 5.32
CA LYS B 200 -6.37 -17.17 5.82
C LYS B 200 -5.32 -17.23 4.73
N THR B 201 -5.71 -17.61 3.52
CA THR B 201 -4.78 -17.67 2.41
C THR B 201 -4.70 -16.37 1.62
N ASN B 202 -5.76 -15.55 1.62
CA ASN B 202 -5.89 -14.45 0.68
C ASN B 202 -5.81 -13.06 1.32
N ALA B 203 -5.58 -12.96 2.61
CA ALA B 203 -5.33 -11.68 3.26
C ALA B 203 -4.05 -11.81 4.08
N PRO B 204 -3.45 -10.70 4.49
CA PRO B 204 -2.25 -10.79 5.32
C PRO B 204 -2.49 -11.60 6.59
N ASN B 205 -1.39 -12.10 7.16
CA ASN B 205 -1.47 -13.04 8.27
C ASN B 205 -2.27 -12.45 9.42
N GLY B 206 -3.13 -13.29 10.02
CA GLY B 206 -3.91 -12.88 11.17
C GLY B 206 -5.22 -12.17 10.87
N VAL B 207 -5.43 -11.66 9.65
CA VAL B 207 -6.70 -11.02 9.35
C VAL B 207 -7.87 -11.98 9.62
N ASP B 208 -7.76 -13.24 9.14
CA ASP B 208 -8.83 -14.22 9.31
C ASP B 208 -9.28 -14.33 10.76
N GLU B 209 -8.33 -14.30 11.71
CA GLU B 209 -8.70 -14.39 13.11
C GLU B 209 -9.41 -13.16 13.60
N LYS B 210 -9.19 -12.01 12.96
CA LYS B 210 -9.68 -10.73 13.47
C LYS B 210 -10.98 -10.27 12.83
N ILE B 211 -11.17 -10.53 11.53
CA ILE B 211 -12.21 -9.84 10.79
C ILE B 211 -13.58 -10.36 11.21
N ARG B 212 -14.47 -9.44 11.57
CA ARG B 212 -15.85 -9.82 11.82
C ARG B 212 -16.54 -10.17 10.51
N ILE B 213 -17.15 -11.35 10.47
CA ILE B 213 -18.04 -11.76 9.40
C ILE B 213 -19.43 -11.86 10.02
N ILE B 214 -20.30 -10.92 9.67
CA ILE B 214 -21.65 -10.84 10.22
C ILE B 214 -22.63 -11.31 9.14
N TYR B 215 -23.77 -11.84 9.61
CA TYR B 215 -24.79 -12.43 8.74
C TYR B 215 -25.98 -11.48 8.62
N GLY B 216 -26.56 -11.41 7.43
CA GLY B 216 -27.73 -10.58 7.20
C GLY B 216 -28.73 -11.27 6.29
N GLY B 217 -30.00 -10.93 6.50
CA GLY B 217 -31.07 -11.52 5.73
C GLY B 217 -32.19 -12.08 6.61
N SER B 218 -33.21 -11.26 6.90
CA SER B 218 -34.37 -11.67 7.71
C SER B 218 -33.97 -12.04 9.14
N VAL B 219 -32.99 -11.33 9.70
CA VAL B 219 -32.64 -11.53 11.10
C VAL B 219 -33.73 -10.90 11.96
N THR B 220 -34.22 -11.66 12.94
CA THR B 220 -35.25 -11.19 13.85
C THR B 220 -34.86 -11.62 15.27
N ALA B 221 -35.54 -11.02 16.26
CA ALA B 221 -35.37 -11.44 17.64
C ALA B 221 -35.71 -12.92 17.82
N ALA B 222 -36.55 -13.47 16.94
CA ALA B 222 -37.00 -14.86 17.03
C ALA B 222 -35.93 -15.85 16.58
N ASN B 223 -34.99 -15.43 15.72
CA ASN B 223 -34.03 -16.38 15.17
C ASN B 223 -32.58 -16.05 15.46
N CYS B 224 -32.30 -14.94 16.16
CA CYS B 224 -30.93 -14.45 16.21
C CYS B 224 -30.03 -15.24 17.16
N LYS B 225 -30.57 -15.74 18.28
CA LYS B 225 -29.69 -16.38 19.28
C LYS B 225 -29.03 -17.64 18.73
N GLU B 226 -29.81 -18.47 18.01
CA GLU B 226 -29.22 -19.67 17.43
C GLU B 226 -28.19 -19.33 16.35
N LEU B 227 -28.43 -18.27 15.57
CA LEU B 227 -27.43 -17.85 14.59
C LEU B 227 -26.18 -17.33 15.29
N ALA B 228 -26.38 -16.56 16.37
CA ALA B 228 -25.28 -15.99 17.12
C ALA B 228 -24.40 -17.04 17.80
N GLN B 229 -24.91 -18.25 17.99
CA GLN B 229 -24.11 -19.32 18.60
C GLN B 229 -23.20 -20.03 17.60
N GLN B 230 -23.41 -19.85 16.29
CA GLN B 230 -22.54 -20.49 15.32
C GLN B 230 -21.12 -19.95 15.43
N HIS B 231 -20.15 -20.84 15.18
CA HIS B 231 -18.77 -20.55 15.54
C HIS B 231 -18.21 -19.36 14.76
N ASP B 232 -18.63 -19.17 13.51
CA ASP B 232 -17.99 -18.16 12.68
C ASP B 232 -18.90 -16.98 12.39
N VAL B 233 -20.06 -16.91 13.03
CA VAL B 233 -20.98 -15.80 12.87
C VAL B 233 -20.62 -14.79 13.96
N ASP B 234 -20.15 -13.61 13.53
CA ASP B 234 -19.68 -12.60 14.47
C ASP B 234 -20.72 -11.55 14.77
N GLY B 235 -21.94 -11.71 14.28
CA GLY B 235 -22.95 -10.70 14.45
C GLY B 235 -23.88 -10.65 13.24
N PHE B 236 -24.52 -9.48 13.09
CA PHE B 236 -25.69 -9.34 12.21
C PHE B 236 -25.71 -7.97 11.55
N LEU B 237 -26.14 -7.95 10.27
CA LEU B 237 -26.65 -6.74 9.62
C LEU B 237 -28.16 -6.92 9.55
N VAL B 238 -28.91 -5.97 10.12
CA VAL B 238 -30.34 -6.15 10.34
C VAL B 238 -31.06 -5.03 9.61
N GLY B 239 -32.06 -5.40 8.81
CA GLY B 239 -32.76 -4.47 7.94
C GLY B 239 -34.12 -4.14 8.52
N GLY B 240 -35.14 -4.90 8.14
CA GLY B 240 -36.49 -4.54 8.54
C GLY B 240 -36.66 -4.50 10.06
N ALA B 241 -36.04 -5.45 10.76
CA ALA B 241 -36.17 -5.48 12.21
C ALA B 241 -35.42 -4.36 12.91
N SER B 242 -34.49 -3.67 12.22
CA SER B 242 -33.75 -2.60 12.89
C SER B 242 -34.59 -1.34 13.13
N LEU B 243 -35.80 -1.27 12.57
CA LEU B 243 -36.68 -0.13 12.80
C LEU B 243 -37.57 -0.34 14.02
N LYS B 244 -37.57 -1.56 14.57
CA LYS B 244 -38.51 -2.01 15.60
C LYS B 244 -37.82 -2.13 16.94
N PRO B 245 -38.57 -2.04 18.05
CA PRO B 245 -37.93 -2.18 19.37
C PRO B 245 -37.16 -3.47 19.53
N GLU B 246 -37.57 -4.55 18.86
CA GLU B 246 -36.84 -5.81 18.98
C GLU B 246 -35.41 -5.73 18.46
N PHE B 247 -35.01 -4.61 17.85
CA PHE B 247 -33.61 -4.46 17.45
C PHE B 247 -32.68 -4.55 18.67
N THR B 248 -33.09 -3.95 19.80
CA THR B 248 -32.21 -3.99 20.97
C THR B 248 -32.07 -5.41 21.53
N GLU B 249 -33.07 -6.26 21.32
CA GLU B 249 -32.94 -7.67 21.68
C GLU B 249 -31.92 -8.36 20.77
N ILE B 250 -31.99 -8.08 19.46
CA ILE B 250 -31.04 -8.70 18.54
C ILE B 250 -29.61 -8.34 18.93
N CYS B 251 -29.39 -7.10 19.37
CA CYS B 251 -28.08 -6.68 19.86
C CYS B 251 -27.62 -7.50 21.06
N LYS B 252 -28.55 -8.11 21.80
CA LYS B 252 -28.23 -8.99 22.91
C LYS B 252 -28.27 -10.47 22.50
N ALA B 253 -28.00 -10.79 21.24
CA ALA B 253 -28.14 -12.16 20.75
C ALA B 253 -27.12 -13.11 21.36
N ARG B 254 -25.90 -12.64 21.66
CA ARG B 254 -24.91 -13.51 22.30
C ARG B 254 -25.31 -13.92 23.71
N GLN B 255 -26.19 -13.15 24.36
CA GLN B 255 -26.63 -13.45 25.70
C GLN B 255 -27.95 -14.22 25.67
N GLY C 1 41.54 13.48 1.63
CA GLY C 1 40.24 13.30 2.27
C GLY C 1 40.22 12.21 3.32
N PRO C 2 40.44 12.58 4.58
CA PRO C 2 40.49 11.57 5.66
C PRO C 2 39.20 10.75 5.73
N HIS C 3 39.36 9.42 5.84
CA HIS C 3 38.20 8.54 5.75
C HIS C 3 38.30 7.29 6.62
N MET C 4 39.31 7.17 7.48
CA MET C 4 39.49 6.01 8.35
C MET C 4 39.01 6.29 9.76
N SER C 5 38.09 7.25 9.92
CA SER C 5 37.67 7.74 11.23
C SER C 5 37.03 6.64 12.07
N GLY C 6 36.25 5.76 11.45
CA GLY C 6 35.43 4.83 12.19
C GLY C 6 34.06 5.38 12.53
N SER C 7 33.80 6.65 12.22
CA SER C 7 32.50 7.26 12.48
C SER C 7 31.72 7.34 11.17
N ARG C 8 30.46 6.91 11.22
CA ARG C 8 29.63 6.89 10.03
C ARG C 8 29.10 8.28 9.76
N LYS C 9 29.28 8.75 8.53
CA LYS C 9 28.78 10.06 8.18
C LYS C 9 27.26 10.10 8.24
N PHE C 10 26.73 11.14 8.88
CA PHE C 10 25.28 11.33 9.00
C PHE C 10 24.66 11.51 7.62
N PHE C 11 23.48 10.88 7.40
CA PHE C 11 22.88 10.80 6.07
C PHE C 11 21.38 11.07 6.16
N VAL C 12 20.90 12.03 5.36
CA VAL C 12 19.47 12.37 5.32
C VAL C 12 19.04 12.39 3.87
N GLY C 13 18.03 11.59 3.54
CA GLY C 13 17.49 11.51 2.19
C GLY C 13 16.06 12.02 2.14
N GLY C 14 15.75 12.70 1.05
CA GLY C 14 14.41 13.18 0.87
C GLY C 14 13.73 12.42 -0.26
N ASN C 15 12.72 11.63 0.09
CA ASN C 15 11.95 10.85 -0.88
C ASN C 15 10.68 11.63 -1.20
N TRP C 16 10.65 12.23 -2.38
CA TRP C 16 9.48 13.02 -2.76
C TRP C 16 8.28 12.15 -3.14
N LYS C 17 8.48 10.85 -3.38
CA LYS C 17 7.43 9.97 -3.90
C LYS C 17 6.83 10.58 -5.15
N MET C 18 5.53 10.36 -5.36
CA MET C 18 4.87 10.86 -6.57
C MET C 18 4.40 12.29 -6.33
N ASN C 19 5.39 13.17 -6.21
CA ASN C 19 5.16 14.58 -5.96
C ASN C 19 6.18 15.37 -6.74
N GLY C 20 5.71 16.34 -7.52
CA GLY C 20 6.62 17.19 -8.26
C GLY C 20 6.00 17.92 -9.42
N SER C 21 6.54 19.09 -9.70
CA SER C 21 6.21 19.90 -10.87
C SER C 21 7.31 20.95 -10.99
N ARG C 22 7.52 21.47 -12.20
CA ARG C 22 8.54 22.50 -12.40
C ARG C 22 8.42 23.63 -11.36
N ASP C 23 7.18 24.05 -11.06
CA ASP C 23 6.94 25.13 -10.11
C ASP C 23 7.29 24.72 -8.68
N ASP C 24 6.77 23.59 -8.25
CA ASP C 24 7.09 23.10 -6.90
C ASP C 24 8.56 22.73 -6.79
N ASN C 25 9.10 22.07 -7.81
CA ASN C 25 10.50 21.64 -7.73
C ASN C 25 11.42 22.85 -7.61
N ASP C 26 11.12 23.92 -8.35
CA ASP C 26 12.01 25.07 -8.34
C ASP C 26 12.08 25.71 -6.96
N LYS C 27 10.96 25.72 -6.23
CA LYS C 27 10.97 26.29 -4.89
C LYS C 27 11.82 25.43 -3.95
N LEU C 28 11.66 24.11 -4.03
CA LEU C 28 12.42 23.19 -3.20
C LEU C 28 13.92 23.30 -3.46
N LEU C 29 14.32 23.32 -4.74
CA LEU C 29 15.74 23.44 -5.06
C LEU C 29 16.29 24.77 -4.58
N LYS C 30 15.52 25.85 -4.76
CA LYS C 30 15.96 27.15 -4.26
C LYS C 30 16.23 27.07 -2.76
N LEU C 31 15.39 26.32 -2.04
CA LEU C 31 15.63 26.12 -0.62
C LEU C 31 16.87 25.25 -0.38
N LEU C 32 16.99 24.13 -1.10
CA LEU C 32 18.14 23.24 -0.92
C LEU C 32 19.45 23.97 -1.18
N SER C 33 19.52 24.68 -2.32
CA SER C 33 20.76 25.32 -2.74
C SER C 33 21.14 26.50 -1.85
N GLU C 34 20.21 27.00 -1.03
CA GLU C 34 20.52 28.10 -0.13
C GLU C 34 20.90 27.63 1.27
N ALA C 35 20.60 26.39 1.61
CA ALA C 35 21.06 25.85 2.89
C ALA C 35 22.57 25.68 2.87
N HIS C 36 23.21 26.00 3.98
CA HIS C 36 24.63 25.77 4.15
C HIS C 36 24.79 24.34 4.65
N PHE C 37 25.21 23.43 3.77
CA PHE C 37 25.37 22.04 4.16
C PHE C 37 26.85 21.80 4.46
N ASP C 38 27.14 21.47 5.72
CA ASP C 38 28.51 21.27 6.13
C ASP C 38 29.03 19.93 5.61
N ASP C 39 30.32 19.71 5.83
CA ASP C 39 30.98 18.48 5.41
C ASP C 39 30.66 17.30 6.32
N ASN C 40 29.82 17.47 7.33
CA ASN C 40 29.51 16.40 8.25
C ASN C 40 28.16 15.73 7.98
N THR C 41 27.39 16.20 7.00
CA THR C 41 26.11 15.60 6.65
C THR C 41 26.07 15.29 5.16
N GLU C 42 25.64 14.07 4.82
CA GLU C 42 25.45 13.63 3.44
C GLU C 42 23.97 13.74 3.10
N VAL C 43 23.64 14.59 2.13
CA VAL C 43 22.27 14.95 1.79
C VAL C 43 21.91 14.39 0.43
N LEU C 44 20.67 13.92 0.30
CA LEU C 44 20.16 13.30 -0.90
C LEU C 44 18.71 13.68 -1.09
N ILE C 45 18.28 13.84 -2.34
CA ILE C 45 16.87 13.96 -2.68
C ILE C 45 16.56 12.98 -3.80
N ALA C 46 15.28 12.60 -3.89
CA ALA C 46 14.81 11.61 -4.86
C ALA C 46 13.52 12.09 -5.49
N PRO C 47 13.61 12.82 -6.60
CA PRO C 47 12.39 13.29 -7.29
C PRO C 47 11.81 12.21 -8.20
N PRO C 48 10.58 12.38 -8.69
CA PRO C 48 10.07 11.45 -9.70
C PRO C 48 10.98 11.40 -10.93
N SER C 49 10.93 10.25 -11.64
CA SER C 49 11.92 9.98 -12.69
C SER C 49 11.95 11.07 -13.76
N VAL C 50 10.79 11.69 -14.07
CA VAL C 50 10.77 12.64 -15.18
C VAL C 50 11.50 13.93 -14.86
N PHE C 51 11.79 14.20 -13.58
CA PHE C 51 12.52 15.41 -13.23
C PHE C 51 13.98 15.14 -12.87
N LEU C 52 14.43 13.88 -12.93
CA LEU C 52 15.76 13.53 -12.44
C LEU C 52 16.85 14.30 -13.16
N HIS C 53 16.77 14.37 -14.49
CA HIS C 53 17.88 14.91 -15.27
C HIS C 53 18.03 16.41 -15.06
N GLU C 54 16.92 17.15 -15.17
CA GLU C 54 17.00 18.59 -15.05
C GLU C 54 17.38 19.00 -13.64
N ILE C 55 16.90 18.25 -12.63
CA ILE C 55 17.29 18.56 -11.27
C ILE C 55 18.77 18.26 -11.04
N ARG C 56 19.26 17.15 -11.59
CA ARG C 56 20.69 16.85 -11.40
C ARG C 56 21.56 17.95 -12.00
N LYS C 57 21.12 18.52 -13.12
CA LYS C 57 21.92 19.53 -13.81
C LYS C 57 21.97 20.84 -13.02
N SER C 58 20.84 21.26 -12.47
CA SER C 58 20.80 22.55 -11.79
C SER C 58 21.21 22.48 -10.32
N LEU C 59 21.17 21.31 -9.69
CA LEU C 59 21.46 21.22 -8.26
C LEU C 59 22.94 20.96 -8.06
N LYS C 60 23.52 21.63 -7.06
CA LYS C 60 24.92 21.44 -6.71
C LYS C 60 25.24 19.95 -6.57
N LYS C 61 26.48 19.59 -6.95
CA LYS C 61 26.88 18.19 -6.98
C LYS C 61 27.08 17.60 -5.60
N GLU C 62 27.31 18.42 -4.58
CA GLU C 62 27.41 17.95 -3.20
C GLU C 62 26.12 17.25 -2.73
N ILE C 63 24.97 17.56 -3.33
CA ILE C 63 23.71 16.92 -2.98
C ILE C 63 23.43 15.83 -3.99
N HIS C 64 23.15 14.62 -3.51
CA HIS C 64 22.87 13.49 -4.39
C HIS C 64 21.46 13.63 -4.94
N VAL C 65 21.24 13.05 -6.13
CA VAL C 65 19.91 13.00 -6.73
C VAL C 65 19.66 11.56 -7.13
N ALA C 66 18.59 10.98 -6.62
CA ALA C 66 18.38 9.56 -6.65
C ALA C 66 17.09 9.25 -7.39
N ALA C 67 17.14 8.25 -8.26
CA ALA C 67 15.89 7.67 -8.73
C ALA C 67 15.18 6.99 -7.58
N GLN C 68 13.85 6.98 -7.64
CA GLN C 68 13.03 6.31 -6.63
C GLN C 68 12.87 4.81 -6.90
N ASN C 69 13.35 4.33 -8.04
CA ASN C 69 13.20 2.94 -8.45
C ASN C 69 13.96 2.77 -9.74
N CYS C 70 14.37 1.54 -10.01
CA CYS C 70 14.91 1.17 -11.30
C CYS C 70 14.68 -0.31 -11.49
N TYR C 71 15.07 -0.83 -12.65
CA TYR C 71 14.94 -2.26 -12.90
C TYR C 71 16.33 -2.92 -12.82
N LYS C 72 16.37 -4.21 -13.17
CA LYS C 72 17.49 -5.08 -12.85
C LYS C 72 18.28 -5.56 -14.08
N VAL C 73 18.19 -4.85 -15.21
CA VAL C 73 18.98 -5.13 -16.40
C VAL C 73 19.16 -3.82 -17.11
N SER C 74 20.21 -3.72 -17.96
CA SER C 74 20.59 -2.40 -18.48
C SER C 74 19.66 -1.91 -19.58
N LYS C 75 19.03 -2.80 -20.32
CA LYS C 75 18.06 -2.45 -21.37
C LYS C 75 17.17 -3.67 -21.59
N GLY C 76 16.06 -3.48 -22.28
CA GLY C 76 15.27 -4.61 -22.66
C GLY C 76 13.80 -4.29 -22.76
N ALA C 77 13.01 -5.35 -22.89
CA ALA C 77 11.57 -5.27 -23.14
C ALA C 77 10.80 -5.15 -21.82
N PHE C 78 10.92 -3.96 -21.22
CA PHE C 78 10.27 -3.69 -19.96
C PHE C 78 9.66 -2.28 -20.03
N THR C 79 8.64 -2.14 -20.89
CA THR C 79 7.91 -0.88 -21.02
C THR C 79 7.57 -0.32 -19.64
N GLY C 80 7.87 0.97 -19.43
CA GLY C 80 7.67 1.62 -18.15
C GLY C 80 8.88 1.64 -17.23
N GLU C 81 9.88 0.82 -17.45
CA GLU C 81 11.02 0.74 -16.53
C GLU C 81 12.22 1.58 -16.99
N ILE C 82 13.08 1.90 -16.01
CA ILE C 82 14.38 2.55 -16.27
C ILE C 82 15.48 1.71 -15.61
N SER C 83 16.68 1.82 -16.16
CA SER C 83 17.80 1.01 -15.71
C SER C 83 18.85 1.87 -15.05
N PRO C 84 19.74 1.27 -14.25
CA PRO C 84 20.91 2.00 -13.76
C PRO C 84 21.73 2.67 -14.85
N ALA C 85 21.88 2.04 -16.02
CA ALA C 85 22.61 2.71 -17.11
C ALA C 85 21.95 4.02 -17.46
N MET C 86 20.61 4.06 -17.45
CA MET C 86 19.90 5.30 -17.75
C MET C 86 20.11 6.34 -16.65
N ILE C 87 20.05 5.91 -15.39
CA ILE C 87 20.26 6.82 -14.28
C ILE C 87 21.66 7.45 -14.37
N ARG C 88 22.68 6.63 -14.64
CA ARG C 88 24.04 7.13 -14.81
C ARG C 88 24.12 8.06 -16.02
N ASP C 89 23.43 7.73 -17.10
CA ASP C 89 23.53 8.52 -18.32
C ASP C 89 23.05 9.96 -18.11
N ILE C 90 22.11 10.18 -17.19
CA ILE C 90 21.58 11.52 -16.95
C ILE C 90 22.33 12.15 -15.79
N GLY C 91 23.41 11.50 -15.34
CA GLY C 91 24.32 12.08 -14.36
C GLY C 91 24.03 11.77 -12.90
N CYS C 92 23.05 10.92 -12.61
CA CYS C 92 22.78 10.59 -11.22
C CYS C 92 23.56 9.34 -10.79
N ASP C 93 23.77 9.23 -9.48
N ASP C 93 23.76 9.24 -9.47
CA ASP C 93 24.60 8.15 -8.94
CA ASP C 93 24.62 8.23 -8.88
C ASP C 93 23.88 7.33 -7.88
C ASP C 93 23.92 7.45 -7.76
N TRP C 94 22.58 7.54 -7.67
CA TRP C 94 21.84 6.90 -6.57
C TRP C 94 20.50 6.38 -7.02
N VAL C 95 20.01 5.36 -6.31
CA VAL C 95 18.64 4.85 -6.45
C VAL C 95 18.17 4.36 -5.09
N ILE C 96 16.88 4.58 -4.80
CA ILE C 96 16.18 3.96 -3.67
C ILE C 96 15.53 2.68 -4.16
N LEU C 97 15.73 1.57 -3.44
CA LEU C 97 15.16 0.29 -3.83
C LEU C 97 14.47 -0.38 -2.64
N GLY C 98 13.38 -1.10 -2.94
CA GLY C 98 12.68 -1.83 -1.90
C GLY C 98 11.77 -1.01 -1.03
N HIS C 99 11.45 0.23 -1.43
CA HIS C 99 10.55 1.02 -0.60
C HIS C 99 9.28 0.25 -0.32
N SER C 100 8.73 0.48 0.86
CA SER C 100 7.50 -0.20 1.28
C SER C 100 6.37 0.00 0.27
N GLU C 101 6.29 1.20 -0.32
CA GLU C 101 5.22 1.42 -1.28
C GLU C 101 5.39 0.55 -2.54
N ARG C 102 6.64 0.27 -2.94
CA ARG C 102 6.87 -0.65 -4.06
C ARG C 102 6.70 -2.12 -3.66
N ARG C 103 7.04 -2.48 -2.42
CA ARG C 103 6.78 -3.83 -1.93
C ARG C 103 5.29 -4.10 -1.77
N ASN C 104 4.56 -3.17 -1.11
CA ASN C 104 3.16 -3.44 -0.78
C ASN C 104 2.22 -3.16 -1.96
N ILE C 105 2.31 -1.96 -2.54
CA ILE C 105 1.33 -1.59 -3.56
C ILE C 105 1.62 -2.28 -4.89
N PHE C 106 2.90 -2.39 -5.25
CA PHE C 106 3.24 -2.95 -6.55
C PHE C 106 3.84 -4.35 -6.43
N GLY C 107 3.87 -4.94 -5.24
CA GLY C 107 4.16 -6.36 -5.11
C GLY C 107 5.59 -6.80 -5.38
N GLU C 108 6.57 -5.91 -5.17
CA GLU C 108 7.96 -6.29 -5.39
C GLU C 108 8.41 -7.26 -4.30
N SER C 109 8.91 -8.41 -4.73
CA SER C 109 9.33 -9.44 -3.76
C SER C 109 10.69 -9.09 -3.16
N ASP C 110 11.00 -9.77 -2.04
CA ASP C 110 12.33 -9.66 -1.44
C ASP C 110 13.41 -9.97 -2.48
N GLU C 111 13.20 -11.04 -3.25
CA GLU C 111 14.21 -11.46 -4.21
C GLU C 111 14.36 -10.45 -5.35
N LEU C 112 13.25 -9.85 -5.81
CA LEU C 112 13.36 -8.85 -6.86
C LEU C 112 14.14 -7.64 -6.39
N ILE C 113 13.87 -7.19 -5.17
CA ILE C 113 14.64 -6.09 -4.61
C ILE C 113 16.12 -6.44 -4.62
N ALA C 114 16.47 -7.62 -4.12
CA ALA C 114 17.86 -8.07 -4.09
C ALA C 114 18.48 -8.07 -5.49
N GLU C 115 17.72 -8.50 -6.48
CA GLU C 115 18.25 -8.50 -7.84
C GLU C 115 18.47 -7.08 -8.35
N LYS C 116 17.60 -6.14 -7.97
CA LYS C 116 17.77 -4.75 -8.38
C LYS C 116 19.01 -4.13 -7.73
N VAL C 117 19.16 -4.33 -6.41
CA VAL C 117 20.32 -3.81 -5.68
C VAL C 117 21.62 -4.31 -6.28
N GLN C 118 21.66 -5.61 -6.61
CA GLN C 118 22.85 -6.20 -7.23
C GLN C 118 23.15 -5.55 -8.57
N HIS C 119 22.13 -5.40 -9.42
CA HIS C 119 22.37 -4.81 -10.73
C HIS C 119 22.73 -3.33 -10.62
N ALA C 120 22.11 -2.62 -9.67
CA ALA C 120 22.43 -1.21 -9.50
C ALA C 120 23.87 -1.04 -8.99
N LEU C 121 24.28 -1.88 -8.03
CA LEU C 121 25.63 -1.82 -7.49
C LEU C 121 26.67 -2.14 -8.57
N ALA C 122 26.34 -3.07 -9.48
CA ALA C 122 27.28 -3.43 -10.54
C ALA C 122 27.49 -2.30 -11.54
N GLU C 123 26.47 -1.44 -11.75
CA GLU C 123 26.65 -0.30 -12.64
C GLU C 123 27.41 0.84 -11.99
N GLY C 124 27.70 0.74 -10.70
CA GLY C 124 28.37 1.81 -9.97
C GLY C 124 27.45 2.77 -9.24
N LEU C 125 26.15 2.50 -9.18
CA LEU C 125 25.28 3.35 -8.37
C LEU C 125 25.47 3.04 -6.90
N SER C 126 25.06 3.99 -6.07
CA SER C 126 24.82 3.74 -4.66
C SER C 126 23.32 3.55 -4.42
N VAL C 127 23.01 2.80 -3.37
CA VAL C 127 21.67 2.27 -3.13
C VAL C 127 21.25 2.59 -1.71
N ILE C 128 20.06 3.17 -1.56
CA ILE C 128 19.30 3.11 -0.31
C ILE C 128 18.36 1.92 -0.40
N ALA C 129 18.58 0.92 0.46
CA ALA C 129 17.77 -0.29 0.49
C ALA C 129 16.84 -0.24 1.70
N CYS C 130 15.55 -0.41 1.44
CA CYS C 130 14.49 -0.16 2.40
C CYS C 130 13.96 -1.49 2.96
N ILE C 131 13.70 -1.53 4.27
CA ILE C 131 13.15 -2.70 4.93
C ILE C 131 12.24 -2.21 6.04
N GLY C 132 11.37 -3.09 6.52
CA GLY C 132 10.55 -2.77 7.68
C GLY C 132 9.31 -3.62 7.76
N GLU C 133 8.70 -3.62 8.95
CA GLU C 133 7.60 -4.51 9.30
C GLU C 133 6.29 -3.75 9.39
N THR C 134 5.17 -4.46 9.18
CA THR C 134 3.84 -3.88 9.36
C THR C 134 3.45 -3.83 10.84
N LEU C 135 2.35 -3.13 11.13
CA LEU C 135 1.91 -2.97 12.51
C LEU C 135 1.54 -4.31 13.14
N SER C 136 0.86 -5.20 12.38
CA SER C 136 0.52 -6.51 12.92
C SER C 136 1.72 -7.47 12.94
N GLU C 137 2.70 -7.27 12.05
CA GLU C 137 3.93 -8.04 12.17
C GLU C 137 4.62 -7.74 13.50
N ARG C 138 4.68 -6.46 13.87
CA ARG C 138 5.23 -6.05 15.15
C ARG C 138 4.39 -6.55 16.33
N GLU C 139 3.06 -6.49 16.22
CA GLU C 139 2.24 -7.03 17.30
C GLU C 139 2.45 -8.52 17.48
N SER C 140 2.84 -9.23 16.43
CA SER C 140 3.19 -10.64 16.50
C SER C 140 4.66 -10.88 16.84
N ASN C 141 5.39 -9.85 17.31
CA ASN C 141 6.82 -9.93 17.63
C ASN C 141 7.63 -10.52 16.48
N LYS C 142 7.21 -10.22 15.26
CA LYS C 142 7.92 -10.66 14.06
C LYS C 142 8.81 -9.56 13.48
N THR C 143 8.96 -8.44 14.18
CA THR C 143 9.73 -7.30 13.67
C THR C 143 11.11 -7.73 13.19
N GLU C 144 11.83 -8.49 14.02
CA GLU C 144 13.19 -8.91 13.65
C GLU C 144 13.16 -9.94 12.52
N GLU C 145 12.26 -10.91 12.62
CA GLU C 145 12.14 -11.94 11.58
C GLU C 145 11.91 -11.32 10.21
N VAL C 146 11.11 -10.24 10.15
CA VAL C 146 10.72 -9.67 8.87
C VAL C 146 11.88 -8.91 8.24
N CYS C 147 12.48 -7.98 9.00
CA CYS C 147 13.58 -7.17 8.48
C CYS C 147 14.78 -8.01 8.07
N VAL C 148 15.08 -9.04 8.87
CA VAL C 148 16.23 -9.90 8.59
C VAL C 148 15.98 -10.71 7.32
N ARG C 149 14.73 -11.15 7.10
CA ARG C 149 14.41 -11.85 5.85
C ARG C 149 14.56 -10.92 4.65
N GLN C 150 14.09 -9.68 4.77
CA GLN C 150 14.22 -8.74 3.66
C GLN C 150 15.68 -8.39 3.44
N LEU C 151 16.42 -8.11 4.51
CA LEU C 151 17.83 -7.79 4.40
C LEU C 151 18.65 -8.97 3.88
N LYS C 152 18.31 -10.19 4.33
CA LYS C 152 19.11 -11.36 3.95
C LYS C 152 19.11 -11.57 2.45
N ALA C 153 17.95 -11.47 1.82
CA ALA C 153 17.83 -11.67 0.38
C ALA C 153 18.80 -10.74 -0.36
N ILE C 154 18.80 -9.47 0.04
CA ILE C 154 19.74 -8.50 -0.53
C ILE C 154 21.19 -8.92 -0.26
N ALA C 155 21.51 -9.19 1.01
CA ALA C 155 22.90 -9.47 1.38
C ALA C 155 23.45 -10.67 0.62
N ASN C 156 22.60 -11.65 0.28
CA ASN C 156 23.05 -12.81 -0.49
C ASN C 156 23.69 -12.42 -1.82
N LYS C 157 23.38 -11.24 -2.34
CA LYS C 157 23.85 -10.84 -3.66
C LYS C 157 25.09 -9.96 -3.59
N ILE C 158 25.53 -9.58 -2.40
CA ILE C 158 26.64 -8.64 -2.20
C ILE C 158 27.81 -9.43 -1.63
N LYS C 159 28.92 -9.40 -2.34
CA LYS C 159 29.99 -10.37 -2.14
C LYS C 159 31.19 -9.81 -1.36
N SER C 160 31.30 -8.49 -1.19
CA SER C 160 32.48 -7.91 -0.56
C SER C 160 32.09 -6.74 0.33
N ALA C 161 32.98 -6.41 1.28
CA ALA C 161 32.82 -5.18 2.05
C ALA C 161 32.85 -3.95 1.17
N ASP C 162 33.58 -4.01 0.04
CA ASP C 162 33.60 -2.90 -0.90
C ASP C 162 32.20 -2.61 -1.46
N GLU C 163 31.51 -3.66 -1.91
CA GLU C 163 30.18 -3.46 -2.48
C GLU C 163 29.22 -2.93 -1.43
N TRP C 164 29.31 -3.43 -0.19
CA TRP C 164 28.48 -2.93 0.90
C TRP C 164 28.71 -1.45 1.18
N LYS C 165 29.87 -0.90 0.80
CA LYS C 165 30.18 0.48 1.12
C LYS C 165 29.22 1.44 0.45
N ARG C 166 28.78 1.12 -0.77
CA ARG C 166 27.85 1.96 -1.52
C ARG C 166 26.38 1.63 -1.25
N VAL C 167 26.08 1.07 -0.08
CA VAL C 167 24.73 0.72 0.33
C VAL C 167 24.41 1.45 1.63
N VAL C 168 23.24 2.08 1.68
CA VAL C 168 22.69 2.66 2.91
C VAL C 168 21.40 1.92 3.19
N VAL C 169 21.28 1.34 4.38
CA VAL C 169 20.08 0.59 4.77
C VAL C 169 19.11 1.55 5.45
N ALA C 170 17.88 1.58 4.97
CA ALA C 170 16.83 2.40 5.57
C ALA C 170 15.82 1.49 6.24
N TYR C 171 15.68 1.62 7.56
CA TYR C 171 14.66 0.91 8.30
C TYR C 171 13.46 1.84 8.43
N GLU C 172 12.30 1.39 7.95
CA GLU C 172 11.09 2.17 8.10
C GLU C 172 9.96 1.23 8.48
N PRO C 173 9.46 1.29 9.71
CA PRO C 173 8.22 0.55 10.03
C PRO C 173 7.09 1.04 9.14
N VAL C 174 6.43 0.11 8.47
CA VAL C 174 5.38 0.50 7.54
C VAL C 174 4.30 1.30 8.25
N TRP C 175 4.00 0.94 9.50
CA TRP C 175 2.98 1.68 10.26
C TRP C 175 3.41 3.10 10.56
N ALA C 176 4.69 3.44 10.33
CA ALA C 176 5.17 4.79 10.54
C ALA C 176 5.21 5.65 9.27
N ILE C 177 5.07 5.03 8.09
CA ILE C 177 5.24 5.77 6.84
C ILE C 177 3.93 6.47 6.49
N GLY C 178 3.95 7.80 6.48
CA GLY C 178 2.80 8.59 6.06
C GLY C 178 1.70 8.72 7.09
N THR C 179 1.82 8.11 8.26
CA THR C 179 0.70 7.97 9.19
C THR C 179 0.72 8.98 10.34
N GLY C 180 1.74 9.81 10.45
CA GLY C 180 1.91 10.64 11.61
C GLY C 180 2.54 9.96 12.81
N LYS C 181 2.64 8.63 12.81
CA LYS C 181 3.01 7.86 14.00
C LYS C 181 4.46 7.37 13.89
N VAL C 182 5.39 8.29 14.18
CA VAL C 182 6.81 7.96 14.24
C VAL C 182 7.11 6.92 15.33
N ALA C 183 8.11 6.07 15.09
CA ALA C 183 8.71 5.26 16.14
C ALA C 183 9.29 6.18 17.21
N THR C 184 9.13 5.78 18.48
CA THR C 184 9.83 6.48 19.56
C THR C 184 11.33 6.28 19.38
N PRO C 185 12.15 7.15 19.98
CA PRO C 185 13.60 6.92 19.91
C PRO C 185 13.98 5.53 20.36
N GLN C 186 13.28 4.99 21.36
CA GLN C 186 13.61 3.67 21.88
C GLN C 186 13.25 2.58 20.89
N GLN C 187 12.10 2.70 20.23
CA GLN C 187 11.74 1.70 19.22
C GLN C 187 12.77 1.69 18.09
N ALA C 188 13.15 2.88 17.62
CA ALA C 188 14.09 2.94 16.50
C ALA C 188 15.43 2.32 16.90
N GLN C 189 15.97 2.77 18.04
CA GLN C 189 17.26 2.27 18.51
C GLN C 189 17.25 0.75 18.66
N GLU C 190 16.16 0.20 19.20
CA GLU C 190 16.06 -1.25 19.33
C GLU C 190 16.22 -1.94 17.99
N VAL C 191 15.55 -1.42 16.95
CA VAL C 191 15.63 -2.05 15.63
C VAL C 191 17.04 -1.91 15.06
N HIS C 192 17.57 -0.68 15.04
CA HIS C 192 18.87 -0.45 14.41
C HIS C 192 19.97 -1.25 15.10
N ASN C 193 19.86 -1.43 16.42
CA ASN C 193 20.85 -2.21 17.14
C ASN C 193 20.80 -3.68 16.72
N PHE C 194 19.62 -4.29 16.65
CA PHE C 194 19.65 -5.71 16.27
C PHE C 194 20.03 -5.85 14.81
N LEU C 195 19.74 -4.84 13.99
CA LEU C 195 20.20 -4.85 12.60
C LEU C 195 21.72 -4.83 12.52
N ARG C 196 22.35 -3.94 13.30
CA ARG C 196 23.80 -3.85 13.24
C ARG C 196 24.44 -5.14 13.77
N LYS C 197 23.90 -5.70 14.85
CA LYS C 197 24.34 -7.01 15.32
C LYS C 197 24.21 -8.06 14.22
N TRP C 198 23.10 -8.03 13.49
CA TRP C 198 22.92 -8.95 12.37
C TRP C 198 24.05 -8.79 11.35
N PHE C 199 24.41 -7.54 11.02
CA PHE C 199 25.52 -7.32 10.10
C PHE C 199 26.82 -7.93 10.63
N LYS C 200 27.04 -7.81 11.94
CA LYS C 200 28.24 -8.34 12.57
C LYS C 200 28.33 -9.86 12.36
N THR C 201 27.20 -10.54 12.49
CA THR C 201 27.15 -11.99 12.34
C THR C 201 27.22 -12.43 10.89
N ASN C 202 26.52 -11.75 9.96
CA ASN C 202 26.21 -12.32 8.67
C ASN C 202 26.88 -11.67 7.48
N ALA C 203 27.49 -10.49 7.64
CA ALA C 203 28.14 -9.76 6.56
C ALA C 203 29.67 -9.74 6.75
N PRO C 204 30.44 -9.40 5.71
CA PRO C 204 31.90 -9.36 5.85
C PRO C 204 32.35 -8.55 7.07
N ASN C 205 33.43 -9.01 7.68
CA ASN C 205 34.00 -8.42 8.88
C ASN C 205 34.14 -6.90 8.73
N GLY C 206 33.52 -6.17 9.63
CA GLY C 206 33.66 -4.73 9.70
C GLY C 206 32.54 -3.93 9.04
N VAL C 207 31.75 -4.54 8.15
CA VAL C 207 30.65 -3.81 7.53
C VAL C 207 29.71 -3.25 8.58
N ASP C 208 29.48 -4.00 9.67
CA ASP C 208 28.53 -3.57 10.68
C ASP C 208 28.84 -2.16 11.17
N GLU C 209 30.11 -1.83 11.32
CA GLU C 209 30.47 -0.51 11.81
C GLU C 209 30.53 0.51 10.68
N LYS C 210 30.68 0.07 9.43
CA LYS C 210 30.72 1.01 8.31
C LYS C 210 29.34 1.42 7.84
N ILE C 211 28.41 0.46 7.79
CA ILE C 211 27.17 0.66 7.04
C ILE C 211 26.29 1.69 7.73
N ARG C 212 25.81 2.68 6.98
CA ARG C 212 24.81 3.58 7.50
C ARG C 212 23.45 2.88 7.54
N ILE C 213 22.77 3.03 8.67
CA ILE C 213 21.42 2.56 8.89
C ILE C 213 20.59 3.76 9.30
N ILE C 214 19.73 4.23 8.40
CA ILE C 214 18.91 5.41 8.64
C ILE C 214 17.49 4.98 8.96
N TYR C 215 16.79 5.83 9.71
CA TYR C 215 15.40 5.60 10.11
C TYR C 215 14.48 6.45 9.24
N GLY C 216 13.34 5.87 8.84
CA GLY C 216 12.33 6.61 8.09
C GLY C 216 10.94 6.28 8.59
N GLY C 217 10.03 7.25 8.44
CA GLY C 217 8.65 7.07 8.83
C GLY C 217 8.18 8.17 9.75
N SER C 218 7.53 9.19 9.18
CA SER C 218 7.00 10.35 9.90
C SER C 218 8.10 11.14 10.62
N VAL C 219 9.29 11.18 10.05
CA VAL C 219 10.36 12.04 10.57
C VAL C 219 10.05 13.48 10.21
N THR C 220 10.07 14.36 11.22
CA THR C 220 9.87 15.80 11.04
C THR C 220 10.96 16.55 11.82
N ALA C 221 10.94 17.88 11.70
CA ALA C 221 11.89 18.69 12.47
C ALA C 221 11.63 18.60 13.97
N ALA C 222 10.38 18.33 14.36
CA ALA C 222 10.01 18.29 15.78
C ALA C 222 10.46 17.02 16.49
N ASN C 223 10.80 15.96 15.75
CA ASN C 223 11.17 14.70 16.38
C ASN C 223 12.53 14.18 15.94
N CYS C 224 13.20 14.84 15.00
CA CYS C 224 14.42 14.26 14.45
C CYS C 224 15.58 14.30 15.44
N LYS C 225 15.68 15.36 16.25
CA LYS C 225 16.87 15.51 17.11
C LYS C 225 17.02 14.33 18.06
N GLU C 226 15.97 14.02 18.82
CA GLU C 226 16.01 12.90 19.76
C GLU C 226 16.34 11.59 19.07
N LEU C 227 15.78 11.36 17.88
CA LEU C 227 16.05 10.13 17.15
C LEU C 227 17.52 10.06 16.72
N ALA C 228 18.07 11.19 16.25
CA ALA C 228 19.45 11.23 15.81
C ALA C 228 20.43 11.07 16.98
N GLN C 229 19.98 11.26 18.22
CA GLN C 229 20.84 11.03 19.37
C GLN C 229 20.96 9.57 19.72
N GLN C 230 20.09 8.71 19.18
CA GLN C 230 20.24 7.29 19.40
C GLN C 230 21.54 6.78 18.78
N HIS C 231 22.15 5.79 19.44
CA HIS C 231 23.50 5.37 19.10
C HIS C 231 23.59 4.78 17.70
N ASP C 232 22.60 4.00 17.28
CA ASP C 232 22.74 3.26 16.04
C ASP C 232 21.91 3.84 14.90
N VAL C 233 21.43 5.07 15.05
CA VAL C 233 20.68 5.78 14.01
C VAL C 233 21.66 6.70 13.29
N ASP C 234 21.90 6.44 12.00
CA ASP C 234 22.86 7.19 11.21
C ASP C 234 22.23 8.27 10.34
N GLY C 235 20.95 8.57 10.54
CA GLY C 235 20.28 9.54 9.69
C GLY C 235 18.86 9.12 9.39
N PHE C 236 18.30 9.65 8.30
CA PHE C 236 16.88 9.63 8.06
C PHE C 236 16.53 9.50 6.58
N LEU C 237 15.45 8.77 6.30
CA LEU C 237 14.74 8.88 5.04
C LEU C 237 13.44 9.63 5.32
N VAL C 238 13.31 10.81 4.74
CA VAL C 238 12.21 11.73 5.02
C VAL C 238 11.26 11.74 3.83
N GLY C 239 9.99 11.41 4.07
CA GLY C 239 8.99 11.52 3.01
C GLY C 239 8.28 12.85 3.00
N GLY C 240 7.12 12.92 3.66
CA GLY C 240 6.29 14.12 3.61
C GLY C 240 7.04 15.40 3.91
N ALA C 241 7.90 15.38 4.94
CA ALA C 241 8.61 16.59 5.32
C ALA C 241 9.70 17.00 4.34
N SER C 242 10.10 16.12 3.42
CA SER C 242 11.11 16.50 2.43
C SER C 242 10.55 17.42 1.35
N LEU C 243 9.22 17.58 1.26
CA LEU C 243 8.63 18.57 0.38
C LEU C 243 8.55 19.95 1.02
N LYS C 244 8.98 20.09 2.27
CA LYS C 244 8.73 21.26 3.10
C LYS C 244 10.02 21.97 3.47
N PRO C 245 9.94 23.26 3.83
CA PRO C 245 11.15 23.98 4.26
C PRO C 245 11.89 23.32 5.42
N GLU C 246 11.19 22.62 6.31
CA GLU C 246 11.89 21.99 7.43
C GLU C 246 12.86 20.90 7.02
N PHE C 247 12.89 20.50 5.74
CA PHE C 247 13.81 19.43 5.34
C PHE C 247 15.24 19.81 5.67
N THR C 248 15.65 21.05 5.39
CA THR C 248 17.02 21.44 5.64
C THR C 248 17.33 21.46 7.13
N GLU C 249 16.31 21.64 7.96
CA GLU C 249 16.47 21.55 9.40
C GLU C 249 16.60 20.10 9.86
N ILE C 250 15.96 19.15 9.16
CA ILE C 250 16.20 17.75 9.48
C ILE C 250 17.63 17.34 9.13
N CYS C 251 18.19 17.88 8.03
CA CYS C 251 19.58 17.53 7.72
C CYS C 251 20.57 18.09 8.73
N LYS C 252 20.14 18.97 9.62
CA LYS C 252 20.97 19.44 10.73
C LYS C 252 20.58 18.76 12.04
N ALA C 253 19.93 17.61 11.97
CA ALA C 253 19.40 16.96 13.18
C ALA C 253 20.49 16.56 14.16
N ARG C 254 21.74 16.48 13.74
CA ARG C 254 22.80 16.22 14.72
C ARG C 254 23.14 17.48 15.50
N GLN C 255 22.85 18.67 14.95
CA GLN C 255 23.08 19.96 15.60
C GLN C 255 21.89 20.37 16.46
N SER D 5 -14.58 3.02 -45.54
CA SER D 5 -15.35 3.97 -44.72
C SER D 5 -14.45 4.82 -43.82
N GLY D 6 -14.95 6.00 -43.46
CA GLY D 6 -14.33 6.83 -42.44
C GLY D 6 -13.16 7.64 -42.96
N SER D 7 -12.72 8.59 -42.14
CA SER D 7 -11.60 9.47 -42.45
C SER D 7 -10.57 9.43 -41.33
N ARG D 8 -10.19 8.23 -40.93
CA ARG D 8 -9.27 8.06 -39.81
C ARG D 8 -7.83 8.24 -40.27
N LYS D 9 -7.05 8.98 -39.48
CA LYS D 9 -5.66 9.24 -39.85
C LYS D 9 -4.77 8.09 -39.41
N PHE D 10 -3.83 7.71 -40.28
CA PHE D 10 -2.88 6.64 -40.00
C PHE D 10 -2.00 7.00 -38.80
N PHE D 11 -1.81 6.03 -37.90
CA PHE D 11 -1.16 6.29 -36.61
C PHE D 11 -0.03 5.29 -36.39
N VAL D 12 1.19 5.79 -36.23
CA VAL D 12 2.36 4.96 -36.01
C VAL D 12 3.05 5.45 -34.75
N GLY D 13 3.13 4.58 -33.75
CA GLY D 13 3.83 4.86 -32.50
C GLY D 13 5.06 3.98 -32.39
N GLY D 14 6.13 4.55 -31.84
CA GLY D 14 7.32 3.77 -31.55
C GLY D 14 7.56 3.61 -30.06
N ASN D 15 7.36 2.41 -29.53
CA ASN D 15 7.59 2.12 -28.12
C ASN D 15 9.06 1.73 -27.95
N TRP D 16 9.87 2.64 -27.40
CA TRP D 16 11.29 2.34 -27.22
C TRP D 16 11.52 1.33 -26.09
N LYS D 17 10.52 1.09 -25.24
CA LYS D 17 10.66 0.19 -24.09
C LYS D 17 11.81 0.73 -23.22
N MET D 18 12.51 -0.16 -22.52
CA MET D 18 13.66 0.26 -21.69
C MET D 18 14.92 0.31 -22.56
N ASN D 19 14.93 1.29 -23.46
CA ASN D 19 16.05 1.55 -24.34
C ASN D 19 16.18 3.05 -24.50
N GLY D 20 17.39 3.56 -24.32
CA GLY D 20 17.61 4.98 -24.51
C GLY D 20 18.83 5.48 -23.80
N SER D 21 19.41 6.56 -24.31
CA SER D 21 20.61 7.19 -23.80
C SER D 21 20.79 8.48 -24.59
N ARG D 22 21.51 9.42 -24.00
CA ARG D 22 21.75 10.69 -24.69
C ARG D 22 22.23 10.45 -26.12
N ASP D 23 23.27 9.62 -26.28
CA ASP D 23 23.85 9.38 -27.60
C ASP D 23 22.90 8.62 -28.52
N ASP D 24 22.26 7.56 -28.02
CA ASP D 24 21.31 6.81 -28.86
C ASP D 24 20.11 7.66 -29.23
N ASN D 25 19.55 8.39 -28.24
CA ASN D 25 18.37 9.20 -28.49
C ASN D 25 18.65 10.25 -29.56
N ASP D 26 19.78 10.94 -29.44
CA ASP D 26 20.14 11.99 -30.39
C ASP D 26 20.27 11.45 -31.82
N LYS D 27 20.90 10.29 -31.99
CA LYS D 27 20.99 9.69 -33.33
C LYS D 27 19.62 9.34 -33.87
N LEU D 28 18.79 8.67 -33.05
CA LEU D 28 17.44 8.31 -33.47
C LEU D 28 16.62 9.54 -33.85
N LEU D 29 16.65 10.58 -33.01
CA LEU D 29 15.76 11.72 -33.22
C LEU D 29 16.19 12.57 -34.41
N LYS D 30 17.48 12.57 -34.75
CA LYS D 30 17.92 13.33 -35.91
C LYS D 30 17.37 12.71 -37.19
N LEU D 31 17.43 11.39 -37.30
CA LEU D 31 16.82 10.71 -38.44
C LEU D 31 15.33 10.96 -38.50
N LEU D 32 14.68 11.07 -37.34
CA LEU D 32 13.23 11.21 -37.25
C LEU D 32 12.79 12.63 -37.58
N SER D 33 13.51 13.62 -37.07
CA SER D 33 13.18 15.00 -37.40
C SER D 33 13.44 15.30 -38.87
N GLU D 34 14.40 14.60 -39.49
CA GLU D 34 14.75 14.84 -40.89
C GLU D 34 13.71 14.27 -41.86
N ALA D 35 13.06 13.17 -41.49
CA ALA D 35 12.08 12.54 -42.37
C ALA D 35 10.95 13.51 -42.71
N HIS D 36 10.21 13.20 -43.77
CA HIS D 36 9.04 13.98 -44.15
C HIS D 36 7.81 13.09 -44.04
N PHE D 37 6.87 13.47 -43.19
CA PHE D 37 5.62 12.73 -43.00
C PHE D 37 4.47 13.59 -43.49
N ASP D 38 3.59 13.00 -44.30
CA ASP D 38 2.50 13.78 -44.85
C ASP D 38 1.45 14.07 -43.78
N ASP D 39 0.57 15.02 -44.08
CA ASP D 39 -0.47 15.39 -43.14
C ASP D 39 -1.57 14.31 -43.00
N ASN D 40 -1.41 13.11 -43.59
CA ASN D 40 -2.32 12.01 -43.31
C ASN D 40 -1.67 10.94 -42.43
N THR D 41 -0.56 11.26 -41.76
CA THR D 41 0.06 10.35 -40.80
C THR D 41 0.37 11.06 -39.49
N GLU D 42 -0.01 10.42 -38.38
CA GLU D 42 0.30 10.84 -37.02
C GLU D 42 1.39 9.92 -36.49
N VAL D 43 2.48 10.51 -35.99
CA VAL D 43 3.64 9.75 -35.52
C VAL D 43 3.88 10.04 -34.03
N LEU D 44 4.24 9.00 -33.29
CA LEU D 44 4.47 9.14 -31.86
C LEU D 44 5.70 8.32 -31.47
N ILE D 45 6.49 8.86 -30.55
CA ILE D 45 7.56 8.09 -29.91
C ILE D 45 7.27 8.03 -28.41
N ALA D 46 7.84 7.00 -27.76
CA ALA D 46 7.66 6.77 -26.34
C ALA D 46 9.00 6.39 -25.70
N PRO D 47 9.77 7.39 -25.27
CA PRO D 47 11.08 7.12 -24.64
C PRO D 47 10.92 6.76 -23.17
N PRO D 48 11.98 6.25 -22.53
CA PRO D 48 11.93 6.03 -21.08
C PRO D 48 11.70 7.35 -20.37
N SER D 49 11.02 7.27 -19.22
CA SER D 49 10.54 8.46 -18.53
C SER D 49 11.65 9.47 -18.22
N VAL D 50 12.91 9.01 -18.06
CA VAL D 50 13.93 9.97 -17.65
C VAL D 50 14.30 10.91 -18.81
N PHE D 51 13.95 10.58 -20.06
CA PHE D 51 14.29 11.36 -21.24
C PHE D 51 13.11 12.17 -21.80
N LEU D 52 11.91 12.00 -21.22
CA LEU D 52 10.71 12.56 -21.82
C LEU D 52 10.78 14.08 -21.95
N HIS D 53 11.22 14.76 -20.89
CA HIS D 53 11.10 16.22 -20.87
C HIS D 53 12.07 16.86 -21.86
N GLU D 54 13.34 16.43 -21.85
CA GLU D 54 14.32 17.03 -22.76
C GLU D 54 14.00 16.69 -24.21
N ILE D 55 13.49 15.48 -24.48
CA ILE D 55 13.10 15.12 -25.84
C ILE D 55 11.90 15.93 -26.30
N ARG D 56 10.92 16.13 -25.43
CA ARG D 56 9.72 16.87 -25.81
C ARG D 56 10.04 18.34 -26.10
N LYS D 57 10.98 18.92 -25.34
CA LYS D 57 11.32 20.34 -25.50
C LYS D 57 11.93 20.61 -26.88
N SER D 58 12.83 19.75 -27.35
CA SER D 58 13.60 20.01 -28.55
C SER D 58 12.99 19.41 -29.81
N LEU D 59 11.98 18.55 -29.70
CA LEU D 59 11.38 17.86 -30.83
C LEU D 59 10.19 18.64 -31.41
N LYS D 60 10.12 18.69 -32.75
CA LYS D 60 9.00 19.34 -33.43
C LYS D 60 7.67 18.83 -32.91
N LYS D 61 6.70 19.73 -32.75
CA LYS D 61 5.46 19.35 -32.08
C LYS D 61 4.67 18.31 -32.86
N GLU D 62 4.83 18.21 -34.19
CA GLU D 62 4.01 17.24 -34.89
C GLU D 62 4.28 15.80 -34.45
N ILE D 63 5.45 15.50 -33.87
CA ILE D 63 5.75 14.17 -33.35
C ILE D 63 5.37 14.15 -31.87
N HIS D 64 4.49 13.23 -31.49
CA HIS D 64 4.06 13.08 -30.10
C HIS D 64 5.13 12.37 -29.29
N VAL D 65 5.24 12.76 -28.02
CA VAL D 65 6.15 12.13 -27.07
C VAL D 65 5.28 11.59 -25.94
N ALA D 66 5.24 10.27 -25.79
CA ALA D 66 4.39 9.58 -24.83
C ALA D 66 5.21 8.97 -23.72
N ALA D 67 4.69 9.05 -22.49
CA ALA D 67 5.20 8.21 -21.42
C ALA D 67 4.81 6.77 -21.69
N GLN D 68 5.64 5.85 -21.23
CA GLN D 68 5.35 4.43 -21.42
C GLN D 68 4.42 3.86 -20.37
N ASN D 69 4.02 4.65 -19.36
CA ASN D 69 3.19 4.18 -18.24
C ASN D 69 2.99 5.37 -17.32
N CYS D 70 1.98 5.26 -16.46
CA CYS D 70 1.76 6.23 -15.38
C CYS D 70 0.78 5.61 -14.40
N TYR D 71 0.51 6.34 -13.32
CA TYR D 71 -0.35 5.82 -12.28
C TYR D 71 -1.71 6.52 -12.35
N LYS D 72 -2.59 6.26 -11.38
CA LYS D 72 -4.01 6.55 -11.51
C LYS D 72 -4.54 7.65 -10.60
N VAL D 73 -3.68 8.38 -9.87
CA VAL D 73 -4.04 9.62 -9.20
C VAL D 73 -2.94 10.64 -9.49
N SER D 74 -3.20 11.91 -9.18
CA SER D 74 -2.28 12.97 -9.62
C SER D 74 -1.02 13.10 -8.78
N LYS D 75 -1.07 12.73 -7.51
CA LYS D 75 0.08 12.86 -6.60
C LYS D 75 -0.15 11.90 -5.45
N GLY D 76 0.88 11.59 -4.71
CA GLY D 76 0.71 10.84 -3.48
C GLY D 76 1.87 9.89 -3.20
N ALA D 77 1.64 9.03 -2.20
CA ALA D 77 2.63 8.11 -1.64
C ALA D 77 2.77 6.88 -2.53
N PHE D 78 3.40 7.07 -3.69
CA PHE D 78 3.58 6.00 -4.65
C PHE D 78 4.99 6.13 -5.22
N THR D 79 5.96 5.76 -4.40
CA THR D 79 7.37 5.83 -4.76
C THR D 79 7.66 5.09 -6.06
N GLY D 80 8.31 5.78 -6.98
CA GLY D 80 8.64 5.20 -8.26
C GLY D 80 7.63 5.46 -9.37
N GLU D 81 6.46 6.01 -9.06
CA GLU D 81 5.40 6.26 -10.04
C GLU D 81 5.38 7.71 -10.52
N ILE D 82 4.79 7.92 -11.71
CA ILE D 82 4.57 9.25 -12.24
C ILE D 82 3.08 9.39 -12.57
N SER D 83 2.59 10.61 -12.57
CA SER D 83 1.17 10.82 -12.82
C SER D 83 0.94 11.56 -14.12
N PRO D 84 -0.26 11.48 -14.69
CA PRO D 84 -0.58 12.28 -15.88
C PRO D 84 -0.28 13.76 -15.74
N ALA D 85 -0.57 14.36 -14.58
CA ALA D 85 -0.23 15.76 -14.34
C ALA D 85 1.26 16.02 -14.52
N MET D 86 2.10 15.10 -14.04
CA MET D 86 3.53 15.30 -14.23
C MET D 86 3.89 15.24 -15.71
N ILE D 87 3.26 14.29 -16.42
CA ILE D 87 3.48 14.13 -17.85
C ILE D 87 3.04 15.39 -18.59
N ARG D 88 1.90 15.98 -18.20
CA ARG D 88 1.50 17.27 -18.77
C ARG D 88 2.50 18.35 -18.42
N ASP D 89 2.89 18.40 -17.14
CA ASP D 89 3.79 19.47 -16.69
C ASP D 89 5.07 19.53 -17.51
N ILE D 90 5.59 18.39 -17.96
CA ILE D 90 6.81 18.42 -18.74
C ILE D 90 6.46 18.56 -20.21
N GLY D 91 5.17 18.75 -20.51
CA GLY D 91 4.77 19.14 -21.85
C GLY D 91 4.38 18.02 -22.77
N CYS D 92 4.25 16.79 -22.27
CA CYS D 92 3.84 15.66 -23.08
C CYS D 92 2.33 15.45 -22.94
N ASP D 93 1.69 14.98 -24.02
CA ASP D 93 0.25 14.81 -24.02
C ASP D 93 -0.21 13.38 -24.26
N TRP D 94 0.70 12.39 -24.22
CA TRP D 94 0.39 11.00 -24.51
C TRP D 94 0.94 10.06 -23.44
N VAL D 95 0.22 8.96 -23.21
CA VAL D 95 0.73 7.87 -22.39
C VAL D 95 0.27 6.54 -22.98
N ILE D 96 1.14 5.54 -22.91
CA ILE D 96 0.79 4.17 -23.28
C ILE D 96 0.38 3.43 -22.01
N LEU D 97 -0.77 2.77 -22.02
CA LEU D 97 -1.28 2.10 -20.83
C LEU D 97 -1.71 0.68 -21.16
N GLY D 98 -1.46 -0.26 -20.25
CA GLY D 98 -1.90 -1.62 -20.46
C GLY D 98 -1.01 -2.44 -21.38
N HIS D 99 0.20 -1.98 -21.65
CA HIS D 99 1.07 -2.76 -22.52
C HIS D 99 1.26 -4.18 -21.96
N SER D 100 1.41 -5.14 -22.87
CA SER D 100 1.54 -6.53 -22.44
C SER D 100 2.63 -6.72 -21.38
N GLU D 101 3.71 -5.94 -21.43
CA GLU D 101 4.77 -6.13 -20.46
C GLU D 101 4.35 -5.68 -19.06
N ARG D 102 3.57 -4.60 -18.94
CA ARG D 102 3.01 -4.24 -17.64
C ARG D 102 1.98 -5.27 -17.16
N ARG D 103 1.13 -5.74 -18.07
CA ARG D 103 0.12 -6.72 -17.70
C ARG D 103 0.77 -8.03 -17.25
N ASN D 104 1.71 -8.55 -18.04
CA ASN D 104 2.33 -9.84 -17.73
C ASN D 104 3.40 -9.68 -16.64
N ILE D 105 4.49 -8.99 -16.96
CA ILE D 105 5.67 -8.98 -16.10
C ILE D 105 5.40 -8.30 -14.77
N PHE D 106 4.61 -7.22 -14.77
CA PHE D 106 4.33 -6.50 -13.54
C PHE D 106 2.91 -6.72 -13.04
N GLY D 107 2.18 -7.66 -13.64
CA GLY D 107 0.88 -8.05 -13.11
C GLY D 107 -0.12 -6.94 -12.97
N GLU D 108 -0.14 -5.97 -13.88
CA GLU D 108 -1.18 -4.96 -13.85
C GLU D 108 -2.49 -5.61 -14.28
N SER D 109 -3.52 -5.50 -13.45
CA SER D 109 -4.81 -6.11 -13.75
C SER D 109 -5.57 -5.30 -14.79
N ASP D 110 -6.58 -5.95 -15.38
CA ASP D 110 -7.53 -5.28 -16.25
C ASP D 110 -8.11 -4.03 -15.60
N GLU D 111 -8.50 -4.12 -14.33
CA GLU D 111 -9.16 -2.99 -13.70
C GLU D 111 -8.18 -1.87 -13.39
N LEU D 112 -6.97 -2.23 -12.95
CA LEU D 112 -5.98 -1.19 -12.71
C LEU D 112 -5.67 -0.42 -13.99
N ILE D 113 -5.59 -1.13 -15.14
CA ILE D 113 -5.39 -0.42 -16.42
C ILE D 113 -6.55 0.53 -16.67
N ALA D 114 -7.77 0.02 -16.50
CA ALA D 114 -8.96 0.84 -16.72
C ALA D 114 -8.93 2.09 -15.87
N GLU D 115 -8.55 1.96 -14.60
CA GLU D 115 -8.47 3.13 -13.72
C GLU D 115 -7.42 4.10 -14.22
N LYS D 116 -6.24 3.59 -14.61
CA LYS D 116 -5.21 4.44 -15.20
C LYS D 116 -5.74 5.18 -16.43
N VAL D 117 -6.46 4.46 -17.30
CA VAL D 117 -6.98 5.11 -18.52
C VAL D 117 -7.96 6.22 -18.16
N GLN D 118 -8.91 5.94 -17.26
CA GLN D 118 -9.88 6.96 -16.87
C GLN D 118 -9.17 8.19 -16.32
N HIS D 119 -8.14 8.01 -15.49
CA HIS D 119 -7.47 9.15 -14.90
C HIS D 119 -6.63 9.91 -15.92
N ALA D 120 -5.97 9.21 -16.85
CA ALA D 120 -5.20 9.91 -17.87
C ALA D 120 -6.12 10.78 -18.73
N LEU D 121 -7.26 10.21 -19.13
CA LEU D 121 -8.22 10.97 -19.93
C LEU D 121 -8.80 12.15 -19.14
N ALA D 122 -9.11 11.95 -17.85
CA ALA D 122 -9.59 13.04 -17.01
C ALA D 122 -8.60 14.20 -16.98
N GLU D 123 -7.31 13.91 -17.03
CA GLU D 123 -6.27 14.91 -17.04
C GLU D 123 -6.04 15.54 -18.40
N GLY D 124 -6.74 15.08 -19.43
CA GLY D 124 -6.59 15.66 -20.76
C GLY D 124 -5.53 15.02 -21.64
N LEU D 125 -4.86 13.96 -21.17
CA LEU D 125 -3.97 13.18 -22.01
C LEU D 125 -4.76 12.41 -23.07
N SER D 126 -4.07 12.03 -24.13
CA SER D 126 -4.53 10.97 -25.02
C SER D 126 -3.76 9.70 -24.65
N VAL D 127 -4.38 8.53 -24.91
CA VAL D 127 -3.94 7.25 -24.39
C VAL D 127 -3.84 6.22 -25.52
N ILE D 128 -2.69 5.56 -25.67
CA ILE D 128 -2.62 4.32 -26.42
C ILE D 128 -2.95 3.18 -25.45
N ALA D 129 -4.12 2.56 -25.63
CA ALA D 129 -4.60 1.53 -24.74
C ALA D 129 -4.36 0.18 -25.40
N CYS D 130 -3.60 -0.68 -24.72
CA CYS D 130 -3.10 -1.92 -25.31
C CYS D 130 -3.90 -3.11 -24.82
N ILE D 131 -4.22 -4.03 -25.76
CA ILE D 131 -4.94 -5.26 -25.48
C ILE D 131 -4.31 -6.39 -26.31
N GLY D 132 -4.62 -7.63 -25.96
CA GLY D 132 -4.17 -8.74 -26.78
C GLY D 132 -4.06 -10.03 -26.00
N GLU D 133 -4.10 -11.14 -26.75
CA GLU D 133 -4.13 -12.49 -26.22
C GLU D 133 -2.79 -13.21 -26.36
N THR D 134 -2.57 -14.20 -25.50
CA THR D 134 -1.42 -15.08 -25.57
C THR D 134 -1.60 -16.17 -26.63
N LEU D 135 -0.52 -16.90 -26.89
CA LEU D 135 -0.60 -18.05 -27.80
C LEU D 135 -1.60 -19.08 -27.29
N SER D 136 -1.55 -19.37 -25.99
CA SER D 136 -2.51 -20.28 -25.37
C SER D 136 -3.93 -19.81 -25.59
N GLU D 137 -4.20 -18.54 -25.31
CA GLU D 137 -5.54 -18.01 -25.50
C GLU D 137 -5.99 -18.13 -26.96
N ARG D 138 -5.09 -17.82 -27.91
CA ARG D 138 -5.50 -17.93 -29.30
C ARG D 138 -5.74 -19.39 -29.69
N GLU D 139 -4.90 -20.32 -29.21
CA GLU D 139 -5.08 -21.72 -29.54
C GLU D 139 -6.38 -22.27 -28.97
N SER D 140 -6.87 -21.67 -27.90
CA SER D 140 -8.14 -22.04 -27.30
C SER D 140 -9.32 -21.28 -27.93
N ASN D 141 -9.09 -20.54 -29.00
CA ASN D 141 -10.11 -19.68 -29.62
C ASN D 141 -10.77 -18.76 -28.60
N LYS D 142 -9.96 -18.16 -27.71
CA LYS D 142 -10.47 -17.15 -26.78
C LYS D 142 -9.98 -15.73 -27.12
N THR D 143 -9.47 -15.52 -28.34
CA THR D 143 -8.93 -14.21 -28.72
C THR D 143 -9.94 -13.08 -28.50
N GLU D 144 -11.15 -13.25 -29.04
CA GLU D 144 -12.17 -12.21 -28.90
C GLU D 144 -12.60 -12.05 -27.45
N GLU D 145 -12.81 -13.18 -26.76
CA GLU D 145 -13.11 -13.14 -25.33
C GLU D 145 -12.08 -12.32 -24.58
N VAL D 146 -10.79 -12.58 -24.81
CA VAL D 146 -9.74 -11.89 -24.06
C VAL D 146 -9.73 -10.40 -24.39
N CYS D 147 -9.76 -10.04 -25.67
CA CYS D 147 -9.72 -8.62 -26.04
C CYS D 147 -10.94 -7.86 -25.54
N VAL D 148 -12.12 -8.45 -25.65
CA VAL D 148 -13.33 -7.78 -25.18
C VAL D 148 -13.27 -7.57 -23.67
N ARG D 149 -12.77 -8.57 -22.94
CA ARG D 149 -12.66 -8.43 -21.48
C ARG D 149 -11.69 -7.31 -21.10
N GLN D 150 -10.54 -7.23 -21.77
CA GLN D 150 -9.61 -6.12 -21.52
C GLN D 150 -10.22 -4.79 -21.94
N LEU D 151 -10.90 -4.76 -23.07
CA LEU D 151 -11.47 -3.51 -23.55
C LEU D 151 -12.66 -3.07 -22.70
N LYS D 152 -13.51 -4.02 -22.29
CA LYS D 152 -14.71 -3.66 -21.55
C LYS D 152 -14.37 -2.99 -20.22
N ALA D 153 -13.39 -3.52 -19.50
CA ALA D 153 -12.95 -2.85 -18.27
C ALA D 153 -12.67 -1.38 -18.53
N ILE D 154 -12.00 -1.08 -19.66
CA ILE D 154 -11.68 0.30 -20.01
C ILE D 154 -12.95 1.08 -20.41
N ALA D 155 -13.79 0.46 -21.23
CA ALA D 155 -15.01 1.12 -21.70
C ALA D 155 -15.95 1.45 -20.55
N ASN D 156 -15.99 0.58 -19.52
CA ASN D 156 -16.85 0.85 -18.37
C ASN D 156 -16.53 2.17 -17.70
N LYS D 157 -15.27 2.61 -17.76
CA LYS D 157 -14.84 3.80 -17.05
C LYS D 157 -14.95 5.07 -17.90
N ILE D 158 -15.24 4.95 -19.20
CA ILE D 158 -15.25 6.08 -20.12
C ILE D 158 -16.71 6.45 -20.39
N LYS D 159 -17.03 7.75 -20.29
CA LYS D 159 -18.42 8.19 -20.22
C LYS D 159 -18.86 9.04 -21.41
N SER D 160 -17.97 9.36 -22.34
CA SER D 160 -18.36 10.21 -23.46
C SER D 160 -17.51 9.86 -24.68
N ALA D 161 -18.12 10.09 -25.85
CA ALA D 161 -17.38 9.95 -27.11
C ALA D 161 -16.26 10.97 -27.20
N ASP D 162 -16.30 12.05 -26.42
CA ASP D 162 -15.19 13.00 -26.44
C ASP D 162 -13.95 12.39 -25.79
N GLU D 163 -14.14 11.61 -24.72
CA GLU D 163 -13.03 10.89 -24.12
C GLU D 163 -12.53 9.81 -25.06
N TRP D 164 -13.45 9.10 -25.73
CA TRP D 164 -13.04 8.07 -26.66
C TRP D 164 -12.21 8.66 -27.79
N LYS D 165 -12.44 9.93 -28.13
CA LYS D 165 -11.67 10.57 -29.20
C LYS D 165 -10.19 10.55 -28.89
N ARG D 166 -9.83 10.60 -27.61
CA ARG D 166 -8.44 10.68 -27.21
C ARG D 166 -7.85 9.31 -26.89
N VAL D 167 -8.49 8.24 -27.36
CA VAL D 167 -8.01 6.88 -27.15
C VAL D 167 -7.60 6.28 -28.49
N VAL D 168 -6.43 5.67 -28.54
CA VAL D 168 -6.01 4.81 -29.64
C VAL D 168 -5.88 3.40 -29.08
N VAL D 169 -6.52 2.43 -29.72
CA VAL D 169 -6.50 1.05 -29.24
C VAL D 169 -5.37 0.33 -29.97
N ALA D 170 -4.42 -0.23 -29.20
CA ALA D 170 -3.33 -1.04 -29.77
C ALA D 170 -3.66 -2.50 -29.54
N TYR D 171 -4.05 -3.20 -30.59
CA TYR D 171 -4.20 -4.64 -30.53
C TYR D 171 -2.84 -5.26 -30.79
N GLU D 172 -2.30 -5.99 -29.81
CA GLU D 172 -0.98 -6.59 -29.88
C GLU D 172 -1.06 -8.02 -29.39
N PRO D 173 -1.14 -8.97 -30.31
CA PRO D 173 -1.12 -10.38 -29.91
C PRO D 173 0.15 -10.63 -29.11
N VAL D 174 -0.01 -11.14 -27.88
CA VAL D 174 1.16 -11.33 -27.04
C VAL D 174 2.19 -12.22 -27.74
N TRP D 175 1.73 -13.24 -28.46
CA TRP D 175 2.62 -14.14 -29.20
C TRP D 175 3.33 -13.45 -30.36
N ALA D 176 2.98 -12.21 -30.68
CA ALA D 176 3.68 -11.48 -31.73
C ALA D 176 4.69 -10.48 -31.18
N ILE D 177 4.71 -10.22 -29.88
CA ILE D 177 5.54 -9.16 -29.31
C ILE D 177 6.95 -9.71 -29.04
N GLY D 178 7.92 -9.19 -29.79
CA GLY D 178 9.32 -9.55 -29.61
C GLY D 178 9.68 -10.95 -30.03
N THR D 179 8.85 -11.62 -30.83
CA THR D 179 9.11 -13.00 -31.19
C THR D 179 9.50 -13.21 -32.64
N GLY D 180 9.37 -12.19 -33.48
CA GLY D 180 9.48 -12.35 -34.92
C GLY D 180 8.28 -12.99 -35.59
N LYS D 181 7.27 -13.41 -34.83
CA LYS D 181 6.09 -14.06 -35.37
C LYS D 181 4.97 -13.03 -35.52
N VAL D 182 5.04 -12.27 -36.62
CA VAL D 182 4.05 -11.22 -36.87
C VAL D 182 2.72 -11.84 -37.27
N ALA D 183 1.63 -11.16 -36.92
CA ALA D 183 0.32 -11.57 -37.41
C ALA D 183 0.26 -11.37 -38.92
N THR D 184 -0.35 -12.34 -39.61
CA THR D 184 -0.63 -12.17 -41.03
C THR D 184 -1.63 -11.04 -41.22
N PRO D 185 -1.67 -10.44 -42.42
CA PRO D 185 -2.69 -9.40 -42.66
C PRO D 185 -4.11 -9.89 -42.37
N GLN D 186 -4.46 -11.10 -42.82
CA GLN D 186 -5.77 -11.66 -42.51
C GLN D 186 -5.98 -11.74 -41.00
N GLN D 187 -4.96 -12.16 -40.26
CA GLN D 187 -5.13 -12.33 -38.82
C GLN D 187 -5.41 -10.98 -38.15
N ALA D 188 -4.58 -9.98 -38.46
CA ALA D 188 -4.81 -8.64 -37.93
C ALA D 188 -6.20 -8.13 -38.30
N GLN D 189 -6.53 -8.17 -39.60
CA GLN D 189 -7.82 -7.65 -40.08
C GLN D 189 -8.99 -8.32 -39.39
N GLU D 190 -8.89 -9.63 -39.16
CA GLU D 190 -9.93 -10.38 -38.46
C GLU D 190 -10.23 -9.79 -37.08
N VAL D 191 -9.18 -9.50 -36.31
CA VAL D 191 -9.39 -8.99 -34.96
C VAL D 191 -9.88 -7.54 -34.99
N HIS D 192 -9.19 -6.69 -35.76
CA HIS D 192 -9.58 -5.29 -35.86
C HIS D 192 -11.01 -5.13 -36.34
N ASN D 193 -11.42 -5.95 -37.32
CA ASN D 193 -12.80 -5.92 -37.79
C ASN D 193 -13.76 -6.25 -36.65
N PHE D 194 -13.44 -7.26 -35.86
CA PHE D 194 -14.30 -7.65 -34.76
C PHE D 194 -14.37 -6.54 -33.71
N LEU D 195 -13.23 -5.92 -33.39
CA LEU D 195 -13.21 -4.90 -32.36
C LEU D 195 -14.00 -3.68 -32.80
N ARG D 196 -13.86 -3.26 -34.07
CA ARG D 196 -14.65 -2.13 -34.56
C ARG D 196 -16.14 -2.44 -34.47
N LYS D 197 -16.54 -3.66 -34.80
CA LYS D 197 -17.92 -4.08 -34.59
C LYS D 197 -18.33 -3.95 -33.12
N TRP D 198 -17.51 -4.49 -32.21
CA TRP D 198 -17.84 -4.39 -30.79
C TRP D 198 -18.01 -2.93 -30.38
N PHE D 199 -17.20 -2.04 -30.96
CA PHE D 199 -17.30 -0.62 -30.64
C PHE D 199 -18.65 -0.04 -31.07
N LYS D 200 -19.23 -0.53 -32.16
CA LYS D 200 -20.48 0.02 -32.68
C LYS D 200 -21.60 -0.10 -31.66
N THR D 201 -21.60 -1.20 -30.90
CA THR D 201 -22.65 -1.52 -29.94
C THR D 201 -22.29 -1.09 -28.51
N ASN D 202 -21.01 -0.98 -28.17
CA ASN D 202 -20.61 -0.82 -26.78
C ASN D 202 -19.96 0.52 -26.47
N ALA D 203 -19.81 1.40 -27.44
CA ALA D 203 -19.36 2.76 -27.24
C ALA D 203 -20.43 3.70 -27.80
N PRO D 204 -20.41 4.98 -27.39
CA PRO D 204 -21.34 5.96 -27.97
C PRO D 204 -21.32 5.93 -29.49
N ASN D 205 -22.50 6.18 -30.09
CA ASN D 205 -22.63 6.14 -31.53
C ASN D 205 -21.56 6.99 -32.19
N GLY D 206 -21.02 6.50 -33.31
CA GLY D 206 -19.98 7.19 -34.03
C GLY D 206 -18.55 6.93 -33.57
N VAL D 207 -18.35 6.37 -32.37
CA VAL D 207 -16.98 6.10 -31.93
C VAL D 207 -16.33 5.07 -32.84
N ASP D 208 -17.05 3.97 -33.14
CA ASP D 208 -16.51 2.88 -33.93
C ASP D 208 -15.84 3.37 -35.21
N GLU D 209 -16.42 4.38 -35.87
CA GLU D 209 -15.85 4.83 -37.13
C GLU D 209 -14.70 5.81 -36.97
N LYS D 210 -14.54 6.43 -35.80
CA LYS D 210 -13.43 7.36 -35.58
C LYS D 210 -12.23 6.74 -34.85
N ILE D 211 -12.43 5.71 -34.03
CA ILE D 211 -11.34 5.25 -33.18
C ILE D 211 -10.29 4.55 -34.02
N ARG D 212 -9.01 4.94 -33.84
CA ARG D 212 -7.93 4.25 -34.51
C ARG D 212 -7.60 2.97 -33.76
N ILE D 213 -7.57 1.86 -34.49
CA ILE D 213 -7.18 0.57 -33.92
C ILE D 213 -5.91 0.17 -34.67
N ILE D 214 -4.76 0.24 -33.96
CA ILE D 214 -3.44 0.01 -34.53
C ILE D 214 -2.97 -1.37 -34.11
N TYR D 215 -2.13 -1.97 -34.96
CA TYR D 215 -1.63 -3.32 -34.74
C TYR D 215 -0.17 -3.24 -34.30
N GLY D 216 0.23 -4.14 -33.42
CA GLY D 216 1.61 -4.21 -32.97
C GLY D 216 2.02 -5.65 -32.70
N GLY D 217 3.31 -5.88 -32.78
CA GLY D 217 3.85 -7.21 -32.61
C GLY D 217 4.68 -7.60 -33.83
N SER D 218 5.99 -7.38 -33.75
CA SER D 218 6.91 -7.72 -34.83
C SER D 218 6.60 -6.95 -36.12
N VAL D 219 6.13 -5.71 -36.02
CA VAL D 219 6.01 -4.88 -37.21
C VAL D 219 7.41 -4.48 -37.66
N THR D 220 7.76 -4.81 -38.90
CA THR D 220 9.00 -4.36 -39.53
C THR D 220 8.66 -3.62 -40.81
N ALA D 221 9.66 -2.93 -41.37
CA ALA D 221 9.45 -2.29 -42.67
C ALA D 221 9.20 -3.32 -43.76
N ALA D 222 9.69 -4.55 -43.58
CA ALA D 222 9.43 -5.62 -44.52
C ALA D 222 7.95 -6.01 -44.58
N ASN D 223 7.28 -6.15 -43.42
CA ASN D 223 5.91 -6.64 -43.42
C ASN D 223 4.85 -5.53 -43.27
N CYS D 224 5.24 -4.26 -43.28
CA CYS D 224 4.30 -3.24 -42.82
C CYS D 224 3.36 -2.73 -43.89
N LYS D 225 3.70 -2.83 -45.18
CA LYS D 225 2.83 -2.28 -46.21
C LYS D 225 1.56 -3.11 -46.36
N GLU D 226 1.66 -4.43 -46.30
CA GLU D 226 0.49 -5.27 -46.53
C GLU D 226 -0.47 -5.21 -45.35
N LEU D 227 0.07 -5.14 -44.13
CA LEU D 227 -0.76 -4.93 -42.94
C LEU D 227 -1.56 -3.64 -43.03
N ALA D 228 -0.92 -2.55 -43.49
CA ALA D 228 -1.57 -1.25 -43.54
C ALA D 228 -2.71 -1.22 -44.55
N GLN D 229 -2.64 -2.09 -45.57
CA GLN D 229 -3.67 -2.15 -46.60
C GLN D 229 -4.98 -2.72 -46.07
N GLN D 230 -4.99 -3.32 -44.88
CA GLN D 230 -6.19 -3.94 -44.35
C GLN D 230 -7.18 -2.87 -43.91
N HIS D 231 -8.46 -3.13 -44.17
CA HIS D 231 -9.49 -2.09 -44.06
C HIS D 231 -9.63 -1.55 -42.64
N ASP D 232 -9.36 -2.36 -41.62
CA ASP D 232 -9.60 -1.90 -40.26
C ASP D 232 -8.31 -1.72 -39.48
N VAL D 233 -7.17 -1.78 -40.13
CA VAL D 233 -5.87 -1.52 -39.50
C VAL D 233 -5.52 -0.07 -39.76
N ASP D 234 -5.45 0.72 -38.68
CA ASP D 234 -5.20 2.16 -38.78
C ASP D 234 -3.75 2.53 -38.50
N GLY D 235 -2.84 1.57 -38.41
CA GLY D 235 -1.46 1.91 -38.15
C GLY D 235 -0.80 0.90 -37.24
N PHE D 236 0.26 1.33 -36.55
CA PHE D 236 1.12 0.39 -35.86
C PHE D 236 1.62 0.92 -34.52
N LEU D 237 1.90 -0.02 -33.61
CA LEU D 237 2.72 0.22 -32.43
C LEU D 237 3.97 -0.63 -32.59
N VAL D 238 5.14 0.02 -32.57
CA VAL D 238 6.39 -0.58 -33.03
C VAL D 238 7.38 -0.57 -31.88
N GLY D 239 7.89 -1.75 -31.52
CA GLY D 239 8.87 -1.90 -30.47
C GLY D 239 10.29 -1.95 -31.02
N GLY D 240 10.83 -3.17 -31.16
CA GLY D 240 12.15 -3.40 -31.70
C GLY D 240 12.55 -2.49 -32.85
N ALA D 241 11.71 -2.45 -33.90
CA ALA D 241 12.03 -1.66 -35.08
C ALA D 241 11.94 -0.16 -34.85
N SER D 242 11.33 0.29 -33.74
CA SER D 242 11.25 1.72 -33.46
C SER D 242 12.60 2.33 -33.09
N LEU D 243 13.60 1.51 -32.76
CA LEU D 243 14.94 2.00 -32.46
C LEU D 243 15.86 2.03 -33.69
N LYS D 244 15.40 1.52 -34.83
CA LYS D 244 16.19 1.35 -36.04
C LYS D 244 15.78 2.38 -37.09
N PRO D 245 16.66 2.69 -38.06
CA PRO D 245 16.29 3.69 -39.08
C PRO D 245 15.02 3.34 -39.84
N GLU D 246 14.68 2.06 -39.99
CA GLU D 246 13.50 1.69 -40.75
C GLU D 246 12.20 2.20 -40.15
N PHE D 247 12.21 2.74 -38.91
CA PHE D 247 10.99 3.29 -38.34
C PHE D 247 10.36 4.34 -39.25
N THR D 248 11.19 5.18 -39.89
CA THR D 248 10.63 6.20 -40.78
C THR D 248 9.94 5.57 -41.98
N GLU D 249 10.45 4.44 -42.47
CA GLU D 249 9.75 3.71 -43.52
C GLU D 249 8.42 3.15 -43.01
N ILE D 250 8.44 2.62 -41.78
CA ILE D 250 7.20 2.07 -41.21
C ILE D 250 6.14 3.15 -41.13
N CYS D 251 6.54 4.38 -40.77
CA CYS D 251 5.61 5.49 -40.73
C CYS D 251 5.02 5.77 -42.10
N LYS D 252 5.78 5.46 -43.16
CA LYS D 252 5.28 5.56 -44.54
C LYS D 252 4.66 4.25 -45.00
N ALA D 253 3.95 3.52 -44.14
CA ALA D 253 3.39 2.24 -44.54
C ALA D 253 2.19 2.40 -45.47
N ARG D 254 1.39 3.45 -45.26
CA ARG D 254 0.26 3.64 -46.15
C ARG D 254 0.67 4.17 -47.51
N GLN D 255 1.97 4.38 -47.75
CA GLN D 255 2.46 4.81 -49.05
C GLN D 255 2.67 3.63 -50.00
N SER E 7 4.59 -14.38 58.80
CA SER E 7 5.67 -13.95 57.91
C SER E 7 5.13 -13.08 56.78
N ARG E 8 6.01 -12.28 56.17
CA ARG E 8 5.58 -11.28 55.20
C ARG E 8 5.17 -11.94 53.89
N LYS E 9 4.01 -11.55 53.38
CA LYS E 9 3.54 -12.02 52.08
C LYS E 9 4.45 -11.50 50.96
N PHE E 10 4.90 -12.40 50.09
CA PHE E 10 5.64 -12.02 48.90
C PHE E 10 4.78 -11.10 48.03
N PHE E 11 5.42 -10.07 47.45
CA PHE E 11 4.72 -8.99 46.76
C PHE E 11 5.38 -8.71 45.42
N VAL E 12 4.66 -8.93 44.32
CA VAL E 12 5.17 -8.58 43.00
C VAL E 12 4.19 -7.62 42.32
N GLY E 13 4.69 -6.48 41.91
CA GLY E 13 3.88 -5.48 41.21
C GLY E 13 4.40 -5.21 39.81
N GLY E 14 3.47 -5.08 38.87
CA GLY E 14 3.80 -4.74 37.51
C GLY E 14 3.51 -3.29 37.16
N ASN E 15 4.56 -2.50 36.94
CA ASN E 15 4.43 -1.10 36.55
C ASN E 15 4.52 -1.02 35.03
N TRP E 16 3.36 -0.86 34.38
CA TRP E 16 3.31 -0.72 32.93
C TRP E 16 3.88 0.61 32.43
N LYS E 17 3.97 1.62 33.30
CA LYS E 17 4.46 2.97 32.93
C LYS E 17 3.54 3.47 31.80
N MET E 18 4.08 4.19 30.81
CA MET E 18 3.23 4.77 29.77
C MET E 18 3.13 3.79 28.59
N ASN E 19 2.47 2.66 28.88
CA ASN E 19 2.25 1.61 27.90
C ASN E 19 0.85 1.08 28.11
N GLY E 20 0.08 0.95 27.03
CA GLY E 20 -1.27 0.47 27.12
C GLY E 20 -2.17 0.92 25.98
N SER E 21 -3.19 0.09 25.72
CA SER E 21 -4.19 0.13 24.66
C SER E 21 -5.18 -0.98 24.96
N ARG E 22 -6.43 -0.80 24.55
CA ARG E 22 -7.43 -1.86 24.76
C ARG E 22 -6.91 -3.23 24.30
N ASP E 23 -6.24 -3.27 23.14
CA ASP E 23 -5.79 -4.55 22.59
C ASP E 23 -4.61 -5.12 23.38
N ASP E 24 -3.57 -4.33 23.60
CA ASP E 24 -2.46 -4.80 24.43
C ASP E 24 -2.93 -5.14 25.83
N ASN E 25 -3.78 -4.28 26.40
CA ASN E 25 -4.22 -4.50 27.77
C ASN E 25 -4.99 -5.82 27.90
N ASP E 26 -5.86 -6.12 26.93
CA ASP E 26 -6.63 -7.36 26.95
C ASP E 26 -5.71 -8.59 26.95
N LYS E 27 -4.67 -8.58 26.11
CA LYS E 27 -3.74 -9.70 26.05
C LYS E 27 -3.01 -9.91 27.37
N LEU E 28 -2.60 -8.82 28.02
CA LEU E 28 -1.86 -8.94 29.28
C LEU E 28 -2.76 -9.46 30.39
N LEU E 29 -3.98 -8.95 30.47
CA LEU E 29 -4.93 -9.42 31.48
C LEU E 29 -5.25 -10.90 31.29
N LYS E 30 -5.25 -11.39 30.04
CA LYS E 30 -5.46 -12.81 29.81
C LYS E 30 -4.38 -13.65 30.47
N LEU E 31 -3.11 -13.27 30.27
CA LEU E 31 -2.01 -14.00 30.90
C LEU E 31 -2.08 -13.92 32.42
N LEU E 32 -2.45 -12.76 32.97
CA LEU E 32 -2.54 -12.61 34.42
C LEU E 32 -3.63 -13.51 35.01
N SER E 33 -4.78 -13.62 34.33
CA SER E 33 -5.91 -14.37 34.88
C SER E 33 -5.67 -15.88 34.82
N GLU E 34 -5.12 -16.38 33.72
CA GLU E 34 -4.90 -17.82 33.63
C GLU E 34 -3.69 -18.29 34.43
N ALA E 35 -2.86 -17.38 34.93
CA ALA E 35 -1.78 -17.76 35.82
C ALA E 35 -2.33 -18.22 37.17
N HIS E 36 -1.54 -19.06 37.86
CA HIS E 36 -1.93 -19.64 39.14
C HIS E 36 -0.85 -19.31 40.16
N PHE E 37 -1.22 -18.60 41.22
CA PHE E 37 -0.28 -18.02 42.16
C PHE E 37 -0.35 -18.67 43.53
N ASP E 38 0.80 -18.71 44.21
CA ASP E 38 1.02 -19.57 45.38
C ASP E 38 0.16 -19.22 46.59
N ASP E 39 -0.65 -18.15 46.53
CA ASP E 39 -1.41 -17.64 47.68
C ASP E 39 -0.48 -17.12 48.77
N ASN E 40 0.79 -17.53 48.77
CA ASN E 40 1.82 -16.84 49.53
C ASN E 40 2.34 -15.60 48.80
N THR E 41 1.70 -15.22 47.68
CA THR E 41 2.17 -14.16 46.82
C THR E 41 1.04 -13.18 46.52
N GLU E 42 1.35 -11.88 46.66
CA GLU E 42 0.41 -10.79 46.42
C GLU E 42 0.83 -10.11 45.12
N VAL E 43 -0.11 -9.98 44.18
CA VAL E 43 0.18 -9.50 42.83
C VAL E 43 -0.60 -8.22 42.54
N LEU E 44 0.04 -7.29 41.84
CA LEU E 44 -0.52 -5.98 41.53
C LEU E 44 -0.06 -5.56 40.14
N ILE E 45 -0.95 -4.90 39.42
CA ILE E 45 -0.58 -4.27 38.15
C ILE E 45 -0.91 -2.78 38.24
N ALA E 46 -0.19 -1.98 37.46
CA ALA E 46 -0.37 -0.53 37.45
C ALA E 46 -0.47 0.00 36.02
N PRO E 47 -1.68 0.07 35.46
CA PRO E 47 -1.84 0.56 34.08
C PRO E 47 -1.93 2.07 34.03
N PRO E 48 -1.82 2.67 32.84
CA PRO E 48 -2.05 4.13 32.72
C PRO E 48 -3.44 4.53 33.21
N SER E 49 -3.54 5.78 33.66
CA SER E 49 -4.73 6.22 34.40
C SER E 49 -6.01 6.12 33.57
N VAL E 50 -5.93 6.27 32.25
CA VAL E 50 -7.15 6.21 31.42
C VAL E 50 -7.72 4.80 31.35
N PHE E 51 -6.94 3.77 31.67
CA PHE E 51 -7.42 2.39 31.65
C PHE E 51 -7.74 1.83 33.03
N LEU E 52 -7.52 2.60 34.11
CA LEU E 52 -7.66 2.05 35.46
C LEU E 52 -9.05 1.48 35.72
N HIS E 53 -10.10 2.23 35.36
CA HIS E 53 -11.46 1.82 35.74
C HIS E 53 -11.85 0.52 35.07
N GLU E 54 -11.70 0.45 33.73
CA GLU E 54 -12.19 -0.71 32.99
C GLU E 54 -11.37 -1.94 33.33
N ILE E 55 -10.07 -1.77 33.56
CA ILE E 55 -9.23 -2.91 33.97
C ILE E 55 -9.67 -3.43 35.34
N ARG E 56 -9.91 -2.54 36.30
CA ARG E 56 -10.33 -2.99 37.62
C ARG E 56 -11.69 -3.69 37.57
N LYS E 57 -12.58 -3.26 36.66
CA LYS E 57 -13.87 -3.92 36.53
C LYS E 57 -13.72 -5.33 35.97
N SER E 58 -12.80 -5.52 35.04
CA SER E 58 -12.69 -6.78 34.32
C SER E 58 -11.73 -7.77 34.97
N LEU E 59 -10.82 -7.32 35.82
CA LEU E 59 -9.83 -8.23 36.41
C LEU E 59 -10.32 -8.78 37.75
N LYS E 60 -9.90 -10.01 38.06
CA LYS E 60 -10.27 -10.65 39.32
C LYS E 60 -9.76 -9.83 40.49
N LYS E 61 -10.58 -9.76 41.55
CA LYS E 61 -10.27 -8.91 42.70
C LYS E 61 -8.98 -9.33 43.39
N GLU E 62 -8.58 -10.60 43.28
CA GLU E 62 -7.35 -11.03 43.92
C GLU E 62 -6.14 -10.26 43.42
N ILE E 63 -6.22 -9.69 42.22
CA ILE E 63 -5.12 -8.93 41.62
C ILE E 63 -5.37 -7.44 41.84
N HIS E 64 -4.36 -6.74 42.37
CA HIS E 64 -4.51 -5.32 42.64
C HIS E 64 -4.32 -4.52 41.37
N VAL E 65 -5.06 -3.41 41.28
CA VAL E 65 -4.97 -2.47 40.17
C VAL E 65 -4.63 -1.12 40.77
N ALA E 66 -3.39 -0.67 40.54
CA ALA E 66 -2.83 0.54 41.13
C ALA E 66 -2.75 1.68 40.12
N ALA E 67 -3.08 2.88 40.59
CA ALA E 67 -2.67 4.06 39.84
C ALA E 67 -1.15 4.21 39.88
N GLN E 68 -0.59 4.78 38.80
CA GLN E 68 0.84 5.03 38.77
C GLN E 68 1.25 6.34 39.44
N ASN E 69 0.30 7.14 39.92
CA ASN E 69 0.60 8.46 40.49
C ASN E 69 -0.74 9.03 40.96
N CYS E 70 -0.71 9.94 41.94
CA CYS E 70 -1.87 10.76 42.25
C CYS E 70 -1.36 12.01 42.94
N TYR E 71 -2.27 12.90 43.29
CA TYR E 71 -1.90 14.15 43.94
C TYR E 71 -2.26 14.10 45.42
N LYS E 72 -2.02 15.22 46.11
CA LYS E 72 -1.99 15.24 47.57
C LYS E 72 -3.20 15.95 48.17
N VAL E 73 -4.28 16.13 47.41
CA VAL E 73 -5.48 16.79 47.91
C VAL E 73 -6.68 16.19 47.16
N SER E 74 -7.85 16.21 47.80
CA SER E 74 -8.96 15.41 47.26
C SER E 74 -9.51 15.98 45.98
N LYS E 75 -9.49 17.31 45.83
CA LYS E 75 -10.01 18.03 44.67
C LYS E 75 -9.33 19.38 44.63
N GLY E 76 -9.37 20.01 43.48
CA GLY E 76 -8.90 21.38 43.37
C GLY E 76 -8.38 21.70 41.99
N ALA E 77 -7.69 22.83 41.93
CA ALA E 77 -7.28 23.46 40.67
C ALA E 77 -5.92 22.94 40.24
N PHE E 78 -5.89 21.66 39.88
CA PHE E 78 -4.67 21.00 39.39
C PHE E 78 -5.01 20.26 38.09
N THR E 79 -5.17 21.03 37.01
CA THR E 79 -5.40 20.47 35.69
C THR E 79 -4.39 19.36 35.41
N GLY E 80 -4.91 18.18 35.08
CA GLY E 80 -4.08 17.04 34.75
C GLY E 80 -3.88 16.05 35.88
N GLU E 81 -4.27 16.40 37.11
CA GLU E 81 -4.04 15.52 38.25
C GLU E 81 -5.30 14.73 38.61
N ILE E 82 -5.09 13.59 39.26
CA ILE E 82 -6.16 12.81 39.87
C ILE E 82 -5.88 12.70 41.36
N SER E 83 -6.92 12.40 42.13
CA SER E 83 -6.78 12.35 43.57
C SER E 83 -7.10 10.95 44.09
N PRO E 84 -6.63 10.61 45.29
CA PRO E 84 -7.03 9.34 45.91
C PRO E 84 -8.53 9.10 45.95
N ALA E 85 -9.34 10.14 46.21
CA ALA E 85 -10.78 9.97 46.19
C ALA E 85 -11.26 9.48 44.83
N MET E 86 -10.65 9.96 43.74
CA MET E 86 -11.05 9.46 42.43
C MET E 86 -10.62 8.02 42.23
N ILE E 87 -9.46 7.65 42.78
CA ILE E 87 -8.91 6.30 42.62
C ILE E 87 -9.76 5.29 43.36
N ARG E 88 -10.24 5.67 44.56
CA ARG E 88 -11.24 4.88 45.26
C ARG E 88 -12.58 4.88 44.51
N ASP E 89 -13.01 6.04 44.02
CA ASP E 89 -14.32 6.11 43.35
C ASP E 89 -14.44 5.13 42.18
N ILE E 90 -13.33 4.79 41.52
CA ILE E 90 -13.38 3.84 40.41
C ILE E 90 -13.05 2.42 40.86
N GLY E 91 -13.02 2.16 42.15
CA GLY E 91 -12.81 0.81 42.65
C GLY E 91 -11.38 0.34 42.80
N CYS E 92 -10.40 1.23 42.71
CA CYS E 92 -9.02 0.83 42.95
C CYS E 92 -8.60 1.18 44.38
N ASP E 93 -7.62 0.45 44.89
N ASP E 93 -7.63 0.45 44.90
CA ASP E 93 -7.21 0.56 46.29
CA ASP E 93 -7.21 0.57 46.30
C ASP E 93 -5.71 0.79 46.45
C ASP E 93 -5.71 0.81 46.45
N TRP E 94 -5.00 1.05 45.36
CA TRP E 94 -3.54 1.15 45.39
C TRP E 94 -3.07 2.32 44.54
N VAL E 95 -1.90 2.84 44.90
CA VAL E 95 -1.22 3.85 44.09
C VAL E 95 0.28 3.67 44.28
N ILE E 96 1.03 3.86 43.19
CA ILE E 96 2.49 3.95 43.25
C ILE E 96 2.87 5.42 43.36
N LEU E 97 3.68 5.74 44.36
CA LEU E 97 4.05 7.13 44.61
C LEU E 97 5.56 7.21 44.77
N GLY E 98 6.14 8.29 44.25
CA GLY E 98 7.55 8.48 44.38
C GLY E 98 8.39 7.74 43.39
N HIS E 99 7.79 7.20 42.32
CA HIS E 99 8.57 6.49 41.32
C HIS E 99 9.69 7.36 40.77
N SER E 100 10.81 6.71 40.45
CA SER E 100 12.02 7.44 40.09
C SER E 100 11.81 8.28 38.84
N GLU E 101 11.02 7.78 37.89
CA GLU E 101 10.68 8.57 36.71
C GLU E 101 9.96 9.87 37.11
N ARG E 102 9.12 9.82 38.15
CA ARG E 102 8.43 11.05 38.58
C ARG E 102 9.35 11.96 39.40
N ARG E 103 10.19 11.37 40.25
CA ARG E 103 11.22 12.16 40.93
C ARG E 103 12.16 12.83 39.91
N ASN E 104 12.59 12.07 38.90
CA ASN E 104 13.68 12.54 38.05
C ASN E 104 13.23 13.19 36.76
N ILE E 105 12.31 12.59 36.00
CA ILE E 105 11.85 13.26 34.80
C ILE E 105 10.97 14.44 35.17
N PHE E 106 10.17 14.32 36.22
CA PHE E 106 9.15 15.31 36.54
C PHE E 106 9.42 16.10 37.81
N GLY E 107 10.60 15.94 38.41
CA GLY E 107 11.03 16.79 39.51
C GLY E 107 10.23 16.71 40.80
N GLU E 108 9.58 15.59 41.07
CA GLU E 108 8.84 15.47 42.34
C GLU E 108 9.83 15.32 43.50
N SER E 109 9.70 16.20 44.49
CA SER E 109 10.62 16.26 45.62
C SER E 109 10.28 15.20 46.68
N ASP E 110 11.26 14.94 47.55
CA ASP E 110 11.06 14.05 48.69
C ASP E 110 9.79 14.42 49.46
N GLU E 111 9.58 15.72 49.70
CA GLU E 111 8.47 16.14 50.55
C GLU E 111 7.14 16.07 49.83
N LEU E 112 7.10 16.41 48.53
CA LEU E 112 5.86 16.23 47.78
C LEU E 112 5.39 14.79 47.82
N ILE E 113 6.33 13.85 47.69
CA ILE E 113 5.95 12.44 47.73
C ILE E 113 5.49 12.06 49.12
N ALA E 114 6.19 12.57 50.15
CA ALA E 114 5.73 12.41 51.52
C ALA E 114 4.32 12.97 51.70
N GLU E 115 4.06 14.15 51.14
CA GLU E 115 2.72 14.71 51.17
C GLU E 115 1.69 13.83 50.45
N LYS E 116 2.06 13.25 49.30
CA LYS E 116 1.10 12.42 48.56
C LYS E 116 0.80 11.13 49.31
N VAL E 117 1.85 10.47 49.84
CA VAL E 117 1.68 9.26 50.66
C VAL E 117 0.72 9.51 51.82
N GLN E 118 0.95 10.59 52.58
CA GLN E 118 0.07 10.94 53.69
C GLN E 118 -1.39 11.00 53.23
N HIS E 119 -1.63 11.72 52.13
CA HIS E 119 -3.01 11.93 51.69
C HIS E 119 -3.63 10.65 51.14
N ALA E 120 -2.86 9.85 50.39
CA ALA E 120 -3.42 8.60 49.89
C ALA E 120 -3.76 7.63 51.03
N LEU E 121 -2.90 7.55 52.04
CA LEU E 121 -3.22 6.71 53.20
C LEU E 121 -4.47 7.19 53.92
N ALA E 122 -4.58 8.51 54.13
CA ALA E 122 -5.76 9.07 54.79
C ALA E 122 -7.05 8.69 54.07
N GLU E 123 -7.00 8.59 52.75
CA GLU E 123 -8.18 8.23 51.95
C GLU E 123 -8.49 6.74 51.98
N GLY E 124 -7.59 5.90 52.50
CA GLY E 124 -7.81 4.47 52.55
C GLY E 124 -7.06 3.65 51.52
N LEU E 125 -6.24 4.26 50.70
CA LEU E 125 -5.44 3.54 49.72
C LEU E 125 -4.27 2.82 50.38
N SER E 126 -3.82 1.75 49.73
CA SER E 126 -2.46 1.26 50.01
C SER E 126 -1.51 1.87 49.01
N VAL E 127 -0.23 1.95 49.38
CA VAL E 127 0.75 2.72 48.62
C VAL E 127 2.01 1.90 48.43
N ILE E 128 2.51 1.85 47.20
CA ILE E 128 3.89 1.47 46.93
C ILE E 128 4.70 2.75 46.92
N ALA E 129 5.56 2.93 47.92
CA ALA E 129 6.38 4.13 48.06
C ALA E 129 7.79 3.79 47.60
N CYS E 130 8.31 4.59 46.67
CA CYS E 130 9.50 4.26 45.90
C CYS E 130 10.66 5.16 46.33
N ILE E 131 11.83 4.56 46.53
CA ILE E 131 13.04 5.28 46.92
C ILE E 131 14.20 4.63 46.18
N GLY E 132 15.29 5.39 46.03
CA GLY E 132 16.45 4.85 45.36
C GLY E 132 17.48 5.89 44.93
N GLU E 133 18.73 5.47 44.75
CA GLU E 133 19.83 6.40 44.52
C GLU E 133 20.36 6.29 43.08
N THR E 134 20.87 7.42 42.57
CA THR E 134 21.48 7.47 41.25
C THR E 134 22.90 6.88 41.29
N LEU E 135 23.45 6.62 40.10
CA LEU E 135 24.77 6.01 40.01
C LEU E 135 25.83 6.88 40.70
N SER E 136 25.84 8.18 40.42
CA SER E 136 26.83 9.06 41.03
C SER E 136 26.66 9.14 42.54
N GLU E 137 25.42 8.99 43.04
CA GLU E 137 25.22 8.96 44.49
C GLU E 137 25.81 7.68 45.07
N ARG E 138 25.65 6.55 44.38
CA ARG E 138 26.31 5.33 44.83
C ARG E 138 27.82 5.42 44.62
N GLU E 139 28.26 6.00 43.50
CA GLU E 139 29.69 6.18 43.27
C GLU E 139 30.31 7.15 44.27
N SER E 140 29.50 8.03 44.85
CA SER E 140 29.95 8.87 45.95
C SER E 140 29.67 8.24 47.31
N ASN E 141 29.30 6.95 47.33
CA ASN E 141 28.94 6.22 48.55
C ASN E 141 27.95 7.02 49.40
N LYS E 142 26.93 7.57 48.75
CA LYS E 142 25.85 8.27 49.42
C LYS E 142 24.55 7.47 49.40
N THR E 143 24.64 6.17 49.11
CA THR E 143 23.44 5.35 48.94
C THR E 143 22.56 5.38 50.18
N GLU E 144 23.16 5.21 51.36
CA GLU E 144 22.37 5.18 52.59
C GLU E 144 21.83 6.57 52.92
N GLU E 145 22.68 7.59 52.78
CA GLU E 145 22.22 8.97 52.93
C GLU E 145 21.00 9.27 52.06
N VAL E 146 21.02 8.82 50.79
CA VAL E 146 19.93 9.11 49.86
C VAL E 146 18.63 8.42 50.30
N CYS E 147 18.67 7.09 50.47
CA CYS E 147 17.43 6.39 50.79
C CYS E 147 16.84 6.83 52.12
N VAL E 148 17.69 7.14 53.11
CA VAL E 148 17.19 7.59 54.40
C VAL E 148 16.50 8.93 54.27
N ARG E 149 17.12 9.87 53.54
CA ARG E 149 16.48 11.14 53.30
C ARG E 149 15.09 10.96 52.69
N GLN E 150 15.01 10.13 51.65
CA GLN E 150 13.74 9.95 50.95
C GLN E 150 12.73 9.21 51.81
N LEU E 151 13.17 8.22 52.57
CA LEU E 151 12.23 7.45 53.37
C LEU E 151 11.83 8.19 54.64
N LYS E 152 12.76 8.95 55.24
CA LYS E 152 12.44 9.67 56.47
C LYS E 152 11.43 10.77 56.19
N ALA E 153 11.52 11.40 55.03
CA ALA E 153 10.54 12.41 54.64
C ALA E 153 9.14 11.82 54.63
N ILE E 154 9.00 10.60 54.09
CA ILE E 154 7.72 9.90 54.14
C ILE E 154 7.34 9.54 55.57
N ALA E 155 8.28 8.97 56.32
CA ALA E 155 8.00 8.48 57.68
C ALA E 155 7.51 9.60 58.60
N ASN E 156 7.96 10.84 58.39
CA ASN E 156 7.49 11.97 59.20
C ASN E 156 5.98 12.13 59.14
N LYS E 157 5.35 11.75 58.03
CA LYS E 157 3.91 11.89 57.85
C LYS E 157 3.14 10.68 58.32
N ILE E 158 3.79 9.62 58.76
CA ILE E 158 3.11 8.37 59.11
C ILE E 158 3.27 8.16 60.60
N LYS E 159 2.14 8.06 61.30
CA LYS E 159 2.10 8.21 62.74
C LYS E 159 1.99 6.89 63.50
N SER E 160 1.52 5.81 62.89
CA SER E 160 1.24 4.58 63.62
C SER E 160 1.59 3.37 62.76
N ALA E 161 1.64 2.21 63.41
CA ALA E 161 1.82 0.96 62.68
C ALA E 161 0.60 0.63 61.84
N ASP E 162 -0.58 1.10 62.26
CA ASP E 162 -1.79 0.93 61.44
C ASP E 162 -1.59 1.55 60.07
N GLU E 163 -1.12 2.80 60.04
CA GLU E 163 -0.93 3.48 58.77
C GLU E 163 0.17 2.82 57.96
N TRP E 164 1.28 2.46 58.62
CA TRP E 164 2.37 1.77 57.93
C TRP E 164 1.95 0.43 57.35
N LYS E 165 0.86 -0.18 57.84
CA LYS E 165 0.44 -1.48 57.34
C LYS E 165 0.06 -1.43 55.87
N ARG E 166 -0.47 -0.30 55.39
CA ARG E 166 -0.88 -0.18 54.00
C ARG E 166 0.22 0.39 53.10
N VAL E 167 1.48 0.28 53.52
CA VAL E 167 2.62 0.75 52.74
C VAL E 167 3.50 -0.43 52.36
N VAL E 168 3.95 -0.45 51.11
CA VAL E 168 5.02 -1.30 50.62
C VAL E 168 6.15 -0.40 50.16
N VAL E 169 7.36 -0.66 50.65
CA VAL E 169 8.52 0.13 50.24
C VAL E 169 9.19 -0.55 49.05
N ALA E 170 9.41 0.20 47.99
CA ALA E 170 10.12 -0.29 46.81
C ALA E 170 11.46 0.43 46.71
N TYR E 171 12.55 -0.32 46.86
CA TYR E 171 13.88 0.21 46.62
C TYR E 171 14.22 -0.08 45.16
N GLU E 172 14.56 0.96 44.40
CA GLU E 172 14.88 0.83 42.98
C GLU E 172 16.06 1.74 42.72
N PRO E 173 17.26 1.20 42.68
CA PRO E 173 18.41 2.02 42.27
C PRO E 173 18.16 2.55 40.87
N VAL E 174 18.33 3.87 40.71
CA VAL E 174 18.04 4.51 39.44
C VAL E 174 18.83 3.87 38.31
N TRP E 175 20.13 3.67 38.53
CA TRP E 175 20.99 3.05 37.53
C TRP E 175 20.56 1.63 37.18
N ALA E 176 19.54 1.10 37.86
CA ALA E 176 19.03 -0.22 37.52
C ALA E 176 17.71 -0.21 36.76
N ILE E 177 17.00 0.92 36.70
CA ILE E 177 15.67 0.95 36.09
C ILE E 177 15.81 1.08 34.57
N GLY E 178 15.28 0.10 33.84
CA GLY E 178 15.33 0.11 32.38
C GLY E 178 16.69 -0.03 31.73
N THR E 179 17.77 -0.17 32.51
CA THR E 179 19.13 -0.15 31.98
C THR E 179 19.72 -1.54 31.74
N GLY E 180 18.99 -2.61 32.08
CA GLY E 180 19.54 -3.94 31.99
C GLY E 180 20.61 -4.29 33.01
N LYS E 181 20.95 -3.39 33.94
CA LYS E 181 21.97 -3.62 34.95
C LYS E 181 21.27 -3.77 36.30
N VAL E 182 20.78 -4.98 36.57
CA VAL E 182 20.19 -5.30 37.85
C VAL E 182 21.22 -5.13 38.98
N ALA E 183 20.72 -4.85 40.18
CA ALA E 183 21.57 -4.97 41.36
C ALA E 183 21.90 -6.44 41.60
N THR E 184 23.17 -6.71 41.96
CA THR E 184 23.49 -8.06 42.38
C THR E 184 22.65 -8.41 43.60
N PRO E 185 22.44 -9.69 43.87
CA PRO E 185 21.68 -10.05 45.08
C PRO E 185 22.25 -9.42 46.34
N GLN E 186 23.59 -9.42 46.48
CA GLN E 186 24.21 -8.83 47.66
C GLN E 186 24.00 -7.34 47.71
N GLN E 187 24.03 -6.67 46.55
CA GLN E 187 23.80 -5.23 46.53
C GLN E 187 22.42 -4.90 47.05
N ALA E 188 21.42 -5.69 46.65
CA ALA E 188 20.04 -5.46 47.05
C ALA E 188 19.86 -5.75 48.54
N GLN E 189 20.22 -6.97 48.95
CA GLN E 189 20.15 -7.33 50.36
C GLN E 189 20.86 -6.28 51.23
N GLU E 190 22.00 -5.79 50.77
CA GLU E 190 22.74 -4.78 51.53
C GLU E 190 21.87 -3.56 51.82
N VAL E 191 21.17 -3.03 50.81
CA VAL E 191 20.31 -1.88 51.03
C VAL E 191 19.09 -2.26 51.86
N HIS E 192 18.42 -3.36 51.48
CA HIS E 192 17.19 -3.75 52.16
C HIS E 192 17.43 -3.93 53.65
N ASN E 193 18.54 -4.59 54.02
CA ASN E 193 18.84 -4.84 55.42
C ASN E 193 18.94 -3.54 56.18
N PHE E 194 19.74 -2.61 55.66
CA PHE E 194 19.84 -1.28 56.24
C PHE E 194 18.46 -0.64 56.37
N LEU E 195 17.57 -0.84 55.39
CA LEU E 195 16.24 -0.25 55.47
C LEU E 195 15.46 -0.85 56.63
N ARG E 196 15.45 -2.18 56.73
CA ARG E 196 14.65 -2.81 57.78
C ARG E 196 15.19 -2.48 59.17
N LYS E 197 16.51 -2.35 59.34
CA LYS E 197 17.05 -1.89 60.61
C LYS E 197 16.67 -0.44 60.89
N TRP E 198 16.55 0.39 59.86
CA TRP E 198 16.07 1.75 60.09
C TRP E 198 14.62 1.74 60.61
N PHE E 199 13.75 0.90 60.03
CA PHE E 199 12.39 0.75 60.54
C PHE E 199 12.38 0.26 62.00
N LYS E 200 13.29 -0.67 62.33
CA LYS E 200 13.38 -1.21 63.69
C LYS E 200 13.70 -0.11 64.69
N THR E 201 14.66 0.75 64.36
CA THR E 201 15.00 1.89 65.21
C THR E 201 13.90 2.94 65.22
N ASN E 202 13.38 3.30 64.05
CA ASN E 202 12.75 4.60 63.89
C ASN E 202 11.23 4.59 63.65
N ALA E 203 10.64 3.46 63.30
CA ALA E 203 9.22 3.35 63.03
C ALA E 203 8.51 2.74 64.22
N PRO E 204 7.17 2.79 64.25
CA PRO E 204 6.44 2.22 65.39
C PRO E 204 6.73 0.74 65.58
N ASN E 205 6.60 0.27 66.82
CA ASN E 205 7.08 -1.06 67.16
C ASN E 205 6.41 -2.13 66.30
N GLY E 206 7.22 -3.07 65.80
CA GLY E 206 6.73 -4.15 65.00
C GLY E 206 6.68 -3.88 63.50
N VAL E 207 6.72 -2.60 63.07
CA VAL E 207 6.58 -2.30 61.65
C VAL E 207 7.70 -2.97 60.85
N ASP E 208 8.93 -2.90 61.36
CA ASP E 208 10.07 -3.48 60.65
C ASP E 208 9.84 -4.93 60.23
N GLU E 209 9.06 -5.68 60.99
CA GLU E 209 8.83 -7.10 60.71
C GLU E 209 7.66 -7.34 59.78
N LYS E 210 6.75 -6.38 59.64
CA LYS E 210 5.60 -6.57 58.79
C LYS E 210 5.72 -5.93 57.41
N ILE E 211 6.57 -4.93 57.24
CA ILE E 211 6.53 -4.11 56.03
C ILE E 211 7.28 -4.81 54.90
N ARG E 212 6.63 -4.91 53.74
CA ARG E 212 7.30 -5.46 52.57
C ARG E 212 8.26 -4.42 51.99
N ILE E 213 9.49 -4.83 51.76
CA ILE E 213 10.48 -4.01 51.09
C ILE E 213 10.87 -4.76 49.83
N ILE E 214 10.32 -4.31 48.68
CA ILE E 214 10.47 -4.98 47.39
C ILE E 214 11.55 -4.28 46.58
N TYR E 215 12.22 -5.04 45.70
CA TYR E 215 13.29 -4.55 44.84
C TYR E 215 12.75 -4.28 43.43
N GLY E 216 13.33 -3.28 42.77
CA GLY E 216 13.04 -3.02 41.37
C GLY E 216 14.28 -2.50 40.66
N GLY E 217 14.29 -2.70 39.35
CA GLY E 217 15.41 -2.25 38.53
C GLY E 217 15.96 -3.39 37.69
N SER E 218 15.43 -3.54 36.47
CA SER E 218 15.78 -4.62 35.55
C SER E 218 15.55 -6.00 36.16
N VAL E 219 14.44 -6.16 36.89
CA VAL E 219 14.04 -7.51 37.30
C VAL E 219 13.51 -8.27 36.10
N THR E 220 14.07 -9.46 35.86
CA THR E 220 13.58 -10.37 34.84
C THR E 220 13.42 -11.77 35.43
N ALA E 221 12.79 -12.65 34.65
CA ALA E 221 12.67 -14.06 35.05
C ALA E 221 14.03 -14.72 35.19
N ALA E 222 15.05 -14.23 34.47
CA ALA E 222 16.39 -14.80 34.49
C ALA E 222 17.21 -14.38 35.69
N ASN E 223 16.75 -13.41 36.49
CA ASN E 223 17.48 -13.05 37.69
C ASN E 223 16.62 -12.97 38.94
N CYS E 224 15.31 -13.28 38.87
CA CYS E 224 14.49 -13.01 40.02
C CYS E 224 14.81 -13.95 41.17
N LYS E 225 15.18 -15.19 40.88
CA LYS E 225 15.20 -16.25 41.90
C LYS E 225 16.29 -15.99 42.94
N GLU E 226 17.54 -15.82 42.50
CA GLU E 226 18.63 -15.47 43.42
C GLU E 226 18.37 -14.13 44.12
N LEU E 227 17.53 -13.26 43.55
CA LEU E 227 17.17 -12.02 44.24
C LEU E 227 16.14 -12.29 45.32
N ALA E 228 15.10 -13.08 45.00
CA ALA E 228 14.07 -13.41 45.97
C ALA E 228 14.59 -14.22 47.16
N GLN E 229 15.76 -14.85 47.01
CA GLN E 229 16.31 -15.64 48.11
C GLN E 229 16.89 -14.75 49.21
N GLN E 230 17.42 -13.57 48.86
CA GLN E 230 18.00 -12.69 49.87
C GLN E 230 17.01 -12.46 51.01
N HIS E 231 17.52 -12.38 52.23
CA HIS E 231 16.66 -12.47 53.40
C HIS E 231 15.66 -11.32 53.45
N ASP E 232 16.09 -10.12 53.08
CA ASP E 232 15.29 -8.91 53.28
C ASP E 232 14.61 -8.42 52.01
N VAL E 233 14.57 -9.24 50.97
CA VAL E 233 13.91 -8.92 49.71
C VAL E 233 12.58 -9.68 49.68
N ASP E 234 11.47 -8.93 49.71
CA ASP E 234 10.12 -9.46 49.88
C ASP E 234 9.29 -9.47 48.60
N GLY E 235 9.88 -9.11 47.48
CA GLY E 235 9.18 -9.12 46.22
C GLY E 235 9.78 -8.12 45.27
N PHE E 236 8.98 -7.71 44.27
CA PHE E 236 9.52 -6.90 43.19
C PHE E 236 8.52 -5.90 42.65
N LEU E 237 9.06 -4.79 42.17
CA LEU E 237 8.36 -3.90 41.26
C LEU E 237 8.95 -4.12 39.87
N VAL E 238 8.13 -4.60 38.95
CA VAL E 238 8.61 -4.99 37.62
C VAL E 238 8.12 -4.00 36.57
N GLY E 239 9.06 -3.45 35.80
CA GLY E 239 8.71 -2.53 34.73
C GLY E 239 8.60 -3.23 33.39
N GLY E 240 9.67 -3.20 32.60
CA GLY E 240 9.62 -3.74 31.25
C GLY E 240 9.11 -5.17 31.18
N ALA E 241 9.57 -6.04 32.10
CA ALA E 241 9.11 -7.42 32.06
C ALA E 241 7.64 -7.57 32.45
N SER E 242 7.04 -6.54 33.04
CA SER E 242 5.61 -6.65 33.35
C SER E 242 4.74 -6.57 32.10
N LEU E 243 5.31 -6.25 30.94
CA LEU E 243 4.54 -6.22 29.69
C LEU E 243 4.63 -7.51 28.89
N LYS E 244 5.49 -8.45 29.30
CA LYS E 244 5.75 -9.68 28.58
C LYS E 244 5.09 -10.86 29.30
N PRO E 245 5.06 -12.04 28.67
CA PRO E 245 4.55 -13.23 29.37
C PRO E 245 5.40 -13.63 30.57
N GLU E 246 6.69 -13.29 30.61
CA GLU E 246 7.54 -13.69 31.71
C GLU E 246 7.19 -13.01 33.04
N PHE E 247 6.17 -12.13 33.08
CA PHE E 247 5.76 -11.49 34.33
C PHE E 247 5.29 -12.53 35.34
N THR E 248 4.37 -13.40 34.92
CA THR E 248 3.82 -14.40 35.84
C THR E 248 4.89 -15.39 36.32
N GLU E 249 6.00 -15.54 35.59
CA GLU E 249 7.13 -16.32 36.08
C GLU E 249 7.88 -15.58 37.17
N ILE E 250 8.05 -14.26 37.01
CA ILE E 250 8.67 -13.46 38.05
C ILE E 250 7.85 -13.52 39.33
N CYS E 251 6.52 -13.62 39.19
CA CYS E 251 5.62 -13.63 40.35
C CYS E 251 5.81 -14.87 41.22
N LYS E 252 6.42 -15.93 40.71
CA LYS E 252 6.73 -17.11 41.52
C LYS E 252 8.24 -17.25 41.72
N ALA E 253 8.93 -16.12 41.94
CA ALA E 253 10.38 -16.16 42.09
C ALA E 253 10.82 -17.01 43.28
N ARG E 254 9.95 -17.20 44.26
CA ARG E 254 10.31 -18.03 45.41
C ARG E 254 10.19 -19.52 45.10
N GLN E 255 9.43 -19.90 44.06
CA GLN E 255 9.27 -21.29 43.66
C GLN E 255 10.54 -21.85 43.02
N GLY F 6 -15.40 36.54 10.75
CA GLY F 6 -15.61 35.52 9.71
C GLY F 6 -16.79 34.60 10.01
N SER F 7 -16.59 33.30 9.78
CA SER F 7 -17.59 32.27 10.09
C SER F 7 -16.98 31.20 10.97
N ARG F 8 -16.37 31.62 12.09
CA ARG F 8 -15.79 30.71 13.08
C ARG F 8 -16.86 30.27 14.07
N LYS F 9 -16.90 28.96 14.36
CA LYS F 9 -17.86 28.45 15.32
C LYS F 9 -17.50 28.90 16.72
N PHE F 10 -18.51 29.36 17.47
CA PHE F 10 -18.34 29.66 18.89
C PHE F 10 -17.96 28.39 19.64
N PHE F 11 -16.94 28.48 20.51
CA PHE F 11 -16.30 27.31 21.13
C PHE F 11 -16.26 27.49 22.64
N VAL F 12 -16.99 26.66 23.38
CA VAL F 12 -16.98 26.73 24.84
C VAL F 12 -16.48 25.40 25.41
N GLY F 13 -15.40 25.48 26.18
CA GLY F 13 -14.84 24.30 26.85
C GLY F 13 -14.98 24.44 28.36
N GLY F 14 -15.28 23.32 29.01
CA GLY F 14 -15.30 23.27 30.46
C GLY F 14 -14.18 22.42 31.03
N ASN F 15 -13.19 23.07 31.65
CA ASN F 15 -12.04 22.39 32.25
C ASN F 15 -12.43 22.02 33.69
N TRP F 16 -12.71 20.74 33.94
CA TRP F 16 -13.12 20.34 35.29
C TRP F 16 -11.95 20.35 36.27
N LYS F 17 -10.71 20.34 35.77
CA LYS F 17 -9.52 20.23 36.62
C LYS F 17 -9.69 18.98 37.48
N MET F 18 -9.12 18.98 38.68
CA MET F 18 -9.16 17.78 39.52
C MET F 18 -10.49 17.78 40.30
N ASN F 19 -11.57 17.54 39.55
CA ASN F 19 -12.90 17.42 40.13
C ASN F 19 -13.66 16.37 39.35
N GLY F 20 -14.31 15.47 40.05
CA GLY F 20 -15.08 14.44 39.40
C GLY F 20 -15.21 13.20 40.26
N SER F 21 -16.33 12.53 40.08
CA SER F 21 -16.72 11.31 40.76
C SER F 21 -17.91 10.80 39.97
N ARG F 22 -18.11 9.48 39.98
CA ARG F 22 -19.23 8.89 39.25
C ARG F 22 -20.50 9.70 39.48
N ASP F 23 -20.80 10.02 40.74
CA ASP F 23 -22.07 10.67 41.06
C ASP F 23 -22.09 12.13 40.63
N ASP F 24 -21.03 12.89 40.88
CA ASP F 24 -21.00 14.27 40.41
C ASP F 24 -20.96 14.32 38.88
N ASN F 25 -20.24 13.39 38.26
CA ASN F 25 -20.14 13.38 36.80
C ASN F 25 -21.51 13.10 36.17
N ASP F 26 -22.24 12.12 36.69
CA ASP F 26 -23.53 11.76 36.10
C ASP F 26 -24.53 12.93 36.18
N LYS F 27 -24.61 13.59 37.33
CA LYS F 27 -25.53 14.72 37.45
C LYS F 27 -25.13 15.86 36.52
N LEU F 28 -23.83 16.15 36.45
CA LEU F 28 -23.33 17.18 35.54
C LEU F 28 -23.63 16.84 34.09
N LEU F 29 -23.37 15.59 33.68
CA LEU F 29 -23.56 15.20 32.28
C LEU F 29 -25.03 15.14 31.94
N LYS F 30 -25.88 14.77 32.90
CA LYS F 30 -27.31 14.75 32.67
C LYS F 30 -27.82 16.12 32.26
N LEU F 31 -27.47 17.16 33.02
CA LEU F 31 -27.84 18.51 32.64
C LEU F 31 -27.29 18.86 31.26
N LEU F 32 -26.06 18.43 30.99
CA LEU F 32 -25.39 18.80 29.75
C LEU F 32 -26.02 18.13 28.55
N SER F 33 -26.43 16.87 28.71
CA SER F 33 -27.02 16.14 27.61
C SER F 33 -28.40 16.68 27.24
N GLU F 34 -29.12 17.26 28.23
CA GLU F 34 -30.46 17.79 28.00
C GLU F 34 -30.45 19.18 27.38
N ALA F 35 -29.33 19.89 27.45
CA ALA F 35 -29.28 21.23 26.87
C ALA F 35 -29.36 21.18 25.34
N HIS F 36 -29.80 22.29 24.76
CA HIS F 36 -29.91 22.44 23.31
C HIS F 36 -29.01 23.60 22.86
N PHE F 37 -27.92 23.26 22.18
CA PHE F 37 -26.98 24.24 21.64
C PHE F 37 -27.20 24.37 20.14
N ASP F 38 -27.11 25.60 19.63
CA ASP F 38 -27.38 25.76 18.20
C ASP F 38 -26.21 25.23 17.40
N ASP F 39 -26.44 25.06 16.08
CA ASP F 39 -25.44 24.45 15.24
C ASP F 39 -24.17 25.29 15.13
N ASN F 40 -24.21 26.56 15.53
CA ASN F 40 -23.04 27.44 15.49
C ASN F 40 -22.28 27.48 16.82
N THR F 41 -22.49 26.50 17.70
CA THR F 41 -21.79 26.43 18.97
C THR F 41 -21.13 25.06 19.13
N GLU F 42 -19.83 25.06 19.40
CA GLU F 42 -19.05 23.85 19.64
C GLU F 42 -18.72 23.75 21.13
N VAL F 43 -19.07 22.61 21.76
CA VAL F 43 -18.98 22.43 23.20
C VAL F 43 -18.05 21.29 23.54
N LEU F 44 -17.19 21.48 24.55
CA LEU F 44 -16.22 20.49 25.00
C LEU F 44 -16.16 20.45 26.53
N ILE F 45 -15.94 19.26 27.09
CA ILE F 45 -15.67 19.10 28.52
C ILE F 45 -14.38 18.31 28.68
N ALA F 46 -13.67 18.61 29.77
CA ALA F 46 -12.37 18.00 30.07
C ALA F 46 -12.41 17.40 31.48
N PRO F 47 -12.77 16.14 31.61
CA PRO F 47 -12.80 15.50 32.93
C PRO F 47 -11.43 14.93 33.29
N PRO F 48 -11.22 14.59 34.57
CA PRO F 48 -9.98 13.91 34.95
C PRO F 48 -9.79 12.61 34.18
N SER F 49 -8.52 12.22 34.03
CA SER F 49 -8.17 11.17 33.07
C SER F 49 -8.82 9.84 33.38
N VAL F 50 -9.12 9.54 34.66
CA VAL F 50 -9.66 8.23 34.99
C VAL F 50 -11.10 8.06 34.52
N PHE F 51 -11.80 9.16 34.23
CA PHE F 51 -13.19 9.14 33.79
C PHE F 51 -13.37 9.36 32.28
N LEU F 52 -12.29 9.67 31.56
CA LEU F 52 -12.40 10.00 30.14
C LEU F 52 -13.13 8.92 29.35
N HIS F 53 -12.68 7.67 29.48
CA HIS F 53 -13.19 6.60 28.62
C HIS F 53 -14.67 6.34 28.85
N GLU F 54 -15.09 6.25 30.11
CA GLU F 54 -16.49 5.94 30.39
C GLU F 54 -17.40 7.10 30.03
N ILE F 55 -16.93 8.33 30.20
CA ILE F 55 -17.75 9.48 29.81
C ILE F 55 -17.85 9.57 28.29
N ARG F 56 -16.75 9.36 27.57
CA ARG F 56 -16.83 9.46 26.12
C ARG F 56 -17.79 8.43 25.52
N LYS F 57 -17.73 7.18 26.00
CA LYS F 57 -18.62 6.15 25.47
C LYS F 57 -20.10 6.52 25.59
N SER F 58 -20.50 7.14 26.71
CA SER F 58 -21.92 7.35 26.97
C SER F 58 -22.39 8.76 26.64
N LEU F 59 -21.48 9.69 26.37
CA LEU F 59 -21.89 11.06 26.04
C LEU F 59 -22.14 11.21 24.55
N LYS F 60 -23.20 11.95 24.21
CA LYS F 60 -23.50 12.25 22.81
C LYS F 60 -22.28 12.86 22.13
N LYS F 61 -22.04 12.45 20.87
CA LYS F 61 -20.80 12.79 20.20
C LYS F 61 -20.63 14.28 19.94
N GLU F 62 -21.72 15.04 19.90
CA GLU F 62 -21.55 16.45 19.57
C GLU F 62 -20.69 17.16 20.60
N ILE F 63 -20.65 16.68 21.84
CA ILE F 63 -19.86 17.28 22.90
C ILE F 63 -18.51 16.56 22.96
N HIS F 64 -17.44 17.31 22.74
CA HIS F 64 -16.09 16.74 22.83
C HIS F 64 -15.75 16.38 24.28
N VAL F 65 -14.89 15.38 24.43
CA VAL F 65 -14.32 14.98 25.71
C VAL F 65 -12.81 15.05 25.54
N ALA F 66 -12.16 15.89 26.35
CA ALA F 66 -10.75 16.19 26.24
C ALA F 66 -10.00 15.71 27.48
N ALA F 67 -8.82 15.14 27.26
CA ALA F 67 -7.86 15.00 28.34
C ALA F 67 -7.31 16.37 28.72
N GLN F 68 -6.98 16.51 30.01
CA GLN F 68 -6.49 17.75 30.59
C GLN F 68 -5.00 17.92 30.45
N ASN F 69 -4.29 16.88 30.02
CA ASN F 69 -2.85 16.89 29.87
C ASN F 69 -2.45 15.59 29.20
N CYS F 70 -1.28 15.60 28.58
CA CYS F 70 -0.66 14.37 28.08
C CYS F 70 0.82 14.63 27.86
N TYR F 71 1.55 13.57 27.51
CA TYR F 71 2.99 13.69 27.33
C TYR F 71 3.31 13.67 25.83
N LYS F 72 4.61 13.60 25.49
CA LYS F 72 5.12 14.00 24.19
C LYS F 72 5.73 12.88 23.35
N VAL F 73 5.57 11.62 23.74
CA VAL F 73 5.91 10.46 22.91
C VAL F 73 4.74 9.50 23.05
N SER F 74 4.72 8.49 22.19
CA SER F 74 3.56 7.60 22.13
C SER F 74 3.55 6.56 23.24
N LYS F 75 4.73 6.15 23.74
CA LYS F 75 4.84 5.17 24.80
C LYS F 75 6.23 5.28 25.40
N GLY F 76 6.41 4.73 26.60
CA GLY F 76 7.74 4.63 27.15
C GLY F 76 7.74 4.73 28.67
N ALA F 77 8.96 4.89 29.20
CA ALA F 77 9.24 4.81 30.63
C ALA F 77 8.90 6.14 31.30
N PHE F 78 7.57 6.44 31.38
CA PHE F 78 7.12 7.70 31.98
C PHE F 78 5.95 7.40 32.90
N THR F 79 6.27 6.74 34.03
CA THR F 79 5.29 6.42 35.05
C THR F 79 4.42 7.63 35.40
N GLY F 80 3.10 7.44 35.33
CA GLY F 80 2.15 8.48 35.64
C GLY F 80 1.60 9.26 34.45
N GLU F 81 2.21 9.16 33.28
CA GLU F 81 1.81 9.94 32.11
C GLU F 81 0.90 9.16 31.17
N ILE F 82 0.18 9.89 30.30
CA ILE F 82 -0.59 9.28 29.21
C ILE F 82 -0.18 9.95 27.91
N SER F 83 -0.38 9.22 26.80
CA SER F 83 0.04 9.68 25.50
C SER F 83 -1.17 9.98 24.60
N PRO F 84 -0.99 10.79 23.55
CA PRO F 84 -2.09 10.98 22.59
C PRO F 84 -2.58 9.69 21.96
N ALA F 85 -1.71 8.71 21.72
CA ALA F 85 -2.16 7.39 21.25
C ALA F 85 -3.19 6.80 22.22
N MET F 86 -2.95 6.93 23.52
CA MET F 86 -3.88 6.36 24.48
C MET F 86 -5.19 7.12 24.50
N ILE F 87 -5.11 8.44 24.37
CA ILE F 87 -6.34 9.24 24.39
C ILE F 87 -7.22 8.86 23.20
N ARG F 88 -6.61 8.62 22.05
CA ARG F 88 -7.38 8.21 20.88
C ARG F 88 -7.86 6.78 21.04
N ASP F 89 -7.05 5.92 21.65
CA ASP F 89 -7.47 4.54 21.85
C ASP F 89 -8.77 4.47 22.66
N ILE F 90 -8.96 5.37 23.64
CA ILE F 90 -10.23 5.37 24.36
C ILE F 90 -11.27 6.26 23.66
N GLY F 91 -10.98 6.68 22.43
CA GLY F 91 -11.98 7.34 21.60
C GLY F 91 -12.15 8.83 21.79
N CYS F 92 -11.26 9.50 22.53
CA CYS F 92 -11.33 10.94 22.73
C CYS F 92 -10.47 11.67 21.68
N ASP F 93 -10.94 12.83 21.24
CA ASP F 93 -10.27 13.52 20.12
C ASP F 93 -9.59 14.81 20.52
N TRP F 94 -9.59 15.15 21.80
CA TRP F 94 -9.13 16.46 22.24
C TRP F 94 -8.18 16.34 23.43
N VAL F 95 -7.29 17.32 23.56
CA VAL F 95 -6.44 17.46 24.73
C VAL F 95 -6.25 18.95 25.00
N ILE F 96 -6.17 19.30 26.29
CA ILE F 96 -5.76 20.64 26.71
C ILE F 96 -4.29 20.56 27.09
N LEU F 97 -3.49 21.50 26.59
CA LEU F 97 -2.05 21.49 26.82
C LEU F 97 -1.59 22.90 27.12
N GLY F 98 -0.58 23.02 27.98
CA GLY F 98 -0.02 24.30 28.32
C GLY F 98 -0.81 25.10 29.32
N HIS F 99 -1.80 24.48 29.98
CA HIS F 99 -2.60 25.20 30.96
C HIS F 99 -1.71 25.81 32.04
N SER F 100 -2.17 26.93 32.60
CA SER F 100 -1.37 27.67 33.57
C SER F 100 -0.96 26.78 34.74
N GLU F 101 -1.87 25.93 35.21
CA GLU F 101 -1.55 25.01 36.29
C GLU F 101 -0.41 24.06 35.92
N ARG F 102 -0.32 23.62 34.64
CA ARG F 102 0.81 22.76 34.27
C ARG F 102 2.11 23.54 34.13
N ARG F 103 2.04 24.74 33.54
CA ARG F 103 3.24 25.57 33.37
C ARG F 103 3.81 26.00 34.71
N ASN F 104 2.95 26.38 35.64
CA ASN F 104 3.40 27.01 36.88
C ASN F 104 3.64 25.96 37.96
N ILE F 105 2.56 25.36 38.47
CA ILE F 105 2.67 24.35 39.52
C ILE F 105 3.63 23.23 39.12
N PHE F 106 3.53 22.74 37.88
CA PHE F 106 4.29 21.58 37.46
C PHE F 106 5.48 21.94 36.58
N GLY F 107 5.73 23.22 36.37
CA GLY F 107 6.96 23.66 35.75
C GLY F 107 7.16 23.32 34.30
N GLU F 108 6.09 23.04 33.55
CA GLU F 108 6.26 22.69 32.14
C GLU F 108 6.73 23.93 31.38
N SER F 109 7.80 23.77 30.63
CA SER F 109 8.38 24.90 29.92
C SER F 109 7.61 25.16 28.63
N ASP F 110 7.89 26.32 28.03
CA ASP F 110 7.31 26.65 26.72
C ASP F 110 7.62 25.56 25.71
N GLU F 111 8.87 25.10 25.69
CA GLU F 111 9.32 24.12 24.71
C GLU F 111 8.65 22.77 24.92
N LEU F 112 8.50 22.36 26.18
CA LEU F 112 7.79 21.11 26.46
C LEU F 112 6.32 21.21 26.02
N ILE F 113 5.68 22.36 26.27
CA ILE F 113 4.33 22.54 25.77
C ILE F 113 4.32 22.45 24.25
N ALA F 114 5.29 23.08 23.60
CA ALA F 114 5.36 23.04 22.14
C ALA F 114 5.52 21.61 21.64
N GLU F 115 6.40 20.84 22.26
CA GLU F 115 6.59 19.45 21.87
C GLU F 115 5.32 18.65 22.09
N LYS F 116 4.62 18.88 23.22
CA LYS F 116 3.39 18.14 23.48
C LYS F 116 2.34 18.45 22.41
N VAL F 117 2.14 19.74 22.12
CA VAL F 117 1.16 20.14 21.12
C VAL F 117 1.46 19.47 19.79
N GLN F 118 2.69 19.64 19.31
CA GLN F 118 3.09 19.02 18.05
C GLN F 118 2.81 17.52 18.08
N HIS F 119 3.20 16.85 19.17
CA HIS F 119 3.03 15.40 19.20
C HIS F 119 1.56 15.02 19.22
N ALA F 120 0.73 15.82 19.89
CA ALA F 120 -0.72 15.56 19.92
C ALA F 120 -1.34 15.73 18.54
N LEU F 121 -0.95 16.78 17.81
CA LEU F 121 -1.50 17.01 16.47
C LEU F 121 -1.08 15.90 15.52
N ALA F 122 0.17 15.42 15.65
CA ALA F 122 0.66 14.38 14.76
C ALA F 122 -0.13 13.10 14.94
N GLU F 123 -0.59 12.85 16.18
CA GLU F 123 -1.45 11.72 16.47
C GLU F 123 -2.87 11.92 15.95
N GLY F 124 -3.25 13.12 15.51
CA GLY F 124 -4.60 13.36 15.01
C GLY F 124 -5.59 13.93 16.02
N LEU F 125 -5.15 14.24 17.23
CA LEU F 125 -5.98 14.97 18.18
C LEU F 125 -6.08 16.42 17.79
N SER F 126 -7.13 17.08 18.30
CA SER F 126 -7.22 18.53 18.35
C SER F 126 -6.84 19.04 19.73
N VAL F 127 -6.27 20.24 19.77
CA VAL F 127 -5.58 20.76 20.95
C VAL F 127 -6.15 22.12 21.30
N ILE F 128 -6.52 22.30 22.57
CA ILE F 128 -6.66 23.64 23.12
C ILE F 128 -5.30 23.99 23.74
N ALA F 129 -4.63 24.97 23.14
CA ALA F 129 -3.31 25.40 23.60
C ALA F 129 -3.46 26.69 24.40
N CYS F 130 -3.01 26.67 25.67
CA CYS F 130 -3.23 27.76 26.62
C CYS F 130 -2.00 28.66 26.73
N ILE F 131 -2.22 29.98 26.74
CA ILE F 131 -1.18 30.97 26.93
C ILE F 131 -1.72 32.05 27.87
N GLY F 132 -0.82 32.80 28.52
CA GLY F 132 -1.28 33.88 29.37
C GLY F 132 -0.23 34.33 30.38
N GLU F 133 -0.40 35.57 30.84
CA GLU F 133 0.58 36.32 31.62
C GLU F 133 0.09 36.47 33.07
N THR F 134 1.04 36.58 33.98
CA THR F 134 0.74 36.79 35.39
C THR F 134 0.42 38.25 35.66
N LEU F 135 0.00 38.51 36.91
CA LEU F 135 -0.28 39.88 37.31
C LEU F 135 0.96 40.75 37.20
N SER F 136 2.11 40.22 37.63
CA SER F 136 3.32 41.03 37.62
C SER F 136 3.78 41.33 36.19
N GLU F 137 3.55 40.39 35.27
CA GLU F 137 3.87 40.63 33.87
C GLU F 137 2.95 41.68 33.27
N ARG F 138 1.65 41.57 33.55
CA ARG F 138 0.68 42.57 33.10
C ARG F 138 1.03 43.95 33.64
N GLU F 139 1.41 44.03 34.92
CA GLU F 139 1.79 45.31 35.51
C GLU F 139 3.06 45.85 34.91
N SER F 140 3.90 44.99 34.37
CA SER F 140 5.15 45.39 33.75
C SER F 140 5.01 45.62 32.25
N ASN F 141 3.78 45.69 31.73
CA ASN F 141 3.52 45.88 30.29
C ASN F 141 4.16 44.79 29.44
N LYS F 142 4.28 43.57 29.98
CA LYS F 142 4.86 42.45 29.24
C LYS F 142 3.81 41.48 28.70
N THR F 143 2.53 41.87 28.67
CA THR F 143 1.47 40.96 28.28
C THR F 143 1.71 40.39 26.88
N GLU F 144 2.05 41.26 25.93
CA GLU F 144 2.24 40.82 24.55
C GLU F 144 3.51 39.98 24.43
N GLU F 145 4.59 40.45 25.03
CA GLU F 145 5.84 39.71 24.96
C GLU F 145 5.68 38.30 25.51
N VAL F 146 4.87 38.12 26.55
CA VAL F 146 4.77 36.81 27.17
C VAL F 146 3.90 35.89 26.33
N CYS F 147 2.72 36.36 25.93
CA CYS F 147 1.84 35.55 25.09
C CYS F 147 2.53 35.17 23.80
N VAL F 148 3.20 36.13 23.15
CA VAL F 148 3.83 35.84 21.87
C VAL F 148 4.96 34.83 22.04
N ARG F 149 5.75 34.97 23.11
CA ARG F 149 6.79 33.98 23.40
C ARG F 149 6.21 32.58 23.56
N GLN F 150 5.16 32.46 24.37
CA GLN F 150 4.52 31.17 24.56
C GLN F 150 3.91 30.64 23.26
N LEU F 151 3.23 31.50 22.51
CA LEU F 151 2.60 31.05 21.26
C LEU F 151 3.66 30.66 20.23
N LYS F 152 4.69 31.48 20.08
CA LYS F 152 5.69 31.25 19.03
C LYS F 152 6.41 29.93 19.24
N ALA F 153 6.71 29.58 20.50
CA ALA F 153 7.34 28.28 20.76
C ALA F 153 6.48 27.15 20.19
N ILE F 154 5.16 27.24 20.35
CA ILE F 154 4.25 26.23 19.81
C ILE F 154 4.16 26.35 18.29
N ALA F 155 4.10 27.58 17.77
CA ALA F 155 3.91 27.79 16.33
C ALA F 155 5.07 27.25 15.53
N ASN F 156 6.30 27.40 16.05
CA ASN F 156 7.50 26.92 15.39
C ASN F 156 7.46 25.43 15.11
N LYS F 157 6.61 24.68 15.80
CA LYS F 157 6.47 23.24 15.59
C LYS F 157 5.27 22.85 14.74
N ILE F 158 4.44 23.81 14.33
CA ILE F 158 3.26 23.53 13.52
C ILE F 158 3.55 24.01 12.10
N LYS F 159 3.33 23.14 11.12
CA LYS F 159 3.95 23.31 9.81
C LYS F 159 2.97 23.41 8.65
N SER F 160 1.66 23.32 8.90
CA SER F 160 0.68 23.46 7.83
C SER F 160 -0.62 24.03 8.39
N ALA F 161 -1.37 24.69 7.51
CA ALA F 161 -2.67 25.23 7.91
C ALA F 161 -3.64 24.13 8.31
N ASP F 162 -3.51 22.93 7.74
CA ASP F 162 -4.37 21.83 8.18
C ASP F 162 -4.05 21.42 9.61
N GLU F 163 -2.78 21.56 10.03
CA GLU F 163 -2.47 21.35 11.44
C GLU F 163 -3.14 22.42 12.30
N TRP F 164 -2.95 23.69 11.93
CA TRP F 164 -3.56 24.80 12.66
C TRP F 164 -5.08 24.68 12.74
N LYS F 165 -5.69 23.97 11.79
CA LYS F 165 -7.13 23.71 11.81
C LYS F 165 -7.56 23.05 13.12
N ARG F 166 -6.73 22.15 13.64
CA ARG F 166 -7.06 21.37 14.82
C ARG F 166 -6.57 22.00 16.12
N VAL F 167 -6.31 23.31 16.12
CA VAL F 167 -5.84 24.05 17.28
C VAL F 167 -6.89 25.09 17.66
N VAL F 168 -7.21 25.16 18.95
CA VAL F 168 -7.94 26.27 19.55
C VAL F 168 -6.98 26.94 20.53
N VAL F 169 -6.82 28.27 20.42
CA VAL F 169 -5.92 28.99 21.32
C VAL F 169 -6.74 29.54 22.48
N ALA F 170 -6.35 29.23 23.71
CA ALA F 170 -7.05 29.76 24.88
C ALA F 170 -6.15 30.80 25.54
N TYR F 171 -6.57 32.06 25.53
CA TYR F 171 -5.87 33.10 26.25
C TYR F 171 -6.50 33.19 27.64
N GLU F 172 -5.70 32.93 28.67
CA GLU F 172 -6.15 32.99 30.06
C GLU F 172 -5.19 33.81 30.88
N PRO F 173 -5.48 35.08 31.13
CA PRO F 173 -4.66 35.85 32.07
C PRO F 173 -4.54 35.05 33.36
N VAL F 174 -3.30 34.81 33.81
CA VAL F 174 -3.12 34.00 35.01
C VAL F 174 -3.78 34.68 36.19
N TRP F 175 -3.73 36.01 36.22
CA TRP F 175 -4.41 36.77 37.26
C TRP F 175 -5.92 36.64 37.21
N ALA F 176 -6.48 36.01 36.16
CA ALA F 176 -7.91 35.81 36.06
C ALA F 176 -8.38 34.42 36.48
N ILE F 177 -7.46 33.49 36.69
CA ILE F 177 -7.83 32.08 36.85
C ILE F 177 -8.07 31.80 38.33
N GLY F 178 -9.30 31.44 38.67
CA GLY F 178 -9.69 31.15 40.04
C GLY F 178 -9.76 32.34 40.97
N THR F 179 -9.43 33.55 40.50
CA THR F 179 -9.31 34.69 41.40
C THR F 179 -10.60 35.46 41.55
N GLY F 180 -11.60 35.21 40.71
CA GLY F 180 -12.76 36.06 40.63
C GLY F 180 -12.55 37.37 39.88
N LYS F 181 -11.36 37.60 39.33
CA LYS F 181 -11.01 38.87 38.67
C LYS F 181 -11.05 38.61 37.18
N VAL F 182 -12.24 38.73 36.58
CA VAL F 182 -12.37 38.52 35.15
C VAL F 182 -11.73 39.67 34.38
N ALA F 183 -11.18 39.37 33.22
CA ALA F 183 -10.72 40.45 32.34
C ALA F 183 -11.91 41.17 31.78
N THR F 184 -11.81 42.50 31.63
CA THR F 184 -12.90 43.26 31.05
C THR F 184 -13.07 42.88 29.58
N PRO F 185 -14.21 43.21 28.98
CA PRO F 185 -14.33 43.02 27.53
C PRO F 185 -13.27 43.78 26.73
N GLN F 186 -12.88 44.97 27.19
CA GLN F 186 -11.80 45.70 26.53
C GLN F 186 -10.47 44.95 26.64
N GLN F 187 -10.12 44.52 27.85
CA GLN F 187 -8.84 43.84 28.07
C GLN F 187 -8.75 42.56 27.24
N ALA F 188 -9.83 41.79 27.23
CA ALA F 188 -9.86 40.54 26.45
C ALA F 188 -9.77 40.82 24.95
N GLN F 189 -10.63 41.71 24.45
CA GLN F 189 -10.60 42.08 23.03
C GLN F 189 -9.21 42.57 22.61
N GLU F 190 -8.58 43.39 23.46
CA GLU F 190 -7.27 43.94 23.12
C GLU F 190 -6.25 42.83 22.89
N VAL F 191 -6.26 41.79 23.73
CA VAL F 191 -5.26 40.73 23.59
C VAL F 191 -5.60 39.82 22.42
N HIS F 192 -6.86 39.38 22.33
CA HIS F 192 -7.24 38.56 21.18
C HIS F 192 -6.96 39.27 19.86
N ASN F 193 -7.09 40.60 19.84
CA ASN F 193 -6.82 41.33 18.59
C ASN F 193 -5.35 41.24 18.20
N PHE F 194 -4.43 41.49 19.14
CA PHE F 194 -3.04 41.41 18.73
C PHE F 194 -2.60 39.96 18.54
N LEU F 195 -3.33 39.01 19.11
CA LEU F 195 -3.00 37.61 18.82
C LEU F 195 -3.42 37.24 17.40
N ARG F 196 -4.60 37.71 16.95
CA ARG F 196 -5.05 37.37 15.60
C ARG F 196 -4.18 38.02 14.54
N LYS F 197 -3.70 39.25 14.80
CA LYS F 197 -2.72 39.88 13.93
C LYS F 197 -1.43 39.07 13.89
N TRP F 198 -0.97 38.61 15.05
CA TRP F 198 0.23 37.78 15.09
C TRP F 198 0.10 36.60 14.13
N PHE F 199 -1.06 35.93 14.17
CA PHE F 199 -1.30 34.83 13.24
C PHE F 199 -1.25 35.32 11.80
N LYS F 200 -2.01 36.37 11.49
CA LYS F 200 -2.00 36.94 10.15
C LYS F 200 -0.58 37.12 9.64
N THR F 201 0.27 37.73 10.47
CA THR F 201 1.67 37.95 10.12
C THR F 201 2.45 36.64 10.04
N ASN F 202 2.28 35.75 11.02
CA ASN F 202 3.25 34.68 11.23
C ASN F 202 2.78 33.29 10.83
N ALA F 203 1.49 33.07 10.63
CA ALA F 203 1.03 31.72 10.37
C ALA F 203 0.67 31.54 8.90
N PRO F 204 0.49 30.29 8.46
CA PRO F 204 0.01 30.05 7.10
C PRO F 204 -1.21 30.91 6.76
N ASN F 205 -1.32 31.24 5.47
CA ASN F 205 -2.31 32.19 5.02
C ASN F 205 -3.73 31.70 5.32
N GLY F 206 -4.57 32.62 5.82
CA GLY F 206 -5.94 32.31 6.14
C GLY F 206 -6.15 31.69 7.51
N VAL F 207 -5.10 31.24 8.19
CA VAL F 207 -5.27 30.65 9.52
C VAL F 207 -5.85 31.69 10.47
N ASP F 208 -5.35 32.93 10.40
CA ASP F 208 -5.82 33.98 11.29
C ASP F 208 -7.34 34.12 11.28
N GLU F 209 -7.96 33.97 10.11
CA GLU F 209 -9.40 34.12 10.05
C GLU F 209 -10.14 32.85 10.45
N LYS F 210 -9.46 31.72 10.52
CA LYS F 210 -10.12 30.46 10.90
C LYS F 210 -9.90 30.07 12.36
N ILE F 211 -8.80 30.47 12.98
CA ILE F 211 -8.43 29.91 14.28
C ILE F 211 -9.28 30.54 15.37
N ARG F 212 -9.87 29.69 16.21
CA ARG F 212 -10.60 30.19 17.37
C ARG F 212 -9.64 30.61 18.47
N ILE F 213 -9.81 31.83 18.96
CA ILE F 213 -9.10 32.36 20.13
C ILE F 213 -10.13 32.58 21.23
N ILE F 214 -10.14 31.71 22.20
CA ILE F 214 -11.13 31.73 23.28
C ILE F 214 -10.51 32.37 24.51
N TYR F 215 -11.34 33.00 25.33
CA TYR F 215 -10.90 33.61 26.58
C TYR F 215 -11.25 32.69 27.75
N GLY F 216 -10.39 32.70 28.77
CA GLY F 216 -10.69 32.00 30.00
C GLY F 216 -10.13 32.73 31.21
N GLY F 217 -10.78 32.51 32.36
CA GLY F 217 -10.36 33.12 33.60
C GLY F 217 -11.52 33.82 34.27
N SER F 218 -12.20 33.12 35.17
CA SER F 218 -13.33 33.65 35.94
C SER F 218 -14.54 33.93 35.07
N VAL F 219 -14.71 33.15 33.99
CA VAL F 219 -15.90 33.29 33.15
C VAL F 219 -17.09 32.70 33.90
N THR F 220 -18.19 33.45 33.92
CA THR F 220 -19.43 32.96 34.51
C THR F 220 -20.60 33.35 33.62
N ALA F 221 -21.77 32.84 33.97
CA ALA F 221 -23.00 33.27 33.29
C ALA F 221 -23.17 34.78 33.39
N ALA F 222 -22.75 35.38 34.50
CA ALA F 222 -22.97 36.80 34.72
C ALA F 222 -22.07 37.69 33.87
N ASN F 223 -20.99 37.17 33.28
CA ASN F 223 -20.14 38.03 32.45
C ASN F 223 -19.88 37.50 31.04
N CYS F 224 -20.42 36.34 30.67
CA CYS F 224 -20.04 35.74 29.40
C CYS F 224 -20.61 36.49 28.19
N LYS F 225 -21.78 37.10 28.31
CA LYS F 225 -22.43 37.64 27.11
C LYS F 225 -21.65 38.83 26.55
N GLU F 226 -21.24 39.77 27.39
CA GLU F 226 -20.51 40.92 26.87
C GLU F 226 -19.13 40.55 26.37
N LEU F 227 -18.45 39.61 27.06
CA LEU F 227 -17.19 39.08 26.55
C LEU F 227 -17.38 38.46 25.17
N ALA F 228 -18.44 37.63 25.03
CA ALA F 228 -18.68 36.91 23.79
C ALA F 228 -18.94 37.84 22.62
N GLN F 229 -19.47 39.04 22.89
CA GLN F 229 -19.78 40.01 21.85
C GLN F 229 -18.53 40.66 21.26
N GLN F 230 -17.38 40.52 21.92
CA GLN F 230 -16.15 41.12 21.38
C GLN F 230 -15.78 40.49 20.03
N HIS F 231 -15.28 41.33 19.14
CA HIS F 231 -15.10 40.94 17.73
C HIS F 231 -14.15 39.75 17.59
N ASP F 232 -13.11 39.66 18.43
CA ASP F 232 -12.08 38.64 18.28
C ASP F 232 -12.13 37.57 19.37
N VAL F 233 -13.16 37.57 20.19
CA VAL F 233 -13.36 36.56 21.23
C VAL F 233 -14.31 35.51 20.67
N ASP F 234 -13.81 34.28 20.47
CA ASP F 234 -14.52 33.20 19.81
C ASP F 234 -15.12 32.17 20.75
N GLY F 235 -15.07 32.39 22.06
CA GLY F 235 -15.52 31.38 22.98
C GLY F 235 -14.80 31.48 24.32
N PHE F 236 -14.88 30.40 25.08
CA PHE F 236 -14.50 30.42 26.49
C PHE F 236 -13.90 29.08 26.91
N LEU F 237 -12.93 29.15 27.81
CA LEU F 237 -12.47 28.00 28.58
C LEU F 237 -12.90 28.24 30.02
N VAL F 238 -13.76 27.37 30.53
CA VAL F 238 -14.48 27.60 31.78
C VAL F 238 -13.99 26.60 32.82
N GLY F 239 -13.49 27.11 33.94
CA GLY F 239 -12.96 26.29 35.01
C GLY F 239 -14.03 26.07 36.06
N GLY F 240 -14.06 26.92 37.08
CA GLY F 240 -14.96 26.74 38.21
C GLY F 240 -16.41 26.61 37.79
N ALA F 241 -16.87 27.50 36.89
CA ALA F 241 -18.26 27.47 36.45
C ALA F 241 -18.59 26.25 35.59
N SER F 242 -17.59 25.52 35.10
CA SER F 242 -17.87 24.35 34.28
C SER F 242 -18.45 23.20 35.09
N LEU F 243 -18.39 23.27 36.41
CA LEU F 243 -18.96 22.26 37.28
C LEU F 243 -20.40 22.58 37.66
N LYS F 244 -20.86 23.78 37.34
CA LYS F 244 -22.15 24.24 37.82
C LYS F 244 -23.17 24.22 36.69
N PRO F 245 -24.47 24.14 37.00
CA PRO F 245 -25.48 24.22 35.95
C PRO F 245 -25.34 25.42 35.02
N GLU F 246 -24.79 26.54 35.50
CA GLU F 246 -24.73 27.71 34.64
C GLU F 246 -23.78 27.53 33.46
N PHE F 247 -22.99 26.45 33.43
CA PHE F 247 -22.15 26.17 32.27
C PHE F 247 -22.94 26.18 30.97
N THR F 248 -24.13 25.55 30.96
CA THR F 248 -24.93 25.54 29.74
C THR F 248 -25.32 26.95 29.32
N GLU F 249 -25.53 27.84 30.30
CA GLU F 249 -25.82 29.23 29.95
C GLU F 249 -24.60 29.89 29.32
N ILE F 250 -23.40 29.58 29.83
CA ILE F 250 -22.20 30.14 29.24
C ILE F 250 -22.04 29.68 27.80
N CYS F 251 -22.45 28.44 27.50
CA CYS F 251 -22.34 27.92 26.13
C CYS F 251 -23.25 28.69 25.18
N LYS F 252 -24.33 29.25 25.71
CA LYS F 252 -25.29 30.03 24.94
C LYS F 252 -24.98 31.52 24.96
N ALA F 253 -23.71 31.88 25.22
CA ALA F 253 -23.34 33.29 25.39
C ALA F 253 -23.47 34.12 24.13
N ARG F 254 -23.76 33.53 22.97
CA ARG F 254 -23.94 34.36 21.78
C ARG F 254 -25.39 34.71 21.53
N GLN F 255 -26.32 34.01 22.18
CA GLN F 255 -27.76 34.24 21.99
C GLN F 255 -28.25 35.38 22.88
N SER G 7 51.95 -19.25 -34.92
CA SER G 7 51.01 -18.21 -35.31
C SER G 7 49.59 -18.65 -34.98
N ARG G 8 49.08 -18.13 -33.85
CA ARG G 8 47.78 -18.54 -33.32
C ARG G 8 46.65 -18.33 -34.32
N LYS G 9 45.84 -19.36 -34.51
CA LYS G 9 44.72 -19.30 -35.44
C LYS G 9 43.65 -18.34 -34.93
N PHE G 10 43.14 -17.51 -35.83
CA PHE G 10 42.07 -16.55 -35.48
C PHE G 10 40.76 -17.29 -35.19
N PHE G 11 40.09 -16.90 -34.10
CA PHE G 11 38.99 -17.68 -33.54
C PHE G 11 37.77 -16.78 -33.37
N VAL G 12 36.70 -17.08 -34.10
CA VAL G 12 35.46 -16.33 -33.97
C VAL G 12 34.34 -17.30 -33.57
N GLY G 13 33.75 -17.06 -32.41
CA GLY G 13 32.61 -17.82 -31.92
C GLY G 13 31.36 -16.96 -31.84
N GLY G 14 30.25 -17.50 -32.33
CA GLY G 14 28.95 -16.87 -32.17
C GLY G 14 28.09 -17.50 -31.07
N ASN G 15 27.85 -16.75 -30.00
CA ASN G 15 27.03 -17.20 -28.87
C ASN G 15 25.59 -16.77 -29.16
N TRP G 16 24.71 -17.72 -29.51
CA TRP G 16 23.34 -17.36 -29.83
C TRP G 16 22.51 -17.04 -28.59
N LYS G 17 23.00 -17.36 -27.40
CA LYS G 17 22.28 -17.19 -26.14
C LYS G 17 20.92 -17.87 -26.32
N MET G 18 19.87 -17.37 -25.67
CA MET G 18 18.54 -18.00 -25.75
C MET G 18 17.79 -17.43 -26.95
N ASN G 19 18.26 -17.84 -28.14
CA ASN G 19 17.63 -17.49 -29.40
C ASN G 19 17.77 -18.69 -30.31
N GLY G 20 16.68 -19.04 -30.98
CA GLY G 20 16.72 -20.12 -31.92
C GLY G 20 15.37 -20.75 -32.14
N SER G 21 15.17 -21.21 -33.37
CA SER G 21 14.03 -22.00 -33.81
C SER G 21 14.47 -22.67 -35.10
N ARG G 22 13.73 -23.70 -35.53
CA ARG G 22 14.12 -24.41 -36.74
C ARG G 22 14.26 -23.44 -37.92
N ASP G 23 13.31 -22.52 -38.07
CA ASP G 23 13.31 -21.61 -39.21
C ASP G 23 14.44 -20.59 -39.11
N ASP G 24 14.61 -19.96 -37.97
CA ASP G 24 15.70 -18.99 -37.86
C ASP G 24 17.05 -19.67 -37.97
N ASN G 25 17.17 -20.87 -37.40
CA ASN G 25 18.43 -21.59 -37.43
C ASN G 25 18.78 -22.02 -38.85
N ASP G 26 17.80 -22.56 -39.59
CA ASP G 26 18.01 -22.94 -40.98
C ASP G 26 18.54 -21.76 -41.79
N LYS G 27 17.89 -20.60 -41.68
CA LYS G 27 18.30 -19.46 -42.48
C LYS G 27 19.70 -19.00 -42.08
N LEU G 28 19.97 -18.96 -40.77
CA LEU G 28 21.28 -18.51 -40.29
C LEU G 28 22.38 -19.49 -40.71
N LEU G 29 22.10 -20.79 -40.63
CA LEU G 29 23.10 -21.77 -41.02
C LEU G 29 23.33 -21.79 -42.52
N LYS G 30 22.29 -21.49 -43.31
CA LYS G 30 22.46 -21.46 -44.76
C LYS G 30 23.52 -20.44 -45.16
N LEU G 31 23.43 -19.23 -44.63
CA LEU G 31 24.42 -18.21 -44.96
C LEU G 31 25.81 -18.61 -44.49
N LEU G 32 25.91 -19.21 -43.31
CA LEU G 32 27.20 -19.58 -42.76
C LEU G 32 27.84 -20.74 -43.51
N SER G 33 27.02 -21.65 -44.04
CA SER G 33 27.56 -22.75 -44.86
C SER G 33 28.13 -22.22 -46.17
N GLU G 34 27.43 -21.29 -46.82
CA GLU G 34 27.83 -20.77 -48.13
C GLU G 34 29.04 -19.85 -48.04
N ALA G 35 29.37 -19.36 -46.85
CA ALA G 35 30.49 -18.44 -46.71
C ALA G 35 31.80 -19.18 -46.93
N HIS G 36 32.83 -18.42 -47.27
CA HIS G 36 34.18 -18.93 -47.46
C HIS G 36 35.07 -18.21 -46.46
N PHE G 37 35.68 -18.97 -45.56
CA PHE G 37 36.61 -18.42 -44.60
C PHE G 37 38.02 -18.91 -44.91
N ASP G 38 39.02 -18.09 -44.59
CA ASP G 38 40.37 -18.51 -44.91
C ASP G 38 40.88 -19.52 -43.88
N ASP G 39 41.90 -20.26 -44.27
CA ASP G 39 42.31 -21.43 -43.49
C ASP G 39 42.99 -21.07 -42.19
N ASN G 40 43.26 -19.80 -41.91
CA ASN G 40 43.81 -19.40 -40.62
C ASN G 40 42.74 -18.82 -39.69
N THR G 41 41.48 -19.19 -39.92
CA THR G 41 40.34 -18.70 -39.14
C THR G 41 39.53 -19.90 -38.67
N GLU G 42 39.22 -19.93 -37.37
CA GLU G 42 38.46 -21.01 -36.76
C GLU G 42 37.10 -20.47 -36.32
N VAL G 43 36.02 -21.07 -36.85
CA VAL G 43 34.66 -20.57 -36.67
C VAL G 43 33.86 -21.55 -35.81
N LEU G 44 33.10 -21.00 -34.86
CA LEU G 44 32.29 -21.75 -33.91
C LEU G 44 30.93 -21.05 -33.72
N ILE G 45 29.86 -21.84 -33.60
CA ILE G 45 28.56 -21.31 -33.18
C ILE G 45 28.12 -22.05 -31.92
N ALA G 46 27.31 -21.37 -31.11
CA ALA G 46 26.76 -21.95 -29.88
C ALA G 46 25.26 -21.72 -29.82
N PRO G 47 24.46 -22.70 -30.27
CA PRO G 47 22.99 -22.57 -30.21
C PRO G 47 22.43 -23.06 -28.88
N PRO G 48 21.14 -22.82 -28.60
CA PRO G 48 20.52 -23.41 -27.41
C PRO G 48 20.58 -24.94 -27.44
N SER G 49 20.53 -25.54 -26.23
CA SER G 49 20.86 -26.95 -26.10
C SER G 49 19.91 -27.86 -26.88
N VAL G 50 18.64 -27.46 -27.02
CA VAL G 50 17.68 -28.36 -27.65
C VAL G 50 17.92 -28.47 -29.14
N PHE G 51 18.69 -27.53 -29.71
CA PHE G 51 19.02 -27.54 -31.12
C PHE G 51 20.40 -28.10 -31.43
N LEU G 52 21.20 -28.44 -30.42
CA LEU G 52 22.59 -28.79 -30.63
C LEU G 52 22.74 -30.00 -31.55
N HIS G 53 21.99 -31.07 -31.27
CA HIS G 53 22.22 -32.34 -31.98
C HIS G 53 21.93 -32.22 -33.48
N GLU G 54 20.76 -31.70 -33.84
CA GLU G 54 20.35 -31.57 -35.23
C GLU G 54 21.20 -30.54 -35.99
N ILE G 55 21.71 -29.51 -35.30
CA ILE G 55 22.60 -28.57 -35.97
C ILE G 55 23.97 -29.22 -36.20
N ARG G 56 24.50 -29.94 -35.20
CA ARG G 56 25.79 -30.61 -35.42
C ARG G 56 25.69 -31.59 -36.58
N LYS G 57 24.55 -32.29 -36.70
CA LYS G 57 24.39 -33.30 -37.75
C LYS G 57 24.45 -32.68 -39.13
N SER G 58 23.88 -31.49 -39.30
CA SER G 58 23.65 -30.94 -40.63
C SER G 58 24.72 -29.93 -41.06
N LEU G 59 25.54 -29.46 -40.12
CA LEU G 59 26.57 -28.47 -40.38
C LEU G 59 27.87 -29.16 -40.80
N LYS G 60 28.60 -28.52 -41.71
CA LYS G 60 29.91 -29.00 -42.12
C LYS G 60 30.85 -29.09 -40.91
N LYS G 61 31.62 -30.18 -40.84
CA LYS G 61 32.41 -30.48 -39.64
C LYS G 61 33.32 -29.33 -39.25
N GLU G 62 33.87 -28.62 -40.22
CA GLU G 62 34.94 -27.67 -39.95
C GLU G 62 34.48 -26.50 -39.08
N ILE G 63 33.18 -26.21 -39.02
CA ILE G 63 32.65 -25.21 -38.09
C ILE G 63 32.25 -25.92 -36.80
N HIS G 64 32.73 -25.40 -35.67
CA HIS G 64 32.47 -25.99 -34.37
C HIS G 64 31.05 -25.66 -33.88
N VAL G 65 30.47 -26.58 -33.10
CA VAL G 65 29.17 -26.39 -32.44
C VAL G 65 29.36 -26.58 -30.93
N ALA G 66 29.07 -25.53 -30.16
CA ALA G 66 29.34 -25.53 -28.72
C ALA G 66 28.05 -25.45 -27.92
N ALA G 67 27.99 -26.22 -26.83
CA ALA G 67 26.95 -25.99 -25.83
C ALA G 67 27.22 -24.66 -25.11
N GLN G 68 26.13 -24.00 -24.69
CA GLN G 68 26.31 -22.72 -24.01
C GLN G 68 26.63 -22.87 -22.53
N ASN G 69 26.51 -24.07 -21.99
CA ASN G 69 26.74 -24.32 -20.56
C ASN G 69 26.69 -25.82 -20.36
N CYS G 70 27.24 -26.29 -19.25
CA CYS G 70 27.09 -27.68 -18.82
C CYS G 70 27.40 -27.72 -17.34
N TYR G 71 27.16 -28.88 -16.73
CA TYR G 71 27.45 -29.05 -15.32
C TYR G 71 28.80 -29.77 -15.15
N LYS G 72 29.12 -30.17 -13.91
CA LYS G 72 30.51 -30.42 -13.53
C LYS G 72 30.84 -31.85 -13.15
N VAL G 73 29.87 -32.78 -13.23
CA VAL G 73 30.11 -34.21 -13.15
C VAL G 73 29.38 -34.84 -14.33
N SER G 74 29.63 -36.13 -14.56
CA SER G 74 29.19 -36.76 -15.82
C SER G 74 27.71 -37.14 -15.80
N LYS G 75 27.13 -37.37 -14.63
CA LYS G 75 25.74 -37.76 -14.49
C LYS G 75 25.33 -37.52 -13.05
N GLY G 76 24.03 -37.54 -12.79
CA GLY G 76 23.54 -37.49 -11.43
C GLY G 76 22.21 -36.77 -11.31
N ALA G 77 21.89 -36.43 -10.06
CA ALA G 77 20.56 -35.92 -9.71
C ALA G 77 20.56 -34.39 -9.81
N PHE G 78 20.62 -33.91 -11.06
CA PHE G 78 20.65 -32.46 -11.35
C PHE G 78 19.66 -32.17 -12.48
N THR G 79 18.36 -32.28 -12.14
CA THR G 79 17.28 -31.95 -13.06
C THR G 79 17.56 -30.64 -13.77
N GLY G 80 17.50 -30.66 -15.10
CA GLY G 80 17.70 -29.48 -15.93
C GLY G 80 19.11 -29.30 -16.48
N GLU G 81 20.10 -30.05 -15.98
CA GLU G 81 21.49 -29.88 -16.36
C GLU G 81 21.89 -30.90 -17.42
N ILE G 82 22.97 -30.59 -18.14
CA ILE G 82 23.60 -31.48 -19.11
C ILE G 82 25.09 -31.58 -18.79
N SER G 83 25.70 -32.72 -19.14
CA SER G 83 27.09 -32.98 -18.84
C SER G 83 27.95 -33.01 -20.10
N PRO G 84 29.27 -32.83 -19.97
CA PRO G 84 30.13 -32.98 -21.15
C PRO G 84 29.93 -34.30 -21.89
N ALA G 85 29.70 -35.40 -21.18
CA ALA G 85 29.54 -36.69 -21.86
C ALA G 85 28.32 -36.66 -22.77
N MET G 86 27.25 -35.97 -22.36
CA MET G 86 26.09 -35.86 -23.24
C MET G 86 26.41 -35.01 -24.45
N ILE G 87 27.14 -33.92 -24.23
CA ILE G 87 27.50 -33.03 -25.33
C ILE G 87 28.33 -33.80 -26.34
N ARG G 88 29.33 -34.56 -25.87
CA ARG G 88 30.13 -35.38 -26.78
C ARG G 88 29.29 -36.46 -27.44
N ASP G 89 28.36 -37.08 -26.69
CA ASP G 89 27.47 -38.10 -27.24
C ASP G 89 26.70 -37.61 -28.46
N ILE G 90 26.26 -36.35 -28.46
CA ILE G 90 25.53 -35.86 -29.62
C ILE G 90 26.48 -35.23 -30.64
N GLY G 91 27.78 -35.50 -30.51
CA GLY G 91 28.71 -35.14 -31.57
C GLY G 91 29.38 -33.77 -31.44
N CYS G 92 29.13 -33.02 -30.36
CA CYS G 92 29.68 -31.69 -30.21
C CYS G 92 30.94 -31.75 -29.36
N ASP G 93 31.92 -30.89 -29.69
CA ASP G 93 33.23 -30.93 -29.06
C ASP G 93 33.55 -29.68 -28.25
N TRP G 94 32.58 -28.81 -28.01
CA TRP G 94 32.88 -27.50 -27.45
C TRP G 94 31.83 -27.09 -26.44
N VAL G 95 32.21 -26.24 -25.50
CA VAL G 95 31.25 -25.66 -24.56
C VAL G 95 31.78 -24.31 -24.12
N ILE G 96 30.88 -23.35 -23.98
CA ILE G 96 31.17 -22.08 -23.31
C ILE G 96 30.88 -22.25 -21.83
N LEU G 97 31.84 -21.88 -20.98
CA LEU G 97 31.66 -21.97 -19.55
C LEU G 97 31.98 -20.62 -18.92
N GLY G 98 31.27 -20.30 -17.84
CA GLY G 98 31.59 -19.08 -17.10
C GLY G 98 31.19 -17.79 -17.77
N HIS G 99 30.31 -17.84 -18.77
CA HIS G 99 29.78 -16.63 -19.37
C HIS G 99 29.18 -15.70 -18.33
N SER G 100 29.29 -14.39 -18.60
CA SER G 100 28.76 -13.36 -17.71
C SER G 100 27.32 -13.64 -17.28
N GLU G 101 26.46 -14.05 -18.21
CA GLU G 101 25.06 -14.27 -17.84
C GLU G 101 24.91 -15.40 -16.83
N ARG G 102 25.80 -16.39 -16.87
CA ARG G 102 25.74 -17.45 -15.87
C ARG G 102 26.30 -16.97 -14.54
N ARG G 103 27.38 -16.19 -14.57
CA ARG G 103 27.96 -15.71 -13.32
C ARG G 103 27.04 -14.69 -12.64
N ASN G 104 26.39 -13.83 -13.43
CA ASN G 104 25.79 -12.62 -12.90
C ASN G 104 24.26 -12.67 -12.86
N ILE G 105 23.63 -13.60 -13.57
CA ILE G 105 22.21 -13.87 -13.45
C ILE G 105 21.95 -15.13 -12.67
N PHE G 106 22.69 -16.19 -12.96
CA PHE G 106 22.49 -17.48 -12.33
C PHE G 106 23.50 -17.75 -11.23
N GLY G 107 24.29 -16.74 -10.86
CA GLY G 107 25.10 -16.80 -9.65
C GLY G 107 26.14 -17.89 -9.60
N GLU G 108 26.70 -18.29 -10.73
CA GLU G 108 27.73 -19.33 -10.74
C GLU G 108 29.07 -18.78 -10.23
N SER G 109 29.61 -19.38 -9.18
CA SER G 109 30.80 -18.85 -8.52
C SER G 109 32.07 -19.15 -9.33
N ASP G 110 33.16 -18.47 -8.94
CA ASP G 110 34.46 -18.68 -9.57
C ASP G 110 34.89 -20.15 -9.49
N GLU G 111 34.72 -20.77 -8.33
CA GLU G 111 35.10 -22.17 -8.15
C GLU G 111 34.20 -23.10 -8.96
N LEU G 112 32.89 -22.82 -9.04
CA LEU G 112 32.00 -23.68 -9.81
C LEU G 112 32.39 -23.68 -11.28
N ILE G 113 32.72 -22.51 -11.81
CA ILE G 113 33.16 -22.40 -13.20
C ILE G 113 34.43 -23.22 -13.41
N ALA G 114 35.38 -23.09 -12.48
CA ALA G 114 36.62 -23.84 -12.57
C ALA G 114 36.36 -25.34 -12.54
N GLU G 115 35.45 -25.78 -11.66
CA GLU G 115 35.10 -27.19 -11.62
C GLU G 115 34.47 -27.65 -12.93
N LYS G 116 33.57 -26.83 -13.50
CA LYS G 116 33.01 -27.14 -14.81
C LYS G 116 34.09 -27.25 -15.89
N VAL G 117 35.03 -26.30 -15.91
CA VAL G 117 36.06 -26.28 -16.94
C VAL G 117 36.91 -27.55 -16.88
N GLN G 118 37.49 -27.86 -15.71
CA GLN G 118 38.32 -29.06 -15.61
C GLN G 118 37.55 -30.31 -16.03
N HIS G 119 36.25 -30.39 -15.69
CA HIS G 119 35.50 -31.60 -15.99
C HIS G 119 35.21 -31.71 -17.47
N ALA G 120 34.92 -30.59 -18.13
CA ALA G 120 34.77 -30.61 -19.59
C ALA G 120 36.07 -31.00 -20.26
N LEU G 121 37.20 -30.49 -19.75
CA LEU G 121 38.49 -30.83 -20.35
C LEU G 121 38.79 -32.32 -20.15
N ALA G 122 38.53 -32.83 -18.95
CA ALA G 122 38.77 -34.23 -18.67
C ALA G 122 37.90 -35.14 -19.53
N GLU G 123 36.75 -34.64 -19.99
CA GLU G 123 35.86 -35.40 -20.87
C GLU G 123 36.24 -35.31 -22.36
N GLY G 124 37.21 -34.50 -22.72
CA GLY G 124 37.64 -34.40 -24.10
C GLY G 124 37.11 -33.19 -24.84
N LEU G 125 36.35 -32.32 -24.18
CA LEU G 125 35.83 -31.12 -24.82
C LEU G 125 36.90 -30.04 -24.89
N SER G 126 36.70 -29.11 -25.81
CA SER G 126 37.37 -27.81 -25.75
C SER G 126 36.43 -26.79 -25.11
N VAL G 127 37.02 -25.81 -24.44
CA VAL G 127 36.26 -24.89 -23.60
C VAL G 127 36.57 -23.46 -24.00
N ILE G 128 35.54 -22.63 -24.12
CA ILE G 128 35.68 -21.18 -24.08
C ILE G 128 35.40 -20.75 -22.66
N ALA G 129 36.44 -20.31 -21.97
CA ALA G 129 36.34 -19.87 -20.58
C ALA G 129 36.24 -18.36 -20.55
N CYS G 130 35.12 -17.85 -20.01
CA CYS G 130 34.80 -16.43 -20.03
C CYS G 130 35.17 -15.77 -18.71
N ILE G 131 35.74 -14.57 -18.81
CA ILE G 131 36.07 -13.75 -17.65
C ILE G 131 35.77 -12.29 -18.01
N GLY G 132 35.67 -11.45 -16.98
CA GLY G 132 35.42 -10.04 -17.21
C GLY G 132 34.90 -9.31 -15.99
N GLU G 133 35.11 -8.00 -15.96
CA GLU G 133 34.78 -7.14 -14.83
C GLU G 133 33.59 -6.25 -15.13
N THR G 134 32.85 -5.85 -14.08
CA THR G 134 31.73 -4.93 -14.23
C THR G 134 32.21 -3.49 -14.32
N LEU G 135 31.30 -2.60 -14.74
CA LEU G 135 31.61 -1.17 -14.81
C LEU G 135 32.06 -0.65 -13.46
N SER G 136 31.37 -1.03 -12.39
CA SER G 136 31.79 -0.64 -11.05
C SER G 136 33.19 -1.15 -10.76
N GLU G 137 33.52 -2.35 -11.22
CA GLU G 137 34.86 -2.89 -10.96
C GLU G 137 35.90 -2.15 -11.77
N ARG G 138 35.61 -1.85 -13.04
CA ARG G 138 36.56 -1.09 -13.86
C ARG G 138 36.74 0.33 -13.31
N GLU G 139 35.65 0.97 -12.91
CA GLU G 139 35.76 2.32 -12.36
C GLU G 139 36.56 2.34 -11.06
N SER G 140 36.50 1.27 -10.27
CA SER G 140 37.33 1.11 -9.08
C SER G 140 38.77 0.67 -9.38
N ASN G 141 39.16 0.56 -10.66
CA ASN G 141 40.48 0.05 -11.05
C ASN G 141 40.75 -1.34 -10.50
N LYS G 142 39.72 -2.18 -10.50
CA LYS G 142 39.84 -3.56 -10.06
C LYS G 142 39.92 -4.52 -11.23
N THR G 143 40.09 -3.99 -12.45
CA THR G 143 39.97 -4.80 -13.66
C THR G 143 40.91 -6.00 -13.64
N GLU G 144 42.20 -5.75 -13.43
CA GLU G 144 43.17 -6.83 -13.38
C GLU G 144 42.89 -7.77 -12.22
N GLU G 145 42.68 -7.20 -11.02
CA GLU G 145 42.40 -8.03 -9.85
C GLU G 145 41.23 -8.97 -10.11
N VAL G 146 40.17 -8.47 -10.77
CA VAL G 146 38.97 -9.29 -10.96
C VAL G 146 39.23 -10.39 -11.99
N CYS G 147 39.73 -10.01 -13.17
CA CYS G 147 40.03 -10.99 -14.20
C CYS G 147 40.97 -12.09 -13.69
N VAL G 148 42.06 -11.70 -13.03
CA VAL G 148 43.04 -12.67 -12.58
C VAL G 148 42.43 -13.59 -11.53
N ARG G 149 41.63 -13.03 -10.62
CA ARG G 149 40.93 -13.89 -9.67
C ARG G 149 40.09 -14.93 -10.40
N GLN G 150 39.44 -14.53 -11.49
CA GLN G 150 38.57 -15.46 -12.19
C GLN G 150 39.37 -16.50 -12.96
N LEU G 151 40.41 -16.06 -13.68
CA LEU G 151 41.26 -17.00 -14.39
C LEU G 151 42.00 -17.93 -13.43
N LYS G 152 42.50 -17.37 -12.32
CA LYS G 152 43.32 -18.17 -11.41
C LYS G 152 42.54 -19.33 -10.83
N ALA G 153 41.24 -19.14 -10.58
CA ALA G 153 40.42 -20.26 -10.11
C ALA G 153 40.41 -21.39 -11.14
N ILE G 154 40.27 -21.04 -12.41
CA ILE G 154 40.29 -22.05 -13.47
C ILE G 154 41.68 -22.68 -13.58
N ALA G 155 42.72 -21.84 -13.57
CA ALA G 155 44.08 -22.36 -13.72
C ALA G 155 44.48 -23.25 -12.55
N ASN G 156 43.86 -23.05 -11.39
CA ASN G 156 44.13 -23.95 -10.27
C ASN G 156 43.74 -25.40 -10.59
N LYS G 157 42.93 -25.64 -11.62
CA LYS G 157 42.50 -27.00 -11.95
C LYS G 157 43.20 -27.57 -13.17
N ILE G 158 44.03 -26.78 -13.86
CA ILE G 158 44.67 -27.22 -15.09
C ILE G 158 46.16 -27.29 -14.83
N LYS G 159 46.75 -28.47 -15.05
CA LYS G 159 48.14 -28.71 -14.69
C LYS G 159 49.09 -28.88 -15.87
N SER G 160 48.58 -29.20 -17.06
CA SER G 160 49.42 -29.52 -18.19
C SER G 160 49.18 -28.54 -19.34
N ALA G 161 50.19 -28.42 -20.19
CA ALA G 161 50.07 -27.56 -21.36
C ALA G 161 49.14 -28.17 -22.40
N ASP G 162 49.03 -29.49 -22.44
CA ASP G 162 48.11 -30.13 -23.38
C ASP G 162 46.66 -29.81 -23.03
N GLU G 163 46.35 -29.68 -21.73
CA GLU G 163 45.01 -29.28 -21.34
C GLU G 163 44.72 -27.86 -21.80
N TRP G 164 45.64 -26.92 -21.52
CA TRP G 164 45.46 -25.56 -21.98
C TRP G 164 45.35 -25.47 -23.49
N LYS G 165 45.84 -26.48 -24.23
CA LYS G 165 45.70 -26.45 -25.68
C LYS G 165 44.25 -26.30 -26.07
N ARG G 166 43.34 -26.93 -25.31
CA ARG G 166 41.93 -27.00 -25.62
C ARG G 166 41.12 -25.91 -24.92
N VAL G 167 41.78 -24.87 -24.45
CA VAL G 167 41.13 -23.71 -23.83
C VAL G 167 41.27 -22.52 -24.77
N VAL G 168 40.18 -21.74 -24.86
CA VAL G 168 40.19 -20.42 -25.45
C VAL G 168 39.62 -19.47 -24.41
N VAL G 169 40.39 -18.46 -24.02
CA VAL G 169 39.92 -17.52 -23.01
C VAL G 169 39.18 -16.39 -23.71
N ALA G 170 37.97 -16.07 -23.23
CA ALA G 170 37.20 -14.93 -23.72
C ALA G 170 37.17 -13.83 -22.66
N TYR G 171 37.85 -12.72 -22.94
CA TYR G 171 37.75 -11.54 -22.09
C TYR G 171 36.51 -10.73 -22.52
N GLU G 172 35.54 -10.59 -21.63
CA GLU G 172 34.31 -9.87 -21.98
C GLU G 172 33.98 -8.90 -20.85
N PRO G 173 34.32 -7.63 -20.99
CA PRO G 173 33.88 -6.65 -20.00
C PRO G 173 32.35 -6.71 -19.94
N VAL G 174 31.84 -6.93 -18.74
CA VAL G 174 30.40 -7.02 -18.55
C VAL G 174 29.73 -5.75 -19.01
N TRP G 175 30.40 -4.60 -18.77
CA TRP G 175 29.88 -3.32 -19.21
C TRP G 175 29.78 -3.21 -20.72
N ALA G 176 30.39 -4.14 -21.45
CA ALA G 176 30.31 -4.11 -22.91
C ALA G 176 29.37 -5.17 -23.47
N ILE G 177 28.81 -6.03 -22.64
CA ILE G 177 27.97 -7.13 -23.11
C ILE G 177 26.54 -6.62 -23.31
N GLY G 178 26.13 -6.48 -24.56
CA GLY G 178 24.79 -6.09 -24.90
C GLY G 178 24.52 -4.62 -24.77
N THR G 179 25.51 -3.83 -24.36
CA THR G 179 25.29 -2.43 -24.05
C THR G 179 25.51 -1.51 -25.24
N GLY G 180 25.99 -2.03 -26.37
CA GLY G 180 26.48 -1.19 -27.43
C GLY G 180 27.71 -0.37 -27.10
N LYS G 181 28.30 -0.52 -25.91
CA LYS G 181 29.53 0.17 -25.56
C LYS G 181 30.70 -0.80 -25.69
N VAL G 182 31.20 -0.94 -26.92
CA VAL G 182 32.37 -1.78 -27.16
C VAL G 182 33.59 -1.19 -26.47
N ALA G 183 34.50 -2.05 -26.04
CA ALA G 183 35.81 -1.57 -25.57
C ALA G 183 36.63 -1.05 -26.74
N THR G 184 37.46 -0.05 -26.47
CA THR G 184 38.29 0.44 -27.56
C THR G 184 39.43 -0.53 -27.82
N PRO G 185 40.02 -0.49 -29.03
CA PRO G 185 41.22 -1.31 -29.26
C PRO G 185 42.24 -1.21 -28.14
N GLN G 186 42.44 -0.03 -27.57
CA GLN G 186 43.45 0.14 -26.53
C GLN G 186 43.04 -0.54 -25.22
N GLN G 187 41.74 -0.49 -24.89
CA GLN G 187 41.31 -1.14 -23.65
C GLN G 187 41.37 -2.65 -23.77
N ALA G 188 40.99 -3.18 -24.93
CA ALA G 188 41.07 -4.61 -25.14
C ALA G 188 42.52 -5.07 -25.12
N GLN G 189 43.34 -4.48 -25.99
CA GLN G 189 44.75 -4.84 -26.03
C GLN G 189 45.39 -4.80 -24.65
N GLU G 190 45.07 -3.76 -23.87
CA GLU G 190 45.69 -3.65 -22.56
C GLU G 190 45.30 -4.81 -21.66
N VAL G 191 44.02 -5.22 -21.67
CA VAL G 191 43.63 -6.38 -20.87
C VAL G 191 44.23 -7.65 -21.44
N HIS G 192 44.17 -7.82 -22.76
CA HIS G 192 44.73 -9.04 -23.34
C HIS G 192 46.23 -9.13 -23.08
N ASN G 193 46.89 -7.98 -22.91
CA ASN G 193 48.34 -8.01 -22.74
C ASN G 193 48.71 -8.45 -21.32
N PHE G 194 48.02 -7.95 -20.29
CA PHE G 194 48.34 -8.49 -18.97
C PHE G 194 47.79 -9.88 -18.78
N LEU G 195 46.82 -10.31 -19.59
CA LEU G 195 46.36 -11.69 -19.50
C LEU G 195 47.43 -12.65 -20.05
N ARG G 196 47.99 -12.35 -21.22
CA ARG G 196 49.07 -13.18 -21.74
C ARG G 196 50.27 -13.19 -20.80
N LYS G 197 50.68 -12.01 -20.31
CA LYS G 197 51.77 -11.96 -19.33
C LYS G 197 51.46 -12.84 -18.14
N TRP G 198 50.21 -12.82 -17.66
CA TRP G 198 49.83 -13.71 -16.59
C TRP G 198 50.07 -15.18 -16.96
N PHE G 199 49.78 -15.55 -18.21
CA PHE G 199 50.03 -16.92 -18.64
C PHE G 199 51.52 -17.23 -18.61
N LYS G 200 52.32 -16.36 -19.26
CA LYS G 200 53.78 -16.48 -19.20
C LYS G 200 54.27 -16.70 -17.77
N THR G 201 53.70 -15.98 -16.82
CA THR G 201 54.16 -16.06 -15.44
C THR G 201 53.64 -17.31 -14.73
N ASN G 202 52.37 -17.66 -14.93
CA ASN G 202 51.73 -18.64 -14.07
C ASN G 202 51.38 -19.97 -14.75
N ALA G 203 51.26 -19.99 -16.07
CA ALA G 203 50.88 -21.23 -16.74
C ALA G 203 52.12 -22.00 -17.17
N PRO G 204 51.97 -23.31 -17.53
CA PRO G 204 53.10 -24.06 -18.09
C PRO G 204 53.79 -23.38 -19.26
N ASN G 205 55.00 -23.85 -19.58
CA ASN G 205 55.86 -23.16 -20.52
C ASN G 205 55.31 -23.30 -21.93
N GLY G 206 55.29 -22.19 -22.67
CA GLY G 206 54.80 -22.16 -24.03
C GLY G 206 53.31 -21.92 -24.18
N VAL G 207 52.52 -22.04 -23.11
CA VAL G 207 51.07 -21.85 -23.21
C VAL G 207 50.75 -20.41 -23.60
N ASP G 208 51.50 -19.45 -23.05
CA ASP G 208 51.23 -18.04 -23.28
C ASP G 208 51.22 -17.69 -24.77
N GLU G 209 52.04 -18.35 -25.57
CA GLU G 209 52.12 -18.02 -26.99
C GLU G 209 51.19 -18.87 -27.84
N LYS G 210 50.54 -19.88 -27.27
CA LYS G 210 49.59 -20.71 -28.01
C LYS G 210 48.13 -20.38 -27.70
N ILE G 211 47.83 -19.99 -26.47
CA ILE G 211 46.43 -19.83 -26.07
C ILE G 211 45.80 -18.66 -26.81
N ARG G 212 44.63 -18.89 -27.39
CA ARG G 212 43.84 -17.81 -27.97
C ARG G 212 43.13 -17.05 -26.86
N ILE G 213 43.25 -15.72 -26.88
CA ILE G 213 42.54 -14.84 -25.98
C ILE G 213 41.65 -13.97 -26.84
N ILE G 214 40.34 -14.22 -26.80
CA ILE G 214 39.37 -13.56 -27.66
C ILE G 214 38.61 -12.52 -26.83
N TYR G 215 38.09 -11.51 -27.54
CA TYR G 215 37.39 -10.39 -26.91
C TYR G 215 35.92 -10.50 -27.25
N GLY G 216 35.08 -10.17 -26.29
CA GLY G 216 33.64 -10.12 -26.53
C GLY G 216 33.04 -8.93 -25.83
N GLY G 217 31.91 -8.48 -26.36
CA GLY G 217 31.19 -7.35 -25.79
C GLY G 217 30.89 -6.29 -26.84
N SER G 218 29.71 -6.38 -27.46
CA SER G 218 29.25 -5.44 -28.50
C SER G 218 30.11 -5.48 -29.76
N VAL G 219 30.64 -6.66 -30.10
CA VAL G 219 31.44 -6.80 -31.32
C VAL G 219 30.50 -6.82 -32.54
N THR G 220 30.80 -5.96 -33.52
CA THR G 220 30.01 -5.86 -34.75
C THR G 220 30.97 -5.87 -35.93
N ALA G 221 30.40 -6.00 -37.13
CA ALA G 221 31.19 -5.83 -38.35
C ALA G 221 31.74 -4.40 -38.49
N ALA G 222 31.18 -3.45 -37.75
CA ALA G 222 31.64 -2.06 -37.80
C ALA G 222 32.91 -1.82 -36.97
N ASN G 223 33.14 -2.60 -35.91
CA ASN G 223 34.29 -2.31 -35.06
C ASN G 223 35.29 -3.45 -34.99
N CYS G 224 35.05 -4.56 -35.68
CA CYS G 224 35.87 -5.75 -35.46
C CYS G 224 37.25 -5.65 -36.09
N LYS G 225 37.37 -4.95 -37.24
CA LYS G 225 38.63 -4.97 -37.97
C LYS G 225 39.76 -4.34 -37.16
N GLU G 226 39.54 -3.15 -36.60
CA GLU G 226 40.61 -2.53 -35.81
C GLU G 226 40.88 -3.31 -34.54
N LEU G 227 39.85 -3.87 -33.91
CA LEU G 227 40.07 -4.71 -32.74
C LEU G 227 40.97 -5.89 -33.07
N ALA G 228 40.82 -6.46 -34.28
CA ALA G 228 41.54 -7.67 -34.65
C ALA G 228 43.01 -7.42 -34.98
N GLN G 229 43.38 -6.17 -35.25
CA GLN G 229 44.77 -5.87 -35.51
C GLN G 229 45.56 -5.69 -34.22
N GLN G 230 44.90 -5.65 -33.06
CA GLN G 230 45.61 -5.59 -31.80
C GLN G 230 46.41 -6.87 -31.59
N HIS G 231 47.56 -6.73 -30.93
CA HIS G 231 48.55 -7.80 -30.97
C HIS G 231 48.10 -9.02 -30.19
N ASP G 232 47.49 -8.83 -29.03
CA ASP G 232 47.12 -9.95 -28.19
C ASP G 232 45.63 -10.30 -28.28
N VAL G 233 44.94 -9.82 -29.32
CA VAL G 233 43.53 -10.12 -29.58
C VAL G 233 43.49 -11.16 -30.70
N ASP G 234 43.04 -12.37 -30.37
CA ASP G 234 43.07 -13.51 -31.29
C ASP G 234 41.71 -13.83 -31.90
N GLY G 235 40.69 -13.01 -31.64
CA GLY G 235 39.35 -13.28 -32.15
C GLY G 235 38.29 -12.68 -31.24
N PHE G 236 37.06 -13.17 -31.42
CA PHE G 236 35.88 -12.57 -30.82
C PHE G 236 34.89 -13.62 -30.34
N LEU G 237 34.23 -13.31 -29.23
CA LEU G 237 32.98 -13.96 -28.85
C LEU G 237 31.84 -12.98 -29.15
N VAL G 238 30.97 -13.35 -30.08
CA VAL G 238 30.00 -12.43 -30.68
C VAL G 238 28.60 -12.83 -30.24
N GLY G 239 27.90 -11.93 -29.54
CA GLY G 239 26.57 -12.22 -29.03
C GLY G 239 25.48 -11.79 -29.99
N GLY G 240 25.00 -10.55 -29.84
CA GLY G 240 23.92 -10.07 -30.69
C GLY G 240 24.22 -10.22 -32.16
N ALA G 241 25.40 -9.77 -32.59
CA ALA G 241 25.71 -9.78 -34.02
C ALA G 241 25.82 -11.18 -34.61
N SER G 242 25.82 -12.24 -33.79
CA SER G 242 25.99 -13.60 -34.32
C SER G 242 24.69 -14.17 -34.86
N LEU G 243 23.55 -13.53 -34.58
CA LEU G 243 22.28 -13.92 -35.17
C LEU G 243 22.04 -13.27 -36.53
N LYS G 244 22.92 -12.37 -36.95
CA LYS G 244 22.75 -11.57 -38.17
C LYS G 244 23.70 -12.03 -39.26
N PRO G 245 23.40 -11.72 -40.52
CA PRO G 245 24.34 -12.07 -41.59
C PRO G 245 25.73 -11.45 -41.42
N GLU G 246 25.84 -10.30 -40.76
CA GLU G 246 27.16 -9.69 -40.61
C GLU G 246 28.11 -10.52 -39.76
N PHE G 247 27.64 -11.63 -39.18
CA PHE G 247 28.52 -12.51 -38.43
C PHE G 247 29.63 -13.07 -39.32
N THR G 248 29.28 -13.44 -40.57
CA THR G 248 30.29 -13.99 -41.48
C THR G 248 31.34 -12.95 -41.84
N GLU G 249 30.98 -11.66 -41.85
CA GLU G 249 31.99 -10.62 -42.04
C GLU G 249 32.89 -10.52 -40.81
N ILE G 250 32.32 -10.66 -39.60
CA ILE G 250 33.13 -10.61 -38.40
C ILE G 250 34.16 -11.74 -38.39
N CYS G 251 33.78 -12.91 -38.95
CA CYS G 251 34.73 -14.01 -39.12
C CYS G 251 35.89 -13.68 -40.05
N LYS G 252 35.69 -12.71 -40.96
CA LYS G 252 36.76 -12.25 -41.84
C LYS G 252 37.42 -10.97 -41.32
N ALA G 253 37.43 -10.77 -40.00
CA ALA G 253 37.90 -9.51 -39.45
C ALA G 253 39.39 -9.28 -39.64
N ARG G 254 40.18 -10.34 -39.93
CA ARG G 254 41.60 -10.18 -40.19
C ARG G 254 41.90 -9.96 -41.67
N GLN G 255 40.89 -9.99 -42.54
CA GLN G 255 41.09 -9.77 -43.97
C GLN G 255 41.23 -8.28 -44.27
N SER H 7 -13.53 -37.88 -13.41
CA SER H 7 -12.49 -38.71 -12.82
C SER H 7 -11.12 -38.32 -13.38
N ARG H 8 -10.09 -38.31 -12.52
CA ARG H 8 -8.76 -37.82 -12.90
C ARG H 8 -7.92 -38.95 -13.51
N LYS H 9 -7.37 -38.70 -14.69
CA LYS H 9 -6.51 -39.69 -15.33
C LYS H 9 -5.24 -39.87 -14.51
N PHE H 10 -4.93 -41.14 -14.18
CA PHE H 10 -3.70 -41.46 -13.47
C PHE H 10 -2.50 -40.99 -14.28
N PHE H 11 -1.49 -40.46 -13.61
CA PHE H 11 -0.38 -39.77 -14.29
C PHE H 11 0.94 -40.23 -13.71
N VAL H 12 1.83 -40.75 -14.56
CA VAL H 12 3.13 -41.20 -14.11
C VAL H 12 4.20 -40.56 -14.99
N GLY H 13 5.11 -39.84 -14.35
CA GLY H 13 6.17 -39.14 -15.06
C GLY H 13 7.52 -39.69 -14.64
N GLY H 14 8.40 -39.85 -15.60
CA GLY H 14 9.75 -40.27 -15.32
C GLY H 14 10.74 -39.14 -15.58
N ASN H 15 11.39 -38.68 -14.53
CA ASN H 15 12.34 -37.58 -14.60
C ASN H 15 13.73 -38.22 -14.66
N TRP H 16 14.35 -38.22 -15.84
CA TRP H 16 15.66 -38.82 -15.95
C TRP H 16 16.76 -38.00 -15.27
N LYS H 17 16.51 -36.74 -14.92
CA LYS H 17 17.56 -35.86 -14.32
C LYS H 17 18.74 -35.82 -15.30
N MET H 18 19.98 -35.77 -14.81
CA MET H 18 21.13 -35.63 -15.70
C MET H 18 21.69 -37.01 -16.04
N ASN H 19 20.87 -37.77 -16.77
CA ASN H 19 21.20 -39.12 -17.24
C ASN H 19 20.67 -39.25 -18.67
N GLY H 20 21.52 -39.72 -19.55
CA GLY H 20 21.14 -39.85 -20.94
C GLY H 20 22.32 -40.01 -21.85
N SER H 21 22.11 -40.79 -22.90
CA SER H 21 22.99 -40.93 -24.06
C SER H 21 22.14 -41.65 -25.10
N ARG H 22 22.53 -41.51 -26.37
CA ARG H 22 21.79 -42.13 -27.46
C ARG H 22 21.51 -43.61 -27.19
N ASP H 23 22.55 -44.37 -26.83
CA ASP H 23 22.37 -45.82 -26.69
C ASP H 23 21.59 -46.16 -25.42
N ASP H 24 21.76 -45.39 -24.35
CA ASP H 24 20.97 -45.62 -23.13
C ASP H 24 19.50 -45.22 -23.33
N ASN H 25 19.27 -44.07 -23.96
CA ASN H 25 17.89 -43.66 -24.25
C ASN H 25 17.21 -44.66 -25.19
N ASP H 26 17.95 -45.18 -26.18
CA ASP H 26 17.38 -46.16 -27.09
C ASP H 26 16.91 -47.41 -26.36
N LYS H 27 17.73 -47.92 -25.42
CA LYS H 27 17.28 -49.03 -24.59
C LYS H 27 15.99 -48.67 -23.86
N LEU H 28 15.96 -47.49 -23.27
CA LEU H 28 14.84 -47.10 -22.42
C LEU H 28 13.56 -46.89 -23.22
N LEU H 29 13.67 -46.24 -24.39
CA LEU H 29 12.49 -46.01 -25.22
C LEU H 29 11.97 -47.30 -25.83
N LYS H 30 12.83 -48.29 -26.02
CA LYS H 30 12.37 -49.58 -26.51
C LYS H 30 11.39 -50.22 -25.52
N LEU H 31 11.80 -50.35 -24.27
CA LEU H 31 10.92 -50.94 -23.26
C LEU H 31 9.68 -50.08 -23.05
N LEU H 32 9.84 -48.76 -23.11
CA LEU H 32 8.67 -47.88 -23.04
C LEU H 32 7.69 -48.16 -24.17
N SER H 33 8.21 -48.35 -25.38
CA SER H 33 7.34 -48.51 -26.54
C SER H 33 6.68 -49.88 -26.56
N GLU H 34 7.33 -50.89 -25.98
CA GLU H 34 6.79 -52.25 -25.97
C GLU H 34 5.69 -52.44 -24.93
N ALA H 35 5.66 -51.63 -23.87
CA ALA H 35 4.67 -51.82 -22.83
C ALA H 35 3.29 -51.40 -23.31
N HIS H 36 2.27 -52.08 -22.77
CA HIS H 36 0.87 -51.72 -22.97
C HIS H 36 0.37 -51.03 -21.71
N PHE H 37 -0.17 -49.83 -21.87
CA PHE H 37 -0.64 -49.05 -20.71
C PHE H 37 -2.17 -48.92 -20.75
N ASP H 38 -2.77 -48.96 -19.56
CA ASP H 38 -4.20 -48.69 -19.44
C ASP H 38 -4.52 -47.33 -20.03
N ASP H 39 -5.55 -47.27 -20.86
CA ASP H 39 -5.98 -45.99 -21.44
C ASP H 39 -6.38 -45.03 -20.34
N ASN H 40 -6.40 -45.50 -19.09
CA ASN H 40 -6.61 -44.67 -17.91
C ASN H 40 -5.31 -44.25 -17.24
N THR H 41 -4.16 -44.44 -17.90
CA THR H 41 -2.88 -43.97 -17.36
C THR H 41 -2.23 -43.05 -18.39
N GLU H 42 -1.68 -41.94 -17.90
CA GLU H 42 -1.02 -40.95 -18.72
C GLU H 42 0.47 -40.97 -18.41
N VAL H 43 1.30 -41.24 -19.41
CA VAL H 43 2.72 -41.50 -19.21
C VAL H 43 3.54 -40.37 -19.83
N LEU H 44 4.58 -39.96 -19.09
CA LEU H 44 5.47 -38.88 -19.51
C LEU H 44 6.90 -39.25 -19.15
N ILE H 45 7.85 -38.89 -20.03
CA ILE H 45 9.27 -38.95 -19.67
C ILE H 45 9.88 -37.57 -19.86
N ALA H 46 10.99 -37.35 -19.15
CA ALA H 46 11.67 -36.05 -19.18
C ALA H 46 13.16 -36.24 -19.37
N PRO H 47 13.65 -36.22 -20.62
CA PRO H 47 15.08 -36.43 -20.88
C PRO H 47 15.85 -35.13 -20.79
N PRO H 48 17.19 -35.19 -20.69
CA PRO H 48 17.99 -33.97 -20.77
C PRO H 48 17.73 -33.22 -22.07
N SER H 49 17.94 -31.90 -22.02
CA SER H 49 17.44 -31.03 -23.07
C SER H 49 18.02 -31.42 -24.43
N VAL H 50 19.29 -31.85 -24.46
CA VAL H 50 19.95 -32.12 -25.74
C VAL H 50 19.29 -33.28 -26.48
N PHE H 51 18.61 -34.18 -25.76
CA PHE H 51 17.94 -35.32 -26.41
C PHE H 51 16.46 -35.10 -26.69
N LEU H 52 15.85 -34.00 -26.21
CA LEU H 52 14.40 -33.83 -26.34
C LEU H 52 13.92 -34.01 -27.77
N HIS H 53 14.54 -33.32 -28.73
CA HIS H 53 13.97 -33.27 -30.07
C HIS H 53 13.96 -34.65 -30.72
N GLU H 54 15.09 -35.38 -30.65
CA GLU H 54 15.14 -36.66 -31.32
C GLU H 54 14.25 -37.69 -30.63
N ILE H 55 14.08 -37.60 -29.30
CA ILE H 55 13.20 -38.52 -28.59
C ILE H 55 11.74 -38.25 -28.93
N ARG H 56 11.35 -36.98 -29.00
CA ARG H 56 9.96 -36.69 -29.35
C ARG H 56 9.64 -37.16 -30.76
N LYS H 57 10.60 -37.05 -31.68
CA LYS H 57 10.36 -37.47 -33.06
C LYS H 57 10.11 -38.97 -33.15
N SER H 58 10.91 -39.78 -32.44
CA SER H 58 10.80 -41.23 -32.55
C SER H 58 9.72 -41.82 -31.66
N LEU H 59 9.45 -41.22 -30.51
CA LEU H 59 8.51 -41.80 -29.55
C LEU H 59 7.06 -41.54 -29.94
N LYS H 60 6.23 -42.57 -29.78
CA LYS H 60 4.81 -42.46 -30.09
C LYS H 60 4.20 -41.30 -29.31
N LYS H 61 3.25 -40.63 -29.95
CA LYS H 61 2.72 -39.37 -29.41
C LYS H 61 1.97 -39.57 -28.09
N GLU H 62 1.48 -40.78 -27.82
CA GLU H 62 0.68 -40.99 -26.61
C GLU H 62 1.51 -40.80 -25.34
N ILE H 63 2.83 -40.89 -25.43
CA ILE H 63 3.71 -40.63 -24.32
C ILE H 63 4.21 -39.20 -24.44
N HIS H 64 4.11 -38.45 -23.35
CA HIS H 64 4.60 -37.09 -23.34
C HIS H 64 6.12 -37.06 -23.23
N VAL H 65 6.72 -36.06 -23.87
CA VAL H 65 8.15 -35.79 -23.74
C VAL H 65 8.28 -34.38 -23.16
N ALA H 66 8.85 -34.29 -21.96
CA ALA H 66 8.91 -33.05 -21.19
C ALA H 66 10.33 -32.54 -21.05
N ALA H 67 10.49 -31.23 -21.21
CA ALA H 67 11.71 -30.59 -20.73
C ALA H 67 11.78 -30.68 -19.21
N GLN H 68 13.01 -30.77 -18.69
CA GLN H 68 13.26 -30.77 -17.26
C GLN H 68 13.35 -29.37 -16.65
N ASN H 69 13.25 -28.30 -17.44
CA ASN H 69 13.38 -26.91 -16.98
C ASN H 69 13.22 -26.02 -18.20
N CYS H 70 12.83 -24.78 -17.98
CA CYS H 70 12.94 -23.77 -19.02
C CYS H 70 13.02 -22.42 -18.34
N TYR H 71 13.12 -21.35 -19.14
CA TYR H 71 13.17 -20.00 -18.60
C TYR H 71 11.82 -19.30 -18.83
N LYS H 72 11.77 -17.98 -18.61
CA LYS H 72 10.52 -17.24 -18.43
C LYS H 72 10.26 -16.15 -19.46
N VAL H 73 11.03 -16.11 -20.55
CA VAL H 73 10.76 -15.26 -21.71
C VAL H 73 11.02 -16.10 -22.96
N SER H 74 10.49 -15.64 -24.09
CA SER H 74 10.61 -16.46 -25.30
C SER H 74 12.02 -16.47 -25.87
N LYS H 75 12.84 -15.47 -25.54
CA LYS H 75 14.17 -15.29 -26.12
C LYS H 75 14.90 -14.23 -25.33
N GLY H 76 16.23 -14.21 -25.42
CA GLY H 76 16.97 -13.08 -24.90
C GLY H 76 18.36 -13.46 -24.40
N ALA H 77 18.94 -12.54 -23.64
CA ALA H 77 20.35 -12.58 -23.22
C ALA H 77 20.51 -13.48 -21.99
N PHE H 78 20.30 -14.79 -22.19
CA PHE H 78 20.30 -15.78 -21.11
C PHE H 78 21.06 -17.04 -21.54
N THR H 79 22.38 -16.89 -21.73
CA THR H 79 23.25 -17.98 -22.13
C THR H 79 22.99 -19.23 -21.31
N GLY H 80 22.72 -20.33 -22.01
CA GLY H 80 22.54 -21.61 -21.37
C GLY H 80 21.10 -22.00 -21.11
N GLU H 81 20.13 -21.10 -21.35
CA GLU H 81 18.72 -21.33 -21.06
C GLU H 81 17.93 -21.62 -22.33
N ILE H 82 16.76 -22.23 -22.15
CA ILE H 82 15.82 -22.53 -23.22
C ILE H 82 14.44 -22.01 -22.83
N SER H 83 13.62 -21.73 -23.83
CA SER H 83 12.32 -21.13 -23.60
C SER H 83 11.19 -22.07 -23.98
N PRO H 84 9.98 -21.84 -23.45
CA PRO H 84 8.81 -22.60 -23.92
C PRO H 84 8.60 -22.56 -25.42
N ALA H 85 8.88 -21.43 -26.07
CA ALA H 85 8.80 -21.37 -27.54
C ALA H 85 9.70 -22.44 -28.17
N MET H 86 10.91 -22.60 -27.64
CA MET H 86 11.84 -23.57 -28.21
C MET H 86 11.35 -24.99 -27.97
N ILE H 87 10.79 -25.25 -26.79
CA ILE H 87 10.24 -26.56 -26.48
C ILE H 87 9.09 -26.90 -27.43
N ARG H 88 8.19 -25.94 -27.66
CA ARG H 88 7.14 -26.16 -28.67
C ARG H 88 7.74 -26.39 -30.04
N ASP H 89 8.77 -25.60 -30.40
CA ASP H 89 9.35 -25.66 -31.74
C ASP H 89 9.87 -27.06 -32.07
N ILE H 90 10.35 -27.80 -31.07
CA ILE H 90 10.89 -29.13 -31.30
C ILE H 90 9.79 -30.16 -31.05
N GLY H 91 8.54 -29.70 -30.97
CA GLY H 91 7.40 -30.59 -30.94
C GLY H 91 7.06 -31.14 -29.57
N CYS H 92 7.60 -30.56 -28.51
CA CYS H 92 7.30 -31.05 -27.18
C CYS H 92 6.27 -30.13 -26.54
N ASP H 93 5.51 -30.67 -25.59
CA ASP H 93 4.38 -29.94 -25.04
C ASP H 93 4.36 -29.92 -23.51
N TRP H 94 5.44 -30.33 -22.85
CA TRP H 94 5.46 -30.39 -21.39
C TRP H 94 6.77 -29.86 -20.85
N VAL H 95 6.74 -29.37 -19.62
CA VAL H 95 7.97 -28.98 -18.91
C VAL H 95 7.79 -29.25 -17.42
N ILE H 96 8.86 -29.67 -16.75
CA ILE H 96 8.89 -29.76 -15.30
C ILE H 96 9.49 -28.46 -14.77
N LEU H 97 8.84 -27.85 -13.78
CA LEU H 97 9.25 -26.58 -13.23
C LEU H 97 9.26 -26.63 -11.71
N GLY H 98 10.22 -25.94 -11.11
CA GLY H 98 10.31 -25.92 -9.66
C GLY H 98 10.81 -27.19 -9.02
N HIS H 99 11.47 -28.07 -9.77
CA HIS H 99 12.00 -29.27 -9.15
C HIS H 99 12.93 -28.90 -8.01
N SER H 100 12.90 -29.71 -6.96
CA SER H 100 13.64 -29.42 -5.74
C SER H 100 15.12 -29.21 -6.02
N GLU H 101 15.69 -30.00 -6.93
CA GLU H 101 17.10 -29.82 -7.29
C GLU H 101 17.36 -28.42 -7.84
N ARG H 102 16.41 -27.87 -8.60
CA ARG H 102 16.59 -26.53 -9.15
C ARG H 102 16.35 -25.45 -8.09
N ARG H 103 15.41 -25.71 -7.17
CA ARG H 103 15.18 -24.80 -6.06
C ARG H 103 16.36 -24.80 -5.08
N ASN H 104 16.90 -25.98 -4.76
CA ASN H 104 17.81 -26.18 -3.64
C ASN H 104 19.28 -26.22 -4.02
N ILE H 105 19.63 -26.66 -5.21
CA ILE H 105 21.02 -26.63 -5.66
C ILE H 105 21.29 -25.40 -6.51
N PHE H 106 20.36 -25.03 -7.38
CA PHE H 106 20.59 -23.92 -8.29
C PHE H 106 19.88 -22.64 -7.86
N GLY H 107 19.23 -22.66 -6.69
CA GLY H 107 18.76 -21.46 -6.03
C GLY H 107 17.53 -20.78 -6.62
N GLU H 108 16.68 -21.50 -7.34
CA GLU H 108 15.53 -20.86 -7.98
C GLU H 108 14.46 -20.53 -6.94
N SER H 109 13.99 -19.28 -6.93
CA SER H 109 13.07 -18.85 -5.87
C SER H 109 11.63 -19.24 -6.21
N ASP H 110 10.77 -19.20 -5.19
CA ASP H 110 9.34 -19.43 -5.41
C ASP H 110 8.79 -18.60 -6.56
N GLU H 111 9.15 -17.30 -6.59
CA GLU H 111 8.63 -16.37 -7.58
C GLU H 111 9.17 -16.68 -8.97
N LEU H 112 10.43 -17.08 -9.06
CA LEU H 112 10.96 -17.43 -10.36
C LEU H 112 10.26 -18.65 -10.92
N ILE H 113 9.98 -19.65 -10.07
CA ILE H 113 9.15 -20.77 -10.50
C ILE H 113 7.80 -20.26 -11.01
N ALA H 114 7.13 -19.44 -10.19
CA ALA H 114 5.84 -18.89 -10.57
C ALA H 114 5.92 -18.18 -11.92
N GLU H 115 6.98 -17.39 -12.13
CA GLU H 115 7.13 -16.72 -13.43
C GLU H 115 7.32 -17.74 -14.56
N LYS H 116 8.07 -18.81 -14.30
CA LYS H 116 8.30 -19.80 -15.36
C LYS H 116 7.02 -20.54 -15.68
N VAL H 117 6.28 -20.98 -14.64
CA VAL H 117 5.02 -21.70 -14.86
C VAL H 117 4.07 -20.83 -15.67
N GLN H 118 3.98 -19.55 -15.33
CA GLN H 118 3.05 -18.67 -16.01
C GLN H 118 3.44 -18.45 -17.47
N HIS H 119 4.74 -18.26 -17.75
CA HIS H 119 5.18 -18.12 -19.14
C HIS H 119 5.00 -19.41 -19.93
N ALA H 120 5.32 -20.56 -19.33
CA ALA H 120 5.17 -21.83 -20.03
C ALA H 120 3.71 -22.10 -20.39
N LEU H 121 2.78 -21.84 -19.46
CA LEU H 121 1.36 -22.04 -19.75
C LEU H 121 0.87 -21.07 -20.83
N ALA H 122 1.36 -19.82 -20.82
CA ALA H 122 0.98 -18.85 -21.85
C ALA H 122 1.38 -19.30 -23.25
N GLU H 123 2.41 -20.14 -23.35
CA GLU H 123 2.87 -20.69 -24.61
C GLU H 123 2.09 -21.93 -25.06
N GLY H 124 1.24 -22.49 -24.20
CA GLY H 124 0.49 -23.67 -24.57
C GLY H 124 0.98 -24.95 -23.97
N LEU H 125 2.08 -24.93 -23.24
CA LEU H 125 2.61 -26.13 -22.61
C LEU H 125 1.76 -26.55 -21.42
N SER H 126 1.86 -27.82 -21.07
CA SER H 126 1.43 -28.31 -19.79
C SER H 126 2.64 -28.41 -18.88
N VAL H 127 2.40 -28.28 -17.58
CA VAL H 127 3.48 -28.08 -16.63
C VAL H 127 3.33 -29.08 -15.49
N ILE H 128 4.40 -29.76 -15.13
CA ILE H 128 4.48 -30.43 -13.82
C ILE H 128 5.16 -29.45 -12.88
N ALA H 129 4.40 -28.91 -11.95
CA ALA H 129 4.89 -27.89 -11.01
C ALA H 129 5.19 -28.54 -9.67
N CYS H 130 6.45 -28.49 -9.24
CA CYS H 130 6.97 -29.22 -8.10
C CYS H 130 6.98 -28.35 -6.84
N ILE H 131 6.46 -28.90 -5.75
CA ILE H 131 6.54 -28.28 -4.43
C ILE H 131 7.02 -29.34 -3.44
N GLY H 132 7.43 -28.89 -2.27
CA GLY H 132 7.82 -29.84 -1.26
C GLY H 132 8.72 -29.24 -0.19
N GLU H 133 8.62 -29.81 1.01
CA GLU H 133 9.34 -29.34 2.19
C GLU H 133 10.57 -30.23 2.46
N THR H 134 11.52 -29.67 3.20
CA THR H 134 12.68 -30.42 3.68
C THR H 134 12.35 -31.12 5.00
N LEU H 135 13.24 -32.05 5.40
CA LEU H 135 13.03 -32.78 6.65
C LEU H 135 13.03 -31.83 7.84
N SER H 136 13.96 -30.89 7.87
CA SER H 136 13.97 -29.92 8.96
C SER H 136 12.72 -29.04 8.93
N GLU H 137 12.18 -28.74 7.75
CA GLU H 137 10.92 -28.02 7.69
C GLU H 137 9.77 -28.89 8.21
N ARG H 138 9.72 -30.17 7.83
CA ARG H 138 8.67 -31.04 8.34
C ARG H 138 8.74 -31.15 9.85
N GLU H 139 9.96 -31.28 10.39
CA GLU H 139 10.14 -31.48 11.82
C GLU H 139 9.83 -30.23 12.63
N SER H 140 9.98 -29.05 12.05
CA SER H 140 9.55 -27.81 12.69
C SER H 140 8.07 -27.52 12.48
N ASN H 141 7.29 -28.52 12.05
CA ASN H 141 5.85 -28.36 11.87
C ASN H 141 5.50 -27.36 10.76
N LYS H 142 6.34 -27.29 9.71
CA LYS H 142 6.16 -26.31 8.65
C LYS H 142 5.87 -26.94 7.28
N THR H 143 5.40 -28.19 7.24
CA THR H 143 5.12 -28.80 5.93
C THR H 143 4.04 -28.02 5.19
N GLU H 144 2.91 -27.76 5.87
CA GLU H 144 1.82 -27.05 5.20
C GLU H 144 2.26 -25.65 4.83
N GLU H 145 2.99 -25.00 5.72
CA GLU H 145 3.44 -23.64 5.49
C GLU H 145 4.29 -23.54 4.22
N VAL H 146 5.23 -24.47 4.04
CA VAL H 146 6.13 -24.41 2.89
C VAL H 146 5.36 -24.70 1.59
N CYS H 147 4.62 -25.81 1.56
CA CYS H 147 3.89 -26.14 0.34
C CYS H 147 2.90 -25.05 -0.05
N VAL H 148 2.22 -24.45 0.92
CA VAL H 148 1.29 -23.38 0.57
C VAL H 148 2.05 -22.17 0.05
N ARG H 149 3.16 -21.79 0.70
CA ARG H 149 3.96 -20.68 0.20
C ARG H 149 4.41 -20.92 -1.25
N GLN H 150 4.96 -22.10 -1.54
CA GLN H 150 5.36 -22.41 -2.91
C GLN H 150 4.16 -22.43 -3.85
N LEU H 151 3.10 -23.14 -3.46
CA LEU H 151 1.91 -23.24 -4.32
C LEU H 151 1.27 -21.88 -4.53
N LYS H 152 1.12 -21.08 -3.46
CA LYS H 152 0.46 -19.78 -3.59
C LYS H 152 1.19 -18.86 -4.56
N ALA H 153 2.53 -18.87 -4.56
CA ALA H 153 3.26 -17.99 -5.47
C ALA H 153 2.94 -18.33 -6.92
N ILE H 154 2.79 -19.61 -7.23
CA ILE H 154 2.37 -20.06 -8.56
C ILE H 154 0.92 -19.67 -8.84
N ALA H 155 0.03 -19.93 -7.86
CA ALA H 155 -1.40 -19.66 -8.07
C ALA H 155 -1.65 -18.18 -8.37
N ASN H 156 -0.88 -17.28 -7.74
CA ASN H 156 -1.01 -15.84 -8.00
C ASN H 156 -0.87 -15.47 -9.49
N LYS H 157 -0.18 -16.30 -10.29
CA LYS H 157 0.03 -16.02 -11.71
C LYS H 157 -0.95 -16.73 -12.63
N ILE H 158 -1.78 -17.62 -12.11
CA ILE H 158 -2.74 -18.37 -12.89
C ILE H 158 -4.12 -17.80 -12.56
N LYS H 159 -4.88 -17.46 -13.59
CA LYS H 159 -6.10 -16.70 -13.38
C LYS H 159 -7.38 -17.46 -13.72
N SER H 160 -7.30 -18.68 -14.24
CA SER H 160 -8.51 -19.33 -14.72
C SER H 160 -8.40 -20.83 -14.61
N ALA H 161 -9.57 -21.47 -14.67
CA ALA H 161 -9.61 -22.93 -14.62
C ALA H 161 -9.02 -23.54 -15.90
N ASP H 162 -9.16 -22.85 -17.05
CA ASP H 162 -8.49 -23.26 -18.29
C ASP H 162 -6.98 -23.35 -18.10
N GLU H 163 -6.40 -22.37 -17.39
CA GLU H 163 -4.95 -22.39 -17.19
C GLU H 163 -4.54 -23.54 -16.30
N TRP H 164 -5.25 -23.72 -15.19
CA TRP H 164 -4.97 -24.82 -14.25
C TRP H 164 -5.17 -26.19 -14.89
N LYS H 165 -5.95 -26.28 -15.96
CA LYS H 165 -6.16 -27.57 -16.61
C LYS H 165 -4.83 -28.17 -17.08
N ARG H 166 -3.91 -27.33 -17.53
CA ARG H 166 -2.66 -27.83 -18.08
C ARG H 166 -1.56 -27.94 -17.01
N VAL H 167 -1.93 -27.98 -15.73
CA VAL H 167 -0.97 -28.08 -14.64
C VAL H 167 -1.16 -29.40 -13.92
N VAL H 168 -0.05 -30.05 -13.60
CA VAL H 168 -0.01 -31.20 -12.71
C VAL H 168 0.91 -30.83 -11.56
N VAL H 169 0.43 -31.02 -10.33
CA VAL H 169 1.20 -30.66 -9.14
C VAL H 169 1.96 -31.89 -8.66
N ALA H 170 3.27 -31.76 -8.50
CA ALA H 170 4.11 -32.82 -7.97
C ALA H 170 4.49 -32.46 -6.53
N TYR H 171 3.99 -33.22 -5.57
CA TYR H 171 4.43 -33.08 -4.19
C TYR H 171 5.59 -34.05 -3.96
N GLU H 172 6.77 -33.51 -3.65
CA GLU H 172 7.95 -34.32 -3.39
C GLU H 172 8.65 -33.82 -2.14
N PRO H 173 8.50 -34.51 -1.02
CA PRO H 173 9.30 -34.16 0.15
C PRO H 173 10.79 -34.25 -0.21
N VAL H 174 11.55 -33.22 0.13
CA VAL H 174 12.96 -33.19 -0.25
C VAL H 174 13.69 -34.35 0.39
N TRP H 175 13.35 -34.63 1.65
CA TRP H 175 13.93 -35.76 2.37
C TRP H 175 13.66 -37.10 1.71
N ALA H 176 12.76 -37.15 0.73
CA ALA H 176 12.37 -38.40 0.10
C ALA H 176 12.99 -38.57 -1.29
N ILE H 177 13.62 -37.53 -1.83
CA ILE H 177 14.14 -37.54 -3.19
C ILE H 177 15.52 -38.22 -3.17
N GLY H 178 15.62 -39.41 -3.75
CA GLY H 178 16.89 -40.12 -3.86
C GLY H 178 17.41 -40.79 -2.59
N THR H 179 16.70 -40.69 -1.47
CA THR H 179 17.18 -41.18 -0.18
C THR H 179 16.73 -42.59 0.14
N GLY H 180 15.85 -43.19 -0.66
CA GLY H 180 15.15 -44.39 -0.24
C GLY H 180 14.06 -44.17 0.78
N LYS H 181 14.01 -43.00 1.42
CA LYS H 181 13.02 -42.71 2.47
C LYS H 181 11.73 -42.19 1.85
N VAL H 182 10.97 -43.12 1.27
CA VAL H 182 9.72 -42.73 0.64
C VAL H 182 8.71 -42.31 1.71
N ALA H 183 7.83 -41.40 1.35
CA ALA H 183 6.69 -41.12 2.21
C ALA H 183 5.87 -42.39 2.42
N THR H 184 5.34 -42.58 3.62
CA THR H 184 4.33 -43.60 3.84
C THR H 184 3.06 -43.20 3.06
N PRO H 185 2.23 -44.18 2.70
CA PRO H 185 0.95 -43.82 2.04
C PRO H 185 0.12 -42.85 2.86
N GLN H 186 0.11 -43.01 4.19
CA GLN H 186 -0.59 -42.05 5.06
C GLN H 186 0.00 -40.66 4.93
N GLN H 187 1.33 -40.56 4.97
CA GLN H 187 2.00 -39.28 4.85
C GLN H 187 1.64 -38.60 3.52
N ALA H 188 1.72 -39.35 2.42
CA ALA H 188 1.39 -38.79 1.10
C ALA H 188 -0.08 -38.36 1.06
N GLN H 189 -0.97 -39.24 1.50
CA GLN H 189 -2.40 -38.95 1.51
C GLN H 189 -2.72 -37.70 2.32
N GLU H 190 -2.08 -37.56 3.48
CA GLU H 190 -2.24 -36.37 4.33
C GLU H 190 -1.88 -35.08 3.58
N VAL H 191 -0.81 -35.09 2.80
CA VAL H 191 -0.40 -33.87 2.08
C VAL H 191 -1.33 -33.64 0.89
N HIS H 192 -1.61 -34.69 0.13
CA HIS H 192 -2.43 -34.53 -1.06
C HIS H 192 -3.86 -34.11 -0.71
N ASN H 193 -4.40 -34.64 0.38
CA ASN H 193 -5.73 -34.22 0.79
C ASN H 193 -5.74 -32.76 1.22
N PHE H 194 -4.71 -32.34 1.97
CA PHE H 194 -4.58 -30.94 2.34
C PHE H 194 -4.38 -30.05 1.13
N LEU H 195 -3.52 -30.47 0.19
CA LEU H 195 -3.32 -29.69 -1.03
C LEU H 195 -4.60 -29.59 -1.83
N ARG H 196 -5.36 -30.68 -1.94
CA ARG H 196 -6.60 -30.61 -2.71
C ARG H 196 -7.63 -29.70 -2.02
N LYS H 197 -7.75 -29.80 -0.70
CA LYS H 197 -8.64 -28.90 0.03
C LYS H 197 -8.19 -27.45 -0.13
N TRP H 198 -6.88 -27.20 -0.20
CA TRP H 198 -6.42 -25.86 -0.50
C TRP H 198 -6.93 -25.40 -1.87
N PHE H 199 -6.97 -26.30 -2.84
CA PHE H 199 -7.47 -25.90 -4.16
C PHE H 199 -8.96 -25.57 -4.11
N LYS H 200 -9.73 -26.36 -3.35
CA LYS H 200 -11.17 -26.11 -3.21
C LYS H 200 -11.44 -24.69 -2.75
N THR H 201 -10.70 -24.21 -1.75
CA THR H 201 -10.94 -22.89 -1.19
C THR H 201 -10.43 -21.76 -2.08
N ASN H 202 -9.24 -21.90 -2.68
CA ASN H 202 -8.52 -20.76 -3.23
C ASN H 202 -8.36 -20.76 -4.75
N ALA H 203 -8.59 -21.87 -5.41
CA ALA H 203 -8.45 -21.91 -6.86
C ALA H 203 -9.81 -21.70 -7.52
N PRO H 204 -9.84 -21.51 -8.85
CA PRO H 204 -11.14 -21.39 -9.54
C PRO H 204 -12.00 -22.62 -9.31
N ASN H 205 -13.30 -22.46 -9.55
CA ASN H 205 -14.25 -23.51 -9.20
C ASN H 205 -14.06 -24.74 -10.07
N GLY H 206 -14.05 -25.92 -9.45
CA GLY H 206 -13.87 -27.17 -10.17
C GLY H 206 -12.43 -27.66 -10.28
N VAL H 207 -11.43 -26.76 -10.15
CA VAL H 207 -10.04 -27.19 -10.31
C VAL H 207 -9.68 -28.29 -9.31
N ASP H 208 -10.18 -28.18 -8.07
CA ASP H 208 -9.82 -29.13 -7.02
C ASP H 208 -10.09 -30.57 -7.45
N GLU H 209 -11.24 -30.80 -8.09
CA GLU H 209 -11.60 -32.15 -8.50
C GLU H 209 -10.89 -32.57 -9.77
N LYS H 210 -10.40 -31.61 -10.57
CA LYS H 210 -9.81 -31.89 -11.86
C LYS H 210 -8.29 -31.99 -11.84
N ILE H 211 -7.61 -31.25 -10.97
CA ILE H 211 -6.15 -31.19 -11.03
C ILE H 211 -5.55 -32.49 -10.52
N ARG H 212 -4.61 -33.06 -11.28
CA ARG H 212 -3.85 -34.20 -10.78
C ARG H 212 -2.77 -33.72 -9.78
N ILE H 213 -2.69 -34.42 -8.66
CA ILE H 213 -1.66 -34.18 -7.64
C ILE H 213 -0.90 -35.48 -7.51
N ILE H 214 0.36 -35.51 -7.93
CA ILE H 214 1.16 -36.73 -7.97
C ILE H 214 2.25 -36.65 -6.90
N TYR H 215 2.71 -37.82 -6.47
CA TYR H 215 3.74 -37.91 -5.45
C TYR H 215 5.08 -38.29 -6.06
N GLY H 216 6.16 -37.75 -5.50
CA GLY H 216 7.49 -38.15 -5.89
C GLY H 216 8.39 -38.24 -4.67
N GLY H 217 9.46 -39.03 -4.80
CA GLY H 217 10.37 -39.24 -3.69
C GLY H 217 10.56 -40.72 -3.41
N SER H 218 11.51 -41.34 -4.11
CA SER H 218 11.87 -42.76 -3.97
C SER H 218 10.71 -43.70 -4.29
N VAL H 219 9.86 -43.34 -5.25
CA VAL H 219 8.86 -44.28 -5.76
C VAL H 219 9.55 -45.41 -6.52
N THR H 220 9.19 -46.65 -6.19
CA THR H 220 9.72 -47.84 -6.86
C THR H 220 8.57 -48.82 -7.09
N ALA H 221 8.82 -49.83 -7.92
CA ALA H 221 7.82 -50.87 -8.12
C ALA H 221 7.44 -51.55 -6.81
N ALA H 222 8.34 -51.54 -5.83
CA ALA H 222 8.05 -52.18 -4.54
C ALA H 222 7.07 -51.38 -3.69
N ASN H 223 6.93 -50.08 -3.94
CA ASN H 223 6.03 -49.30 -3.11
C ASN H 223 4.97 -48.52 -3.86
N CYS H 224 4.91 -48.57 -5.19
CA CYS H 224 3.97 -47.68 -5.87
C CYS H 224 2.51 -48.09 -5.60
N LYS H 225 2.23 -49.39 -5.48
CA LYS H 225 0.83 -49.83 -5.49
C LYS H 225 0.07 -49.33 -4.25
N GLU H 226 0.65 -49.46 -3.06
CA GLU H 226 -0.02 -48.92 -1.88
C GLU H 226 -0.15 -47.40 -1.94
N LEU H 227 0.84 -46.72 -2.52
CA LEU H 227 0.73 -45.27 -2.68
C LEU H 227 -0.39 -44.91 -3.65
N ALA H 228 -0.54 -45.69 -4.73
CA ALA H 228 -1.48 -45.36 -5.79
C ALA H 228 -2.92 -45.56 -5.36
N GLN H 229 -3.16 -46.36 -4.30
CA GLN H 229 -4.49 -46.59 -3.76
C GLN H 229 -4.96 -45.47 -2.84
N GLN H 230 -4.11 -44.51 -2.51
CA GLN H 230 -4.54 -43.43 -1.64
C GLN H 230 -5.51 -42.52 -2.39
N HIS H 231 -6.51 -42.03 -1.65
CA HIS H 231 -7.67 -41.41 -2.28
C HIS H 231 -7.31 -40.17 -3.10
N ASP H 232 -6.32 -39.39 -2.66
CA ASP H 232 -5.96 -38.15 -3.31
C ASP H 232 -4.60 -38.21 -4.03
N VAL H 233 -4.01 -39.40 -4.14
CA VAL H 233 -2.76 -39.56 -4.89
C VAL H 233 -3.11 -39.92 -6.33
N ASP H 234 -2.73 -39.05 -7.26
CA ASP H 234 -3.13 -39.15 -8.66
C ASP H 234 -2.05 -39.76 -9.55
N GLY H 235 -0.93 -40.15 -8.99
CA GLY H 235 0.18 -40.66 -9.77
C GLY H 235 1.51 -40.31 -9.15
N PHE H 236 2.56 -40.27 -9.99
CA PHE H 236 3.94 -40.27 -9.52
C PHE H 236 4.85 -39.45 -10.42
N LEU H 237 5.85 -38.84 -9.80
CA LEU H 237 7.06 -38.38 -10.48
C LEU H 237 8.19 -39.27 -9.99
N VAL H 238 8.75 -40.07 -10.90
CA VAL H 238 9.73 -41.11 -10.60
C VAL H 238 11.09 -40.64 -11.10
N GLY H 239 12.07 -40.69 -10.21
CA GLY H 239 13.43 -40.28 -10.52
C GLY H 239 14.29 -41.49 -10.83
N GLY H 240 14.92 -42.08 -9.80
CA GLY H 240 15.86 -43.17 -10.04
C GLY H 240 15.25 -44.32 -10.83
N ALA H 241 14.01 -44.72 -10.48
CA ALA H 241 13.43 -45.89 -11.10
C ALA H 241 12.97 -45.65 -12.53
N SER H 242 12.93 -44.38 -12.97
CA SER H 242 12.58 -44.12 -14.36
C SER H 242 13.70 -44.46 -15.35
N LEU H 243 14.91 -44.71 -14.87
CA LEU H 243 16.00 -45.19 -15.71
C LEU H 243 16.05 -46.72 -15.81
N LYS H 244 15.20 -47.43 -15.04
CA LYS H 244 15.18 -48.87 -14.91
C LYS H 244 13.94 -49.47 -15.57
N PRO H 245 13.99 -50.75 -15.95
CA PRO H 245 12.79 -51.39 -16.53
C PRO H 245 11.57 -51.35 -15.62
N GLU H 246 11.73 -51.34 -14.30
CA GLU H 246 10.55 -51.34 -13.45
C GLU H 246 9.67 -50.08 -13.63
N PHE H 247 10.14 -49.08 -14.39
CA PHE H 247 9.31 -47.89 -14.61
C PHE H 247 8.00 -48.25 -15.29
N THR H 248 8.02 -49.23 -16.21
CA THR H 248 6.75 -49.66 -16.81
C THR H 248 5.84 -50.34 -15.77
N GLU H 249 6.43 -50.96 -14.74
CA GLU H 249 5.59 -51.51 -13.68
C GLU H 249 4.96 -50.39 -12.86
N ILE H 250 5.74 -49.37 -12.51
CA ILE H 250 5.20 -48.22 -11.80
C ILE H 250 4.05 -47.59 -12.57
N CYS H 251 4.12 -47.62 -13.91
CA CYS H 251 3.04 -47.05 -14.70
C CYS H 251 1.74 -47.83 -14.55
N LYS H 252 1.83 -49.08 -14.13
CA LYS H 252 0.67 -49.92 -13.89
C LYS H 252 0.26 -49.93 -12.41
N ALA H 253 0.70 -48.93 -11.63
CA ALA H 253 0.53 -49.00 -10.18
C ALA H 253 -0.94 -49.10 -9.75
N ARG H 254 -1.87 -48.59 -10.57
CA ARG H 254 -3.29 -48.71 -10.24
C ARG H 254 -3.81 -50.13 -10.45
N GLN H 255 -3.11 -50.96 -11.25
CA GLN H 255 -3.49 -52.35 -11.43
C GLN H 255 -3.07 -53.18 -10.20
N ARG H 256 -3.81 -54.25 -9.95
CA ARG H 256 -3.55 -55.11 -8.78
C ARG H 256 -2.36 -56.03 -9.03
#